data_2FSU
# 
_entry.id   2FSU 
# 
_audit_conform.dict_name       mmcif_pdbx.dic 
_audit_conform.dict_version    5.398 
_audit_conform.dict_location   http://mmcif.pdb.org/dictionaries/ascii/mmcif_pdbx.dic 
# 
loop_
_database_2.database_id 
_database_2.database_code 
_database_2.pdbx_database_accession 
_database_2.pdbx_DOI 
PDB   2FSU         pdb_00002fsu 10.2210/pdb2fsu/pdb 
RCSB  RCSB036269   ?            ?                   
WWPDB D_1000036269 ?            ?                   
# 
loop_
_pdbx_audit_revision_history.ordinal 
_pdbx_audit_revision_history.data_content_type 
_pdbx_audit_revision_history.major_revision 
_pdbx_audit_revision_history.minor_revision 
_pdbx_audit_revision_history.revision_date 
1 'Structure model' 1 0 2007-03-27 
2 'Structure model' 1 1 2008-05-01 
3 'Structure model' 1 2 2011-07-13 
4 'Structure model' 1 3 2019-07-24 
5 'Structure model' 1 4 2024-10-30 
# 
_pdbx_audit_revision_details.ordinal             1 
_pdbx_audit_revision_details.revision_ordinal    1 
_pdbx_audit_revision_details.data_content_type   'Structure model' 
_pdbx_audit_revision_details.provider            repository 
_pdbx_audit_revision_details.type                'Initial release' 
_pdbx_audit_revision_details.description         ? 
_pdbx_audit_revision_details.details             ? 
# 
loop_
_pdbx_audit_revision_group.ordinal 
_pdbx_audit_revision_group.revision_ordinal 
_pdbx_audit_revision_group.data_content_type 
_pdbx_audit_revision_group.group 
1  2 'Structure model' 'Version format compliance' 
2  3 'Structure model' 'Derived calculations'      
3  3 'Structure model' 'Version format compliance' 
4  4 'Structure model' 'Data collection'           
5  4 'Structure model' 'Derived calculations'      
6  4 'Structure model' 'Refinement description'    
7  5 'Structure model' 'Data collection'           
8  5 'Structure model' 'Database references'       
9  5 'Structure model' 'Derived calculations'      
10 5 'Structure model' 'Structure summary'         
# 
loop_
_pdbx_audit_revision_category.ordinal 
_pdbx_audit_revision_category.revision_ordinal 
_pdbx_audit_revision_category.data_content_type 
_pdbx_audit_revision_category.category 
1  4 'Structure model' pdbx_struct_special_symmetry 
2  4 'Structure model' software                     
3  4 'Structure model' struct_conn                  
4  5 'Structure model' chem_comp_atom               
5  5 'Structure model' chem_comp_bond               
6  5 'Structure model' database_2                   
7  5 'Structure model' pdbx_entry_details           
8  5 'Structure model' pdbx_modification_feature    
9  5 'Structure model' struct_conn                  
10 5 'Structure model' struct_conn_type             
11 5 'Structure model' struct_ref_seq_dif           
12 5 'Structure model' struct_site                  
# 
loop_
_pdbx_audit_revision_item.ordinal 
_pdbx_audit_revision_item.revision_ordinal 
_pdbx_audit_revision_item.data_content_type 
_pdbx_audit_revision_item.item 
1  4 'Structure model' '_software.classification'             
2  4 'Structure model' '_software.name'                       
3  4 'Structure model' '_software.version'                    
4  4 'Structure model' '_struct_conn.pdbx_leaving_atom_flag'  
5  5 'Structure model' '_database_2.pdbx_DOI'                 
6  5 'Structure model' '_database_2.pdbx_database_accession'  
7  5 'Structure model' '_struct_conn.conn_type_id'            
8  5 'Structure model' '_struct_conn.id'                      
9  5 'Structure model' '_struct_conn.pdbx_dist_value'         
10 5 'Structure model' '_struct_conn.pdbx_leaving_atom_flag'  
11 5 'Structure model' '_struct_conn.pdbx_ptnr1_label_alt_id' 
12 5 'Structure model' '_struct_conn.pdbx_ptnr2_label_alt_id' 
13 5 'Structure model' '_struct_conn.ptnr1_auth_comp_id'      
14 5 'Structure model' '_struct_conn.ptnr1_auth_seq_id'       
15 5 'Structure model' '_struct_conn.ptnr1_label_asym_id'     
16 5 'Structure model' '_struct_conn.ptnr1_label_atom_id'     
17 5 'Structure model' '_struct_conn.ptnr1_label_comp_id'     
18 5 'Structure model' '_struct_conn.ptnr1_label_seq_id'      
19 5 'Structure model' '_struct_conn.ptnr2_auth_comp_id'      
20 5 'Structure model' '_struct_conn.ptnr2_auth_seq_id'       
21 5 'Structure model' '_struct_conn.ptnr2_label_asym_id'     
22 5 'Structure model' '_struct_conn.ptnr2_label_atom_id'     
23 5 'Structure model' '_struct_conn.ptnr2_label_comp_id'     
24 5 'Structure model' '_struct_conn.ptnr2_label_seq_id'      
25 5 'Structure model' '_struct_conn.ptnr2_symmetry'          
26 5 'Structure model' '_struct_conn_type.id'                 
27 5 'Structure model' '_struct_ref_seq_dif.details'          
28 5 'Structure model' '_struct_site.pdbx_auth_asym_id'       
29 5 'Structure model' '_struct_site.pdbx_auth_comp_id'       
30 5 'Structure model' '_struct_site.pdbx_auth_seq_id'        
# 
_pdbx_database_status.status_code                     REL 
_pdbx_database_status.entry_id                        2FSU 
_pdbx_database_status.recvd_initial_deposition_date   2006-01-23 
_pdbx_database_status.deposit_site                    RCSB 
_pdbx_database_status.process_site                    RCSB 
_pdbx_database_status.status_code_sf                  REL 
_pdbx_database_status.status_code_mr                  ? 
_pdbx_database_status.SG_entry                        Y 
_pdbx_database_status.pdb_format_compatible           Y 
_pdbx_database_status.status_code_cs                  ? 
_pdbx_database_status.methods_development_category    ? 
_pdbx_database_status.status_code_nmr_data            ? 
# 
_pdbx_database_related.db_name        TargetDB 
_pdbx_database_related.db_id          PHNH_ECOLI 
_pdbx_database_related.details        . 
_pdbx_database_related.content_type   unspecified 
# 
loop_
_audit_author.name 
_audit_author.pdbx_ordinal 
'Adams, M.A.'                                                       1 
'Luo, Y.'                                                           2 
'Zechel, D.L.'                                                      3 
'Jia, Z.'                                                           4 
'Montreal-Kingston Bacterial Structural Genomics Initiative (BSGI)' 5 
# 
_citation.id                        primary 
_citation.title                     
'Crystal structure of PhnH: an essential component of carbon-phosphorus lyase in Escherichia coli.' 
_citation.journal_abbrev            J.Bacteriol. 
_citation.journal_volume            190 
_citation.page_first                1072 
_citation.page_last                 1083 
_citation.year                      2008 
_citation.journal_id_ASTM           JOBAAY 
_citation.country                   US 
_citation.journal_id_ISSN           0021-9193 
_citation.journal_id_CSD            0767 
_citation.book_publisher            ? 
_citation.pdbx_database_id_PubMed   17993513 
_citation.pdbx_database_id_DOI      10.1128/JB.01274-07 
# 
loop_
_citation_author.citation_id 
_citation_author.name 
_citation_author.ordinal 
_citation_author.identifier_ORCID 
primary 'Adams, M.A.'           1 ? 
primary 'Luo, Y.'               2 ? 
primary 'Hove-Jensen, B.'       3 ? 
primary 'He, S.M.'              4 ? 
primary 'van Staalduinen, L.M.' 5 ? 
primary 'Zechel, D.L.'          6 ? 
primary 'Jia, Z.'               7 ? 
# 
loop_
_entity.id 
_entity.type 
_entity.src_method 
_entity.pdbx_description 
_entity.formula_weight 
_entity.pdbx_number_of_molecules 
_entity.pdbx_ec 
_entity.pdbx_mutation 
_entity.pdbx_fragment 
_entity.details 
1 polymer     nat 'Protein phnH' 23111.387 1   ? ? PhnH ? 
2 non-polymer syn 'SODIUM ION'   22.990    4   ? ? ?    ? 
3 non-polymer syn 'ACETATE ION'  59.044    1   ? ? ?    ? 
4 water       nat water          18.015    184 ? ? ?    ? 
# 
_entity_poly.entity_id                      1 
_entity_poly.type                           'polypeptide(L)' 
_entity_poly.nstd_linkage                   no 
_entity_poly.nstd_monomer                   yes 
_entity_poly.pdbx_seq_one_letter_code       
;(MSE)RGSHHHHHHGSGS(MSE)G(MSE)TLETAF(MSE)LPVQDAQHSFRRLLKA(MSE)SEPGVIVALHQLKRGWQPL
NIATTSVLLTLADNDTPVWLSTPLNNDIVNQSLRFHTNAPLVSQPEQATFAVTDEAISSEQLNALSTGTAVAPEAGATLI
LQVASLSGGR(MSE)LRLTGAGIAEER(MSE)IAPQLPECILHELTERPHPFPLGIDLILTCGERLLAIPRTTHVEVC
;
_entity_poly.pdbx_seq_one_letter_code_can   
;MRGSHHHHHHGSGSMGMTLETAFMLPVQDAQHSFRRLLKAMSEPGVIVALHQLKRGWQPLNIATTSVLLTLADNDTPVWL
STPLNNDIVNQSLRFHTNAPLVSQPEQATFAVTDEAISSEQLNALSTGTAVAPEAGATLILQVASLSGGRMLRLTGAGIA
EERMIAPQLPECILHELTERPHPFPLGIDLILTCGERLLAIPRTTHVEVC
;
_entity_poly.pdbx_strand_id                 A 
_entity_poly.pdbx_target_identifier         PHNH_ECOLI 
# 
loop_
_pdbx_entity_nonpoly.entity_id 
_pdbx_entity_nonpoly.name 
_pdbx_entity_nonpoly.comp_id 
2 'SODIUM ION'  NA  
3 'ACETATE ION' ACT 
4 water         HOH 
# 
loop_
_entity_poly_seq.entity_id 
_entity_poly_seq.num 
_entity_poly_seq.mon_id 
_entity_poly_seq.hetero 
1 1   MSE n 
1 2   ARG n 
1 3   GLY n 
1 4   SER n 
1 5   HIS n 
1 6   HIS n 
1 7   HIS n 
1 8   HIS n 
1 9   HIS n 
1 10  HIS n 
1 11  GLY n 
1 12  SER n 
1 13  GLY n 
1 14  SER n 
1 15  MSE n 
1 16  GLY n 
1 17  MSE n 
1 18  THR n 
1 19  LEU n 
1 20  GLU n 
1 21  THR n 
1 22  ALA n 
1 23  PHE n 
1 24  MSE n 
1 25  LEU n 
1 26  PRO n 
1 27  VAL n 
1 28  GLN n 
1 29  ASP n 
1 30  ALA n 
1 31  GLN n 
1 32  HIS n 
1 33  SER n 
1 34  PHE n 
1 35  ARG n 
1 36  ARG n 
1 37  LEU n 
1 38  LEU n 
1 39  LYS n 
1 40  ALA n 
1 41  MSE n 
1 42  SER n 
1 43  GLU n 
1 44  PRO n 
1 45  GLY n 
1 46  VAL n 
1 47  ILE n 
1 48  VAL n 
1 49  ALA n 
1 50  LEU n 
1 51  HIS n 
1 52  GLN n 
1 53  LEU n 
1 54  LYS n 
1 55  ARG n 
1 56  GLY n 
1 57  TRP n 
1 58  GLN n 
1 59  PRO n 
1 60  LEU n 
1 61  ASN n 
1 62  ILE n 
1 63  ALA n 
1 64  THR n 
1 65  THR n 
1 66  SER n 
1 67  VAL n 
1 68  LEU n 
1 69  LEU n 
1 70  THR n 
1 71  LEU n 
1 72  ALA n 
1 73  ASP n 
1 74  ASN n 
1 75  ASP n 
1 76  THR n 
1 77  PRO n 
1 78  VAL n 
1 79  TRP n 
1 80  LEU n 
1 81  SER n 
1 82  THR n 
1 83  PRO n 
1 84  LEU n 
1 85  ASN n 
1 86  ASN n 
1 87  ASP n 
1 88  ILE n 
1 89  VAL n 
1 90  ASN n 
1 91  GLN n 
1 92  SER n 
1 93  LEU n 
1 94  ARG n 
1 95  PHE n 
1 96  HIS n 
1 97  THR n 
1 98  ASN n 
1 99  ALA n 
1 100 PRO n 
1 101 LEU n 
1 102 VAL n 
1 103 SER n 
1 104 GLN n 
1 105 PRO n 
1 106 GLU n 
1 107 GLN n 
1 108 ALA n 
1 109 THR n 
1 110 PHE n 
1 111 ALA n 
1 112 VAL n 
1 113 THR n 
1 114 ASP n 
1 115 GLU n 
1 116 ALA n 
1 117 ILE n 
1 118 SER n 
1 119 SER n 
1 120 GLU n 
1 121 GLN n 
1 122 LEU n 
1 123 ASN n 
1 124 ALA n 
1 125 LEU n 
1 126 SER n 
1 127 THR n 
1 128 GLY n 
1 129 THR n 
1 130 ALA n 
1 131 VAL n 
1 132 ALA n 
1 133 PRO n 
1 134 GLU n 
1 135 ALA n 
1 136 GLY n 
1 137 ALA n 
1 138 THR n 
1 139 LEU n 
1 140 ILE n 
1 141 LEU n 
1 142 GLN n 
1 143 VAL n 
1 144 ALA n 
1 145 SER n 
1 146 LEU n 
1 147 SER n 
1 148 GLY n 
1 149 GLY n 
1 150 ARG n 
1 151 MSE n 
1 152 LEU n 
1 153 ARG n 
1 154 LEU n 
1 155 THR n 
1 156 GLY n 
1 157 ALA n 
1 158 GLY n 
1 159 ILE n 
1 160 ALA n 
1 161 GLU n 
1 162 GLU n 
1 163 ARG n 
1 164 MSE n 
1 165 ILE n 
1 166 ALA n 
1 167 PRO n 
1 168 GLN n 
1 169 LEU n 
1 170 PRO n 
1 171 GLU n 
1 172 CYS n 
1 173 ILE n 
1 174 LEU n 
1 175 HIS n 
1 176 GLU n 
1 177 LEU n 
1 178 THR n 
1 179 GLU n 
1 180 ARG n 
1 181 PRO n 
1 182 HIS n 
1 183 PRO n 
1 184 PHE n 
1 185 PRO n 
1 186 LEU n 
1 187 GLY n 
1 188 ILE n 
1 189 ASP n 
1 190 LEU n 
1 191 ILE n 
1 192 LEU n 
1 193 THR n 
1 194 CYS n 
1 195 GLY n 
1 196 GLU n 
1 197 ARG n 
1 198 LEU n 
1 199 LEU n 
1 200 ALA n 
1 201 ILE n 
1 202 PRO n 
1 203 ARG n 
1 204 THR n 
1 205 THR n 
1 206 HIS n 
1 207 VAL n 
1 208 GLU n 
1 209 VAL n 
1 210 CYS n 
# 
_entity_src_nat.entity_id                  1 
_entity_src_nat.pdbx_src_id                1 
_entity_src_nat.pdbx_alt_source_flag       sample 
_entity_src_nat.pdbx_beg_seq_num           ? 
_entity_src_nat.pdbx_end_seq_num           ? 
_entity_src_nat.common_name                ? 
_entity_src_nat.pdbx_organism_scientific   'Escherichia coli' 
_entity_src_nat.pdbx_ncbi_taxonomy_id      562 
_entity_src_nat.genus                      Escherichia 
_entity_src_nat.species                    ? 
_entity_src_nat.strain                     ? 
_entity_src_nat.tissue                     ? 
_entity_src_nat.tissue_fraction            ? 
_entity_src_nat.pdbx_secretion             ? 
_entity_src_nat.pdbx_fragment              ? 
_entity_src_nat.pdbx_variant               ? 
_entity_src_nat.pdbx_cell_line             ? 
_entity_src_nat.pdbx_atcc                  ? 
_entity_src_nat.pdbx_cellular_location     ? 
_entity_src_nat.pdbx_organ                 ? 
_entity_src_nat.pdbx_organelle             ? 
_entity_src_nat.pdbx_cell                  ? 
_entity_src_nat.pdbx_plasmid_name          ? 
_entity_src_nat.pdbx_plasmid_details       ? 
_entity_src_nat.details                    ? 
# 
loop_
_chem_comp.id 
_chem_comp.type 
_chem_comp.mon_nstd_flag 
_chem_comp.name 
_chem_comp.pdbx_synonyms 
_chem_comp.formula 
_chem_comp.formula_weight 
ACT non-polymer         . 'ACETATE ION'    ? 'C2 H3 O2 -1'    59.044  
ALA 'L-peptide linking' y ALANINE          ? 'C3 H7 N O2'     89.093  
ARG 'L-peptide linking' y ARGININE         ? 'C6 H15 N4 O2 1' 175.209 
ASN 'L-peptide linking' y ASPARAGINE       ? 'C4 H8 N2 O3'    132.118 
ASP 'L-peptide linking' y 'ASPARTIC ACID'  ? 'C4 H7 N O4'     133.103 
CYS 'L-peptide linking' y CYSTEINE         ? 'C3 H7 N O2 S'   121.158 
GLN 'L-peptide linking' y GLUTAMINE        ? 'C5 H10 N2 O3'   146.144 
GLU 'L-peptide linking' y 'GLUTAMIC ACID'  ? 'C5 H9 N O4'     147.129 
GLY 'peptide linking'   y GLYCINE          ? 'C2 H5 N O2'     75.067  
HIS 'L-peptide linking' y HISTIDINE        ? 'C6 H10 N3 O2 1' 156.162 
HOH non-polymer         . WATER            ? 'H2 O'           18.015  
ILE 'L-peptide linking' y ISOLEUCINE       ? 'C6 H13 N O2'    131.173 
LEU 'L-peptide linking' y LEUCINE          ? 'C6 H13 N O2'    131.173 
LYS 'L-peptide linking' y LYSINE           ? 'C6 H15 N2 O2 1' 147.195 
MET 'L-peptide linking' y METHIONINE       ? 'C5 H11 N O2 S'  149.211 
MSE 'L-peptide linking' n SELENOMETHIONINE ? 'C5 H11 N O2 Se' 196.106 
NA  non-polymer         . 'SODIUM ION'     ? 'Na 1'           22.990  
PHE 'L-peptide linking' y PHENYLALANINE    ? 'C9 H11 N O2'    165.189 
PRO 'L-peptide linking' y PROLINE          ? 'C5 H9 N O2'     115.130 
SER 'L-peptide linking' y SERINE           ? 'C3 H7 N O3'     105.093 
THR 'L-peptide linking' y THREONINE        ? 'C4 H9 N O3'     119.119 
TRP 'L-peptide linking' y TRYPTOPHAN       ? 'C11 H12 N2 O2'  204.225 
VAL 'L-peptide linking' y VALINE           ? 'C5 H11 N O2'    117.146 
# 
loop_
_pdbx_poly_seq_scheme.asym_id 
_pdbx_poly_seq_scheme.entity_id 
_pdbx_poly_seq_scheme.seq_id 
_pdbx_poly_seq_scheme.mon_id 
_pdbx_poly_seq_scheme.ndb_seq_num 
_pdbx_poly_seq_scheme.pdb_seq_num 
_pdbx_poly_seq_scheme.auth_seq_num 
_pdbx_poly_seq_scheme.pdb_mon_id 
_pdbx_poly_seq_scheme.auth_mon_id 
_pdbx_poly_seq_scheme.pdb_strand_id 
_pdbx_poly_seq_scheme.pdb_ins_code 
_pdbx_poly_seq_scheme.hetero 
A 1 1   MSE 1   -15 ?   ?   ?   A . n 
A 1 2   ARG 2   -14 ?   ?   ?   A . n 
A 1 3   GLY 3   -13 ?   ?   ?   A . n 
A 1 4   SER 4   -12 ?   ?   ?   A . n 
A 1 5   HIS 5   -11 ?   ?   ?   A . n 
A 1 6   HIS 6   -10 ?   ?   ?   A . n 
A 1 7   HIS 7   -9  ?   ?   ?   A . n 
A 1 8   HIS 8   -8  ?   ?   ?   A . n 
A 1 9   HIS 9   -7  ?   ?   ?   A . n 
A 1 10  HIS 10  -6  ?   ?   ?   A . n 
A 1 11  GLY 11  -5  ?   ?   ?   A . n 
A 1 12  SER 12  -4  ?   ?   ?   A . n 
A 1 13  GLY 13  -3  ?   ?   ?   A . n 
A 1 14  SER 14  -2  ?   ?   ?   A . n 
A 1 15  MSE 15  -1  ?   ?   ?   A . n 
A 1 16  GLY 16  0   ?   ?   ?   A . n 
A 1 17  MSE 17  1   ?   ?   ?   A . n 
A 1 18  THR 18  2   ?   ?   ?   A . n 
A 1 19  LEU 19  3   ?   ?   ?   A . n 
A 1 20  GLU 20  4   ?   ?   ?   A . n 
A 1 21  THR 21  5   ?   ?   ?   A . n 
A 1 22  ALA 22  6   ?   ?   ?   A . n 
A 1 23  PHE 23  7   ?   ?   ?   A . n 
A 1 24  MSE 24  8   ?   ?   ?   A . n 
A 1 25  LEU 25  9   ?   ?   ?   A . n 
A 1 26  PRO 26  10  ?   ?   ?   A . n 
A 1 27  VAL 27  11  ?   ?   ?   A . n 
A 1 28  GLN 28  12  12  GLN GLN A . n 
A 1 29  ASP 29  13  13  ASP ASP A . n 
A 1 30  ALA 30  14  14  ALA ALA A . n 
A 1 31  GLN 31  15  15  GLN GLN A . n 
A 1 32  HIS 32  16  16  HIS HIS A . n 
A 1 33  SER 33  17  17  SER SER A . n 
A 1 34  PHE 34  18  18  PHE PHE A . n 
A 1 35  ARG 35  19  19  ARG ARG A . n 
A 1 36  ARG 36  20  20  ARG ARG A . n 
A 1 37  LEU 37  21  21  LEU LEU A . n 
A 1 38  LEU 38  22  22  LEU LEU A . n 
A 1 39  LYS 39  23  23  LYS LYS A . n 
A 1 40  ALA 40  24  24  ALA ALA A . n 
A 1 41  MSE 41  25  25  MSE MSE A . n 
A 1 42  SER 42  26  26  SER SER A . n 
A 1 43  GLU 43  27  27  GLU GLU A . n 
A 1 44  PRO 44  28  28  PRO PRO A . n 
A 1 45  GLY 45  29  29  GLY GLY A . n 
A 1 46  VAL 46  30  30  VAL VAL A . n 
A 1 47  ILE 47  31  31  ILE ILE A . n 
A 1 48  VAL 48  32  32  VAL VAL A . n 
A 1 49  ALA 49  33  33  ALA ALA A . n 
A 1 50  LEU 50  34  34  LEU LEU A . n 
A 1 51  HIS 51  35  35  HIS HIS A . n 
A 1 52  GLN 52  36  36  GLN GLN A . n 
A 1 53  LEU 53  37  37  LEU LEU A . n 
A 1 54  LYS 54  38  38  LYS GLY A . n 
A 1 55  ARG 55  39  39  ARG ARG A . n 
A 1 56  GLY 56  40  40  GLY GLY A . n 
A 1 57  TRP 57  41  41  TRP TRP A . n 
A 1 58  GLN 58  42  42  GLN GLN A . n 
A 1 59  PRO 59  43  43  PRO PRO A . n 
A 1 60  LEU 60  44  44  LEU LEU A . n 
A 1 61  ASN 61  45  45  ASN ASN A . n 
A 1 62  ILE 62  46  46  ILE ILE A . n 
A 1 63  ALA 63  47  47  ALA ALA A . n 
A 1 64  THR 64  48  48  THR THR A . n 
A 1 65  THR 65  49  49  THR THR A . n 
A 1 66  SER 66  50  50  SER SER A . n 
A 1 67  VAL 67  51  51  VAL VAL A . n 
A 1 68  LEU 68  52  52  LEU LEU A . n 
A 1 69  LEU 69  53  53  LEU LEU A . n 
A 1 70  THR 70  54  54  THR THR A . n 
A 1 71  LEU 71  55  55  LEU LEU A . n 
A 1 72  ALA 72  56  56  ALA ALA A . n 
A 1 73  ASP 73  57  57  ASP ASP A . n 
A 1 74  ASN 74  58  58  ASN ASN A . n 
A 1 75  ASP 75  59  59  ASP ASP A . n 
A 1 76  THR 76  60  60  THR THR A . n 
A 1 77  PRO 77  61  61  PRO PRO A . n 
A 1 78  VAL 78  62  62  VAL VAL A . n 
A 1 79  TRP 79  63  63  TRP TRP A . n 
A 1 80  LEU 80  64  64  LEU LEU A . n 
A 1 81  SER 81  65  65  SER SER A . n 
A 1 82  THR 82  66  66  THR THR A . n 
A 1 83  PRO 83  67  67  PRO PRO A . n 
A 1 84  LEU 84  68  68  LEU LEU A . n 
A 1 85  ASN 85  69  69  ASN ASN A . n 
A 1 86  ASN 86  70  70  ASN ASN A . n 
A 1 87  ASP 87  71  71  ASP ASP A . n 
A 1 88  ILE 88  72  72  ILE ILE A . n 
A 1 89  VAL 89  73  73  VAL VAL A . n 
A 1 90  ASN 90  74  74  ASN ASN A . n 
A 1 91  GLN 91  75  75  GLN GLN A . n 
A 1 92  SER 92  76  76  SER SER A . n 
A 1 93  LEU 93  77  77  LEU LEU A . n 
A 1 94  ARG 94  78  78  ARG ARG A . n 
A 1 95  PHE 95  79  79  PHE PHE A . n 
A 1 96  HIS 96  80  80  HIS HIS A . n 
A 1 97  THR 97  81  81  THR THR A . n 
A 1 98  ASN 98  82  82  ASN ASN A . n 
A 1 99  ALA 99  83  83  ALA ALA A . n 
A 1 100 PRO 100 84  84  PRO PRO A . n 
A 1 101 LEU 101 85  85  LEU LEU A . n 
A 1 102 VAL 102 86  86  VAL VAL A . n 
A 1 103 SER 103 87  87  SER SER A . n 
A 1 104 GLN 104 88  88  GLN GLN A . n 
A 1 105 PRO 105 89  89  PRO PRO A . n 
A 1 106 GLU 106 90  90  GLU GLU A . n 
A 1 107 GLN 107 91  91  GLN GLN A . n 
A 1 108 ALA 108 92  92  ALA ALA A . n 
A 1 109 THR 109 93  93  THR THR A . n 
A 1 110 PHE 110 94  94  PHE PHE A . n 
A 1 111 ALA 111 95  95  ALA ALA A . n 
A 1 112 VAL 112 96  96  VAL VAL A . n 
A 1 113 THR 113 97  97  THR THR A . n 
A 1 114 ASP 114 98  98  ASP ASP A . n 
A 1 115 GLU 115 99  99  GLU GLU A . n 
A 1 116 ALA 116 100 100 ALA ALA A . n 
A 1 117 ILE 117 101 101 ILE ILE A . n 
A 1 118 SER 118 102 102 SER SER A . n 
A 1 119 SER 119 103 103 SER SER A . n 
A 1 120 GLU 120 104 104 GLU GLU A . n 
A 1 121 GLN 121 105 105 GLN GLN A . n 
A 1 122 LEU 122 106 106 LEU LEU A . n 
A 1 123 ASN 123 107 107 ASN ASN A . n 
A 1 124 ALA 124 108 108 ALA ALA A . n 
A 1 125 LEU 125 109 109 LEU LEU A . n 
A 1 126 SER 126 110 110 SER SER A . n 
A 1 127 THR 127 111 ?   ?   ?   A . n 
A 1 128 GLY 128 112 ?   ?   ?   A . n 
A 1 129 THR 129 113 ?   ?   ?   A . n 
A 1 130 ALA 130 114 ?   ?   ?   A . n 
A 1 131 VAL 131 115 ?   ?   ?   A . n 
A 1 132 ALA 132 116 ?   ?   ?   A . n 
A 1 133 PRO 133 117 ?   ?   ?   A . n 
A 1 134 GLU 134 118 ?   ?   ?   A . n 
A 1 135 ALA 135 119 ?   ?   ?   A . n 
A 1 136 GLY 136 120 120 GLY GLY A . n 
A 1 137 ALA 137 121 121 ALA ALA A . n 
A 1 138 THR 138 122 122 THR THR A . n 
A 1 139 LEU 139 123 123 LEU LEU A . n 
A 1 140 ILE 140 124 124 ILE ILE A . n 
A 1 141 LEU 141 125 125 LEU LEU A . n 
A 1 142 GLN 142 126 126 GLN GLN A . n 
A 1 143 VAL 143 127 127 VAL VAL A . n 
A 1 144 ALA 144 128 128 ALA ALA A . n 
A 1 145 SER 145 129 129 SER SER A . n 
A 1 146 LEU 146 130 130 LEU LEU A . n 
A 1 147 SER 147 131 131 SER SER A . n 
A 1 148 GLY 148 132 132 GLY GLY A . n 
A 1 149 GLY 149 133 133 GLY GLY A . n 
A 1 150 ARG 150 134 134 ARG ARG A . n 
A 1 151 MSE 151 135 135 MSE MSE A . n 
A 1 152 LEU 152 136 136 LEU LEU A . n 
A 1 153 ARG 153 137 137 ARG ARG A . n 
A 1 154 LEU 154 138 138 LEU LEU A . n 
A 1 155 THR 155 139 139 THR THR A . n 
A 1 156 GLY 156 140 140 GLY GLY A . n 
A 1 157 ALA 157 141 ?   ?   ?   A . n 
A 1 158 GLY 158 142 ?   ?   ?   A . n 
A 1 159 ILE 159 143 ?   ?   ?   A . n 
A 1 160 ALA 160 144 ?   ?   ?   A . n 
A 1 161 GLU 161 145 145 GLU GLU A . n 
A 1 162 GLU 162 146 146 GLU GLU A . n 
A 1 163 ARG 163 147 147 ARG ARG A . n 
A 1 164 MSE 164 148 148 MSE MSE A . n 
A 1 165 ILE 165 149 149 ILE ILE A . n 
A 1 166 ALA 166 150 150 ALA ALA A . n 
A 1 167 PRO 167 151 151 PRO PRO A . n 
A 1 168 GLN 168 152 152 GLN GLN A . n 
A 1 169 LEU 169 153 153 LEU LEU A . n 
A 1 170 PRO 170 154 154 PRO PRO A . n 
A 1 171 GLU 171 155 155 GLU GLU A . n 
A 1 172 CYS 172 156 156 CYS CYS A . n 
A 1 173 ILE 173 157 157 ILE ILE A . n 
A 1 174 LEU 174 158 158 LEU LEU A . n 
A 1 175 HIS 175 159 159 HIS HIS A . n 
A 1 176 GLU 176 160 160 GLU GLU A . n 
A 1 177 LEU 177 161 161 LEU LEU A . n 
A 1 178 THR 178 162 162 THR THR A . n 
A 1 179 GLU 179 163 163 GLU GLU A . n 
A 1 180 ARG 180 164 164 ARG ARG A . n 
A 1 181 PRO 181 165 165 PRO PRO A . n 
A 1 182 HIS 182 166 166 HIS HIS A . n 
A 1 183 PRO 183 167 167 PRO PRO A . n 
A 1 184 PHE 184 168 168 PHE PHE A . n 
A 1 185 PRO 185 169 169 PRO ALA A . n 
A 1 186 LEU 186 170 170 LEU LEU A . n 
A 1 187 GLY 187 171 171 GLY GLY A . n 
A 1 188 ILE 188 172 172 ILE ILE A . n 
A 1 189 ASP 189 173 173 ASP ASP A . n 
A 1 190 LEU 190 174 174 LEU LEU A . n 
A 1 191 ILE 191 175 175 ILE ILE A . n 
A 1 192 LEU 192 176 176 LEU LEU A . n 
A 1 193 THR 193 177 177 THR THR A . n 
A 1 194 CYS 194 178 178 CYS CYS A . n 
A 1 195 GLY 195 179 179 GLY GLY A . n 
A 1 196 GLU 196 180 180 GLU GLU A . n 
A 1 197 ARG 197 181 181 ARG ARG A . n 
A 1 198 LEU 198 182 182 LEU LEU A . n 
A 1 199 LEU 199 183 183 LEU LEU A . n 
A 1 200 ALA 200 184 184 ALA ALA A . n 
A 1 201 ILE 201 185 185 ILE ILE A . n 
A 1 202 PRO 202 186 186 PRO PRO A . n 
A 1 203 ARG 203 187 187 ARG ARG A . n 
A 1 204 THR 204 188 188 THR THR A . n 
A 1 205 THR 205 189 189 THR THR A . n 
A 1 206 HIS 206 190 190 HIS HIS A . n 
A 1 207 VAL 207 191 191 VAL VAL A . n 
A 1 208 GLU 208 192 192 GLU GLU A . n 
A 1 209 VAL 209 193 193 VAL VAL A . n 
A 1 210 CYS 210 194 194 CYS CYS A . n 
# 
loop_
_pdbx_nonpoly_scheme.asym_id 
_pdbx_nonpoly_scheme.entity_id 
_pdbx_nonpoly_scheme.mon_id 
_pdbx_nonpoly_scheme.ndb_seq_num 
_pdbx_nonpoly_scheme.pdb_seq_num 
_pdbx_nonpoly_scheme.auth_seq_num 
_pdbx_nonpoly_scheme.pdb_mon_id 
_pdbx_nonpoly_scheme.auth_mon_id 
_pdbx_nonpoly_scheme.pdb_strand_id 
_pdbx_nonpoly_scheme.pdb_ins_code 
B 2 NA  1   501 501 NA  NA  A . 
C 3 ACT 1   502 502 ACT ACT A . 
D 2 NA  1   503 503 NA  NA  A . 
E 2 NA  1   504 504 NA  NA  A . 
F 2 NA  1   505 505 NA  NA  A . 
G 4 HOH 1   506 1   HOH HOH A . 
G 4 HOH 2   507 2   HOH HOH A . 
G 4 HOH 3   508 3   HOH HOH A . 
G 4 HOH 4   509 4   HOH HOH A . 
G 4 HOH 5   510 5   HOH HOH A . 
G 4 HOH 6   511 6   HOH HOH A . 
G 4 HOH 7   512 7   HOH HOH A . 
G 4 HOH 8   513 8   HOH HOH A . 
G 4 HOH 9   514 9   HOH HOH A . 
G 4 HOH 10  515 10  HOH HOH A . 
G 4 HOH 11  516 11  HOH HOH A . 
G 4 HOH 12  517 12  HOH HOH A . 
G 4 HOH 13  518 13  HOH HOH A . 
G 4 HOH 14  519 14  HOH HOH A . 
G 4 HOH 15  520 15  HOH HOH A . 
G 4 HOH 16  521 16  HOH HOH A . 
G 4 HOH 17  522 17  HOH HOH A . 
G 4 HOH 18  523 18  HOH HOH A . 
G 4 HOH 19  524 19  HOH HOH A . 
G 4 HOH 20  525 20  HOH HOH A . 
G 4 HOH 21  526 21  HOH HOH A . 
G 4 HOH 22  527 22  HOH HOH A . 
G 4 HOH 23  528 23  HOH HOH A . 
G 4 HOH 24  529 24  HOH HOH A . 
G 4 HOH 25  530 25  HOH HOH A . 
G 4 HOH 26  531 26  HOH HOH A . 
G 4 HOH 27  532 27  HOH HOH A . 
G 4 HOH 28  533 28  HOH HOH A . 
G 4 HOH 29  534 29  HOH HOH A . 
G 4 HOH 30  535 30  HOH HOH A . 
G 4 HOH 31  536 31  HOH HOH A . 
G 4 HOH 32  537 32  HOH HOH A . 
G 4 HOH 33  538 33  HOH HOH A . 
G 4 HOH 34  539 34  HOH HOH A . 
G 4 HOH 35  540 35  HOH HOH A . 
G 4 HOH 36  541 36  HOH HOH A . 
G 4 HOH 37  542 37  HOH HOH A . 
G 4 HOH 38  543 38  HOH HOH A . 
G 4 HOH 39  544 39  HOH HOH A . 
G 4 HOH 40  545 40  HOH HOH A . 
G 4 HOH 41  546 41  HOH HOH A . 
G 4 HOH 42  547 42  HOH HOH A . 
G 4 HOH 43  548 43  HOH HOH A . 
G 4 HOH 44  549 44  HOH HOH A . 
G 4 HOH 45  550 45  HOH HOH A . 
G 4 HOH 46  551 46  HOH HOH A . 
G 4 HOH 47  552 47  HOH HOH A . 
G 4 HOH 48  553 48  HOH HOH A . 
G 4 HOH 49  554 49  HOH HOH A . 
G 4 HOH 50  555 50  HOH HOH A . 
G 4 HOH 51  556 51  HOH HOH A . 
G 4 HOH 52  557 52  HOH HOH A . 
G 4 HOH 53  558 53  HOH HOH A . 
G 4 HOH 54  559 54  HOH HOH A . 
G 4 HOH 55  560 55  HOH HOH A . 
G 4 HOH 56  561 56  HOH HOH A . 
G 4 HOH 57  562 57  HOH HOH A . 
G 4 HOH 58  563 58  HOH HOH A . 
G 4 HOH 59  564 59  HOH HOH A . 
G 4 HOH 60  565 60  HOH HOH A . 
G 4 HOH 61  566 61  HOH HOH A . 
G 4 HOH 62  567 62  HOH HOH A . 
G 4 HOH 63  568 63  HOH HOH A . 
G 4 HOH 64  569 64  HOH HOH A . 
G 4 HOH 65  570 65  HOH HOH A . 
G 4 HOH 66  571 66  HOH HOH A . 
G 4 HOH 67  572 67  HOH HOH A . 
G 4 HOH 68  573 68  HOH HOH A . 
G 4 HOH 69  574 69  HOH HOH A . 
G 4 HOH 70  575 70  HOH HOH A . 
G 4 HOH 71  576 71  HOH HOH A . 
G 4 HOH 72  577 72  HOH HOH A . 
G 4 HOH 73  578 73  HOH HOH A . 
G 4 HOH 74  579 74  HOH HOH A . 
G 4 HOH 75  580 75  HOH HOH A . 
G 4 HOH 76  581 76  HOH HOH A . 
G 4 HOH 77  582 77  HOH HOH A . 
G 4 HOH 78  583 78  HOH HOH A . 
G 4 HOH 79  584 79  HOH HOH A . 
G 4 HOH 80  585 80  HOH HOH A . 
G 4 HOH 81  586 81  HOH HOH A . 
G 4 HOH 82  587 82  HOH HOH A . 
G 4 HOH 83  588 83  HOH HOH A . 
G 4 HOH 84  589 84  HOH HOH A . 
G 4 HOH 85  590 85  HOH HOH A . 
G 4 HOH 86  591 86  HOH HOH A . 
G 4 HOH 87  592 87  HOH HOH A . 
G 4 HOH 88  593 88  HOH HOH A . 
G 4 HOH 89  594 89  HOH HOH A . 
G 4 HOH 90  595 90  HOH HOH A . 
G 4 HOH 91  596 91  HOH HOH A . 
G 4 HOH 92  597 92  HOH HOH A . 
G 4 HOH 93  598 93  HOH HOH A . 
G 4 HOH 94  599 94  HOH HOH A . 
G 4 HOH 95  600 95  HOH HOH A . 
G 4 HOH 96  601 96  HOH HOH A . 
G 4 HOH 97  602 97  HOH HOH A . 
G 4 HOH 98  603 98  HOH HOH A . 
G 4 HOH 99  604 99  HOH HOH A . 
G 4 HOH 100 605 100 HOH HOH A . 
G 4 HOH 101 606 101 HOH HOH A . 
G 4 HOH 102 607 102 HOH HOH A . 
G 4 HOH 103 608 103 HOH HOH A . 
G 4 HOH 104 609 104 HOH HOH A . 
G 4 HOH 105 610 105 HOH HOH A . 
G 4 HOH 106 611 106 HOH HOH A . 
G 4 HOH 107 612 107 HOH HOH A . 
G 4 HOH 108 613 108 HOH HOH A . 
G 4 HOH 109 614 109 HOH HOH A . 
G 4 HOH 110 615 110 HOH HOH A . 
G 4 HOH 111 616 111 HOH HOH A . 
G 4 HOH 112 617 112 HOH HOH A . 
G 4 HOH 113 618 113 HOH HOH A . 
G 4 HOH 114 619 114 HOH HOH A . 
G 4 HOH 115 620 115 HOH HOH A . 
G 4 HOH 116 621 116 HOH HOH A . 
G 4 HOH 117 622 117 HOH HOH A . 
G 4 HOH 118 623 118 HOH HOH A . 
G 4 HOH 119 624 119 HOH HOH A . 
G 4 HOH 120 625 120 HOH HOH A . 
G 4 HOH 121 626 121 HOH HOH A . 
G 4 HOH 122 627 122 HOH HOH A . 
G 4 HOH 123 628 123 HOH HOH A . 
G 4 HOH 124 629 124 HOH HOH A . 
G 4 HOH 125 630 125 HOH HOH A . 
G 4 HOH 126 631 126 HOH HOH A . 
G 4 HOH 127 632 127 HOH HOH A . 
G 4 HOH 128 633 128 HOH HOH A . 
G 4 HOH 129 634 129 HOH HOH A . 
G 4 HOH 130 635 130 HOH HOH A . 
G 4 HOH 131 636 131 HOH HOH A . 
G 4 HOH 132 637 132 HOH HOH A . 
G 4 HOH 133 638 133 HOH HOH A . 
G 4 HOH 134 639 134 HOH HOH A . 
G 4 HOH 135 640 135 HOH HOH A . 
G 4 HOH 136 641 136 HOH HOH A . 
G 4 HOH 137 642 137 HOH HOH A . 
G 4 HOH 138 643 138 HOH HOH A . 
G 4 HOH 139 644 139 HOH HOH A . 
G 4 HOH 140 645 140 HOH HOH A . 
G 4 HOH 141 646 141 HOH HOH A . 
G 4 HOH 142 647 142 HOH HOH A . 
G 4 HOH 143 648 143 HOH HOH A . 
G 4 HOH 144 649 144 HOH HOH A . 
G 4 HOH 145 650 145 HOH HOH A . 
G 4 HOH 146 651 146 HOH HOH A . 
G 4 HOH 147 652 147 HOH HOH A . 
G 4 HOH 148 653 148 HOH HOH A . 
G 4 HOH 149 654 149 HOH HOH A . 
G 4 HOH 150 655 150 HOH HOH A . 
G 4 HOH 151 656 151 HOH HOH A . 
G 4 HOH 152 657 152 HOH HOH A . 
G 4 HOH 153 658 153 HOH HOH A . 
G 4 HOH 154 659 154 HOH HOH A . 
G 4 HOH 155 660 155 HOH HOH A . 
G 4 HOH 156 661 156 HOH HOH A . 
G 4 HOH 157 662 157 HOH HOH A . 
G 4 HOH 158 663 158 HOH HOH A . 
G 4 HOH 159 664 159 HOH HOH A . 
G 4 HOH 160 665 160 HOH HOH A . 
G 4 HOH 161 666 161 HOH HOH A . 
G 4 HOH 162 667 162 HOH HOH A . 
G 4 HOH 163 668 163 HOH HOH A . 
G 4 HOH 164 669 164 HOH HOH A . 
G 4 HOH 165 670 165 HOH HOH A . 
G 4 HOH 166 671 166 HOH HOH A . 
G 4 HOH 167 672 167 HOH HOH A . 
G 4 HOH 168 673 168 HOH HOH A . 
G 4 HOH 169 674 169 HOH HOH A . 
G 4 HOH 170 675 170 HOH HOH A . 
G 4 HOH 171 676 171 HOH HOH A . 
G 4 HOH 172 677 172 HOH HOH A . 
G 4 HOH 173 678 173 HOH HOH A . 
G 4 HOH 174 679 174 HOH HOH A . 
G 4 HOH 175 680 175 HOH HOH A . 
G 4 HOH 176 681 176 HOH HOH A . 
G 4 HOH 177 682 177 HOH HOH A . 
G 4 HOH 178 683 178 HOH HOH A . 
G 4 HOH 179 684 179 HOH HOH A . 
G 4 HOH 180 685 180 HOH HOH A . 
G 4 HOH 181 686 183 HOH HOH A . 
G 4 HOH 182 687 184 HOH HOH A . 
G 4 HOH 183 688 185 HOH HOH A . 
G 4 HOH 184 689 186 HOH HOH A . 
# 
loop_
_pdbx_unobs_or_zero_occ_atoms.id 
_pdbx_unobs_or_zero_occ_atoms.PDB_model_num 
_pdbx_unobs_or_zero_occ_atoms.polymer_flag 
_pdbx_unobs_or_zero_occ_atoms.occupancy_flag 
_pdbx_unobs_or_zero_occ_atoms.auth_asym_id 
_pdbx_unobs_or_zero_occ_atoms.auth_comp_id 
_pdbx_unobs_or_zero_occ_atoms.auth_seq_id 
_pdbx_unobs_or_zero_occ_atoms.PDB_ins_code 
_pdbx_unobs_or_zero_occ_atoms.auth_atom_id 
_pdbx_unobs_or_zero_occ_atoms.label_alt_id 
_pdbx_unobs_or_zero_occ_atoms.label_asym_id 
_pdbx_unobs_or_zero_occ_atoms.label_comp_id 
_pdbx_unobs_or_zero_occ_atoms.label_seq_id 
_pdbx_unobs_or_zero_occ_atoms.label_atom_id 
1  1 Y 1 A GLN 12  ? CG  ? A GLN 28  CG  
2  1 Y 1 A GLN 12  ? CD  ? A GLN 28  CD  
3  1 Y 1 A GLN 12  ? OE1 ? A GLN 28  OE1 
4  1 Y 1 A GLN 12  ? NE2 ? A GLN 28  NE2 
5  1 Y 1 A LYS 38  ? CB  ? A LYS 54  CB  
6  1 Y 1 A LYS 38  ? CG  ? A LYS 54  CG  
7  1 Y 1 A LYS 38  ? CD  ? A LYS 54  CD  
8  1 Y 1 A LYS 38  ? CE  ? A LYS 54  CE  
9  1 Y 1 A LYS 38  ? NZ  ? A LYS 54  NZ  
10 1 Y 1 A ARG 39  ? CG  ? A ARG 55  CG  
11 1 Y 1 A ARG 39  ? CD  ? A ARG 55  CD  
12 1 Y 1 A ARG 39  ? NE  ? A ARG 55  NE  
13 1 Y 1 A ARG 39  ? CZ  ? A ARG 55  CZ  
14 1 Y 1 A ARG 39  ? NH1 ? A ARG 55  NH1 
15 1 Y 1 A ARG 39  ? NH2 ? A ARG 55  NH2 
16 1 Y 1 A ARG 134 ? CG  ? A ARG 150 CG  
17 1 Y 1 A ARG 134 ? CD  ? A ARG 150 CD  
18 1 Y 1 A ARG 134 ? NE  ? A ARG 150 NE  
19 1 Y 1 A ARG 134 ? CZ  ? A ARG 150 CZ  
20 1 Y 1 A ARG 134 ? NH1 ? A ARG 150 NH1 
21 1 Y 1 A ARG 134 ? NH2 ? A ARG 150 NH2 
22 1 Y 1 A GLU 145 ? CG  ? A GLU 161 CG  
23 1 Y 1 A GLU 145 ? CD  ? A GLU 161 CD  
24 1 Y 1 A GLU 145 ? OE1 ? A GLU 161 OE1 
25 1 Y 1 A GLU 145 ? OE2 ? A GLU 161 OE2 
26 1 Y 1 A PRO 167 ? CG  ? A PRO 183 CG  
27 1 Y 1 A PRO 167 ? CD  ? A PRO 183 CD  
28 1 Y 1 A PHE 168 ? CG  ? A PHE 184 CG  
29 1 Y 1 A PHE 168 ? CD1 ? A PHE 184 CD1 
30 1 Y 1 A PHE 168 ? CD2 ? A PHE 184 CD2 
31 1 Y 1 A PHE 168 ? CE1 ? A PHE 184 CE1 
32 1 Y 1 A PHE 168 ? CE2 ? A PHE 184 CE2 
33 1 Y 1 A PHE 168 ? CZ  ? A PHE 184 CZ  
34 1 Y 1 A PRO 169 ? CG  ? A PRO 185 CG  
35 1 Y 1 A PRO 169 ? CD  ? A PRO 185 CD  
36 1 Y 1 A LEU 170 ? CG  ? A LEU 186 CG  
37 1 Y 1 A LEU 170 ? CD1 ? A LEU 186 CD1 
38 1 Y 1 A LEU 170 ? CD2 ? A LEU 186 CD2 
# 
loop_
_software.name 
_software.classification 
_software.version 
_software.citation_id 
_software.pdbx_ordinal 
REFMAC    refinement        5.2.0019 ? 1 
SCALEPACK 'data scaling'    .        ? 2 
SOLVE     phasing           .        ? 3 
CNS       refinement        1.1      ? 4 
HKL-2000  'data reduction'  .        ? 5 
HKL-2000  'data collection' .        ? 6 
# 
_cell.entry_id           2FSU 
_cell.length_a           53.020 
_cell.length_b           87.418 
_cell.length_c           75.890 
_cell.angle_alpha        90.00 
_cell.angle_beta         90.00 
_cell.angle_gamma        90.00 
_cell.Z_PDB              8 
_cell.pdbx_unique_axis   ? 
_cell.length_a_esd       ? 
_cell.length_b_esd       ? 
_cell.length_c_esd       ? 
_cell.angle_alpha_esd    ? 
_cell.angle_beta_esd     ? 
_cell.angle_gamma_esd    ? 
# 
_symmetry.entry_id                         2FSU 
_symmetry.space_group_name_H-M             'C 2 2 21' 
_symmetry.pdbx_full_space_group_name_H-M   ? 
_symmetry.cell_setting                     ? 
_symmetry.Int_Tables_number                20 
_symmetry.space_group_name_Hall            ? 
# 
_exptl.entry_id          2FSU 
_exptl.method            'X-RAY DIFFRACTION' 
_exptl.crystals_number   1 
# 
_exptl_crystal.id                    1 
_exptl_crystal.density_meas          ? 
_exptl_crystal.density_Matthews      1.93 
_exptl_crystal.density_percent_sol   36.22 
_exptl_crystal.description           ? 
_exptl_crystal.F_000                 ? 
_exptl_crystal.preparation           ? 
# 
_exptl_crystal_grow.crystal_id      1 
_exptl_crystal_grow.method          'VAPOR DIFFUSION, HANGING DROP' 
_exptl_crystal_grow.temp            295 
_exptl_crystal_grow.temp_details    ? 
_exptl_crystal_grow.pH              3.5 
_exptl_crystal_grow.pdbx_details    
'magnesium acetate, PEG 4000, sodium citrate pH 3.5 with protein in HEPES buffer, VAPOR DIFFUSION, HANGING DROP, temperature 295K' 
_exptl_crystal_grow.pdbx_pH_range   . 
# 
_diffrn.id                     1 
_diffrn.ambient_temp           100 
_diffrn.ambient_temp_details   ? 
_diffrn.crystal_id             1 
# 
_diffrn_detector.diffrn_id              1 
_diffrn_detector.detector               CCD 
_diffrn_detector.type                   'ADSC QUANTUM 210' 
_diffrn_detector.pdbx_collection_date   2005-11-04 
_diffrn_detector.details                ? 
# 
_diffrn_radiation.diffrn_id                        1 
_diffrn_radiation.wavelength_id                    1 
_diffrn_radiation.pdbx_monochromatic_or_laue_m_l   M 
_diffrn_radiation.monochromator                    'Monochromator: Si(111) channel cut monochromator.' 
_diffrn_radiation.pdbx_diffrn_protocol             MAD 
_diffrn_radiation.pdbx_scattering_type             x-ray 
# 
loop_
_diffrn_radiation_wavelength.id 
_diffrn_radiation_wavelength.wavelength 
_diffrn_radiation_wavelength.wt 
1 0.979029 1.0 
2 0.978681 1.0 
3 0.925256 1.0 
# 
_diffrn_source.diffrn_id                   1 
_diffrn_source.source                      SYNCHROTRON 
_diffrn_source.type                        'NSLS BEAMLINE X6A' 
_diffrn_source.pdbx_synchrotron_site       NSLS 
_diffrn_source.pdbx_synchrotron_beamline   X6A 
_diffrn_source.pdbx_wavelength             ? 
_diffrn_source.pdbx_wavelength_list        '0.979029, 0.978681, 0.925256' 
# 
_reflns.entry_id                     2FSU 
_reflns.observed_criterion_sigma_I   1.0 
_reflns.observed_criterion_sigma_F   1.0 
_reflns.d_resolution_low             50.0 
_reflns.d_resolution_high            1.57 
_reflns.number_obs                   24912 
_reflns.number_all                   24912 
_reflns.percent_possible_obs         100 
_reflns.pdbx_Rmerge_I_obs            0.045 
_reflns.pdbx_Rsym_value              ? 
_reflns.pdbx_netI_over_sigmaI        42 
_reflns.B_iso_Wilson_estimate        ? 
_reflns.pdbx_redundancy              ? 
_reflns.R_free_details               ? 
_reflns.limit_h_max                  ? 
_reflns.limit_h_min                  ? 
_reflns.limit_k_max                  ? 
_reflns.limit_k_min                  ? 
_reflns.limit_l_max                  ? 
_reflns.limit_l_min                  ? 
_reflns.observed_criterion_F_max     ? 
_reflns.observed_criterion_F_min     ? 
_reflns.pdbx_chi_squared             ? 
_reflns.pdbx_scaling_rejects         ? 
_reflns.pdbx_ordinal                 1 
_reflns.pdbx_diffrn_id               1 
# 
_reflns_shell.d_res_high             1.57 
_reflns_shell.d_res_low              1.77 
_reflns_shell.percent_possible_all   35.1 
_reflns_shell.Rmerge_I_obs           0.43 
_reflns_shell.pdbx_Rsym_value        ? 
_reflns_shell.meanI_over_sigI_obs    2.8 
_reflns_shell.pdbx_redundancy        ? 
_reflns_shell.percent_possible_obs   ? 
_reflns_shell.number_unique_all      ? 
_reflns_shell.number_measured_all    ? 
_reflns_shell.number_measured_obs    ? 
_reflns_shell.number_unique_obs      ? 
_reflns_shell.pdbx_chi_squared       ? 
_reflns_shell.pdbx_ordinal           1 
_reflns_shell.pdbx_diffrn_id         1 
# 
_refine.entry_id                                 2FSU 
_refine.ls_number_reflns_obs                     18698 
_refine.ls_number_reflns_all                     18698 
_refine.pdbx_ls_sigma_I                          ? 
_refine.pdbx_ls_sigma_F                          ? 
_refine.pdbx_data_cutoff_high_absF               ? 
_refine.pdbx_data_cutoff_low_absF                ? 
_refine.pdbx_data_cutoff_high_rms_absF           ? 
_refine.ls_d_res_low                             38.92 
_refine.ls_d_res_high                            1.70 
_refine.ls_percent_reflns_obs                    94.53 
_refine.ls_R_factor_obs                          0.19091 
_refine.ls_R_factor_all                          ? 
_refine.ls_R_factor_R_work                       0.18789 
_refine.ls_R_factor_R_free                       0.24842 
_refine.ls_R_factor_R_free_error                 ? 
_refine.ls_R_factor_R_free_error_details         ? 
_refine.ls_percent_reflns_R_free                 5.2 
_refine.ls_number_reflns_R_free                  977 
_refine.ls_number_parameters                     ? 
_refine.ls_number_restraints                     ? 
_refine.occupancy_min                            ? 
_refine.occupancy_max                            ? 
_refine.correlation_coeff_Fo_to_Fc               0.955 
_refine.correlation_coeff_Fo_to_Fc_free          0.929 
_refine.B_iso_mean                               23.678 
_refine.aniso_B[1][1]                            -0.02 
_refine.aniso_B[2][2]                            -0.02 
_refine.aniso_B[3][3]                            0.04 
_refine.aniso_B[1][2]                            0.00 
_refine.aniso_B[1][3]                            0.00 
_refine.aniso_B[2][3]                            0.00 
_refine.solvent_model_details                    'BABINET MODEL WITH MASK' 
_refine.solvent_model_param_ksol                 ? 
_refine.solvent_model_param_bsol                 ? 
_refine.pdbx_solvent_vdw_probe_radii             1.20 
_refine.pdbx_solvent_ion_probe_radii             0.80 
_refine.pdbx_solvent_shrinkage_radii             0.80 
_refine.pdbx_ls_cross_valid_method               THROUGHOUT 
_refine.details                                  ? 
_refine.pdbx_starting_model                      ? 
_refine.pdbx_method_to_determine_struct          MAD 
_refine.pdbx_isotropic_thermal_model             ? 
_refine.pdbx_stereochemistry_target_values       'MAXIMUM LIKELIHOOD' 
_refine.pdbx_stereochem_target_val_spec_case     ? 
_refine.pdbx_R_Free_selection_details            RANDOM 
_refine.pdbx_overall_ESU_R                       0.117 
_refine.pdbx_overall_ESU_R_Free                  0.127 
_refine.overall_SU_ML                            0.069 
_refine.overall_SU_B                             1.994 
_refine.ls_redundancy_reflns_obs                 ? 
_refine.B_iso_min                                ? 
_refine.B_iso_max                                ? 
_refine.overall_SU_R_Cruickshank_DPI             ? 
_refine.overall_SU_R_free                        ? 
_refine.ls_wR_factor_R_free                      ? 
_refine.ls_wR_factor_R_work                      ? 
_refine.overall_FOM_free_R_set                   ? 
_refine.overall_FOM_work_R_set                   ? 
_refine.pdbx_refine_id                           'X-RAY DIFFRACTION' 
_refine.pdbx_overall_phase_error                 ? 
_refine.pdbx_diffrn_id                           1 
_refine.pdbx_TLS_residual_ADP_flag               ? 
_refine.pdbx_overall_SU_R_free_Cruickshank_DPI   ? 
_refine.pdbx_overall_SU_R_Blow_DPI               ? 
_refine.pdbx_overall_SU_R_free_Blow_DPI          ? 
# 
_refine_hist.pdbx_refine_id                   'X-RAY DIFFRACTION' 
_refine_hist.cycle_id                         LAST 
_refine_hist.pdbx_number_atoms_protein        1274 
_refine_hist.pdbx_number_atoms_nucleic_acid   0 
_refine_hist.pdbx_number_atoms_ligand         8 
_refine_hist.number_atoms_solvent             184 
_refine_hist.number_atoms_total               1466 
_refine_hist.d_res_high                       1.70 
_refine_hist.d_res_low                        38.92 
# 
loop_
_refine_ls_restr.type 
_refine_ls_restr.dev_ideal 
_refine_ls_restr.dev_ideal_target 
_refine_ls_restr.weight 
_refine_ls_restr.number 
_refine_ls_restr.pdbx_refine_id 
_refine_ls_restr.pdbx_restraint_function 
r_bond_refined_d             0.029  0.022  ? 1315 'X-RAY DIFFRACTION' ? 
r_bond_other_d               ?      ?      ? ?    'X-RAY DIFFRACTION' ? 
r_angle_refined_deg          2.308  1.975  ? 1797 'X-RAY DIFFRACTION' ? 
r_angle_other_deg            ?      ?      ? ?    'X-RAY DIFFRACTION' ? 
r_dihedral_angle_1_deg       6.211  5.000  ? 171  'X-RAY DIFFRACTION' ? 
r_dihedral_angle_2_deg       33.721 24.808 ? 52   'X-RAY DIFFRACTION' ? 
r_dihedral_angle_3_deg       13.451 15.000 ? 216  'X-RAY DIFFRACTION' ? 
r_dihedral_angle_4_deg       14.545 15.000 ? 8    'X-RAY DIFFRACTION' ? 
r_chiral_restr               0.194  0.200  ? 223  'X-RAY DIFFRACTION' ? 
r_gen_planes_refined         0.012  0.020  ? 977  'X-RAY DIFFRACTION' ? 
r_gen_planes_other           ?      ?      ? ?    'X-RAY DIFFRACTION' ? 
r_nbd_refined                0.269  0.200  ? 700  'X-RAY DIFFRACTION' ? 
r_nbd_other                  ?      ?      ? ?    'X-RAY DIFFRACTION' ? 
r_nbtor_refined              0.316  0.200  ? 931  'X-RAY DIFFRACTION' ? 
r_nbtor_other                ?      ?      ? ?    'X-RAY DIFFRACTION' ? 
r_xyhbond_nbd_refined        0.194  0.200  ? 146  'X-RAY DIFFRACTION' ? 
r_xyhbond_nbd_other          ?      ?      ? ?    'X-RAY DIFFRACTION' ? 
r_metal_ion_refined          ?      ?      ? ?    'X-RAY DIFFRACTION' ? 
r_metal_ion_other            ?      ?      ? ?    'X-RAY DIFFRACTION' ? 
r_symmetry_vdw_refined       0.313  0.200  ? 70   'X-RAY DIFFRACTION' ? 
r_symmetry_vdw_other         ?      ?      ? ?    'X-RAY DIFFRACTION' ? 
r_symmetry_hbond_refined     0.269  0.200  ? 21   'X-RAY DIFFRACTION' ? 
r_symmetry_hbond_other       ?      ?      ? ?    'X-RAY DIFFRACTION' ? 
r_symmetry_metal_ion_refined ?      ?      ? ?    'X-RAY DIFFRACTION' ? 
r_symmetry_metal_ion_other   ?      ?      ? ?    'X-RAY DIFFRACTION' ? 
r_mcbond_it                  1.645  1.500  ? 861  'X-RAY DIFFRACTION' ? 
r_mcbond_other               ?      ?      ? ?    'X-RAY DIFFRACTION' ? 
r_mcangle_it                 2.706  2.000  ? 1387 'X-RAY DIFFRACTION' ? 
r_scbond_it                  4.537  3.000  ? 464  'X-RAY DIFFRACTION' ? 
r_scangle_it                 7.342  4.500  ? 409  'X-RAY DIFFRACTION' ? 
r_rigid_bond_restr           ?      ?      ? ?    'X-RAY DIFFRACTION' ? 
r_sphericity_free            ?      ?      ? ?    'X-RAY DIFFRACTION' ? 
r_sphericity_bonded          ?      ?      ? ?    'X-RAY DIFFRACTION' ? 
# 
_refine_ls_shell.pdbx_total_number_of_bins_used   20 
_refine_ls_shell.d_res_high                       1.700 
_refine_ls_shell.d_res_low                        1.744 
_refine_ls_shell.number_reflns_R_work             1213 
_refine_ls_shell.R_factor_R_work                  0.239 
_refine_ls_shell.percent_reflns_obs               89.36 
_refine_ls_shell.R_factor_R_free                  0.270 
_refine_ls_shell.R_factor_R_free_error            ? 
_refine_ls_shell.percent_reflns_R_free            ? 
_refine_ls_shell.number_reflns_R_free             80 
_refine_ls_shell.number_reflns_all                ? 
_refine_ls_shell.R_factor_all                     ? 
_refine_ls_shell.redundancy_reflns_obs            ? 
_refine_ls_shell.number_reflns_obs                ? 
_refine_ls_shell.pdbx_refine_id                   'X-RAY DIFFRACTION' 
# 
_struct.entry_id                  2FSU 
_struct.title                     'Crystal Structure of the PhnH Protein from Escherichia Coli' 
_struct.pdbx_model_details        ? 
_struct.pdbx_CASP_flag            ? 
_struct.pdbx_model_type_details   ? 
# 
_struct_keywords.entry_id        2FSU 
_struct_keywords.pdbx_keywords   'STRUCTURAL GENOMICS, UNKNOWN FUNCTION' 
_struct_keywords.text            
;C-P Lyase, PhnH, phosphonate metabolism, Structural Genomics, Montreal-Kingston Bacterial Structural Genomics Initiative, BSGI, UNKNOWN FUNCTION
;
# 
loop_
_struct_asym.id 
_struct_asym.pdbx_blank_PDB_chainid_flag 
_struct_asym.pdbx_modified 
_struct_asym.entity_id 
_struct_asym.details 
A N N 1 ? 
B N N 2 ? 
C N N 3 ? 
D N N 2 ? 
E N N 2 ? 
F N N 2 ? 
G N N 4 ? 
# 
_struct_ref.id                         1 
_struct_ref.db_name                    UNP 
_struct_ref.db_code                    PHNH_ECOLI 
_struct_ref.pdbx_db_accession          P16686 
_struct_ref.entity_id                  1 
_struct_ref.pdbx_seq_one_letter_code   
;MTLETAFMLPVQDAQHSFRRLLKAMSEPGVIVALHQLKRGWQPLNIATTSVLLTLADNDTPVWLSTPLNNDIVNQSLRFH
TNAPLVSQPEQATFAVTDEAISSEQLNALSTGTAVAPEAGATLILQVASLSGGRMLRLTGAGIAEERMIAPQLPECILHE
LTERPHPFPLGIDLILTCGERLLAIPRTTHVEVC
;
_struct_ref.pdbx_align_begin           1 
_struct_ref.pdbx_db_isoform            ? 
# 
_struct_ref_seq.align_id                      1 
_struct_ref_seq.ref_id                        1 
_struct_ref_seq.pdbx_PDB_id_code              2FSU 
_struct_ref_seq.pdbx_strand_id                A 
_struct_ref_seq.seq_align_beg                 17 
_struct_ref_seq.pdbx_seq_align_beg_ins_code   ? 
_struct_ref_seq.seq_align_end                 210 
_struct_ref_seq.pdbx_seq_align_end_ins_code   ? 
_struct_ref_seq.pdbx_db_accession             P16686 
_struct_ref_seq.db_align_beg                  1 
_struct_ref_seq.pdbx_db_align_beg_ins_code    ? 
_struct_ref_seq.db_align_end                  194 
_struct_ref_seq.pdbx_db_align_end_ins_code    ? 
_struct_ref_seq.pdbx_auth_seq_align_beg       1 
_struct_ref_seq.pdbx_auth_seq_align_end       194 
# 
loop_
_struct_ref_seq_dif.align_id 
_struct_ref_seq_dif.pdbx_pdb_id_code 
_struct_ref_seq_dif.mon_id 
_struct_ref_seq_dif.pdbx_pdb_strand_id 
_struct_ref_seq_dif.seq_num 
_struct_ref_seq_dif.pdbx_pdb_ins_code 
_struct_ref_seq_dif.pdbx_seq_db_name 
_struct_ref_seq_dif.pdbx_seq_db_accession_code 
_struct_ref_seq_dif.db_mon_id 
_struct_ref_seq_dif.pdbx_seq_db_seq_num 
_struct_ref_seq_dif.details 
_struct_ref_seq_dif.pdbx_auth_seq_num 
_struct_ref_seq_dif.pdbx_ordinal 
1 2FSU MSE A 1   ? UNP P16686 ?   ?   'cloning artifact' -15 1  
1 2FSU ARG A 2   ? UNP P16686 ?   ?   'cloning artifact' -14 2  
1 2FSU GLY A 3   ? UNP P16686 ?   ?   'cloning artifact' -13 3  
1 2FSU SER A 4   ? UNP P16686 ?   ?   'cloning artifact' -12 4  
1 2FSU HIS A 5   ? UNP P16686 ?   ?   'expression tag'   -11 5  
1 2FSU HIS A 6   ? UNP P16686 ?   ?   'expression tag'   -10 6  
1 2FSU HIS A 7   ? UNP P16686 ?   ?   'expression tag'   -9  7  
1 2FSU HIS A 8   ? UNP P16686 ?   ?   'expression tag'   -8  8  
1 2FSU HIS A 9   ? UNP P16686 ?   ?   'expression tag'   -7  9  
1 2FSU HIS A 10  ? UNP P16686 ?   ?   'expression tag'   -6  10 
1 2FSU GLY A 11  ? UNP P16686 ?   ?   'cloning artifact' -5  11 
1 2FSU SER A 12  ? UNP P16686 ?   ?   'cloning artifact' -4  12 
1 2FSU GLY A 13  ? UNP P16686 ?   ?   'cloning artifact' -3  13 
1 2FSU SER A 14  ? UNP P16686 ?   ?   'cloning artifact' -2  14 
1 2FSU MSE A 15  ? UNP P16686 ?   ?   'cloning artifact' -1  15 
1 2FSU GLY A 16  ? UNP P16686 ?   ?   'cloning artifact' 0   16 
1 2FSU MSE A 17  ? UNP P16686 MET 1   'modified residue' 1   17 
1 2FSU MSE A 24  ? UNP P16686 MET 8   'modified residue' 8   18 
1 2FSU MSE A 41  ? UNP P16686 MET 25  'modified residue' 25  19 
1 2FSU MSE A 151 ? UNP P16686 MET 135 'modified residue' 135 20 
1 2FSU MSE A 164 ? UNP P16686 MET 148 'modified residue' 148 21 
# 
loop_
_pdbx_struct_assembly.id 
_pdbx_struct_assembly.details 
_pdbx_struct_assembly.method_details 
_pdbx_struct_assembly.oligomeric_details 
_pdbx_struct_assembly.oligomeric_count 
1 author_defined_assembly   ?        monomeric 1 
2 software_defined_assembly PISA,PQS dimeric   2 
# 
loop_
_pdbx_struct_assembly_prop.biol_id 
_pdbx_struct_assembly_prop.type 
_pdbx_struct_assembly_prop.value 
_pdbx_struct_assembly_prop.details 
2 'ABSA (A^2)' 2840  ? 
2 MORE         -79   ? 
2 'SSA (A^2)'  14250 ? 
# 
loop_
_pdbx_struct_assembly_gen.assembly_id 
_pdbx_struct_assembly_gen.oper_expression 
_pdbx_struct_assembly_gen.asym_id_list 
1 1   A,B,C,D,E,F,G 
2 1,2 A,B,C,D,E,F,G 
# 
loop_
_pdbx_struct_oper_list.id 
_pdbx_struct_oper_list.type 
_pdbx_struct_oper_list.name 
_pdbx_struct_oper_list.symmetry_operation 
_pdbx_struct_oper_list.matrix[1][1] 
_pdbx_struct_oper_list.matrix[1][2] 
_pdbx_struct_oper_list.matrix[1][3] 
_pdbx_struct_oper_list.vector[1] 
_pdbx_struct_oper_list.matrix[2][1] 
_pdbx_struct_oper_list.matrix[2][2] 
_pdbx_struct_oper_list.matrix[2][3] 
_pdbx_struct_oper_list.vector[2] 
_pdbx_struct_oper_list.matrix[3][1] 
_pdbx_struct_oper_list.matrix[3][2] 
_pdbx_struct_oper_list.matrix[3][3] 
_pdbx_struct_oper_list.vector[3] 
1 'identity operation'         1_555 x,y,z       1.0000000000  0.0000000000 0.0000000000 0.0000000000  0.0000000000 1.0000000000 0.0000000000 0.0000000000  0.0000000000 0.0000000000 1.0000000000  0.0000000000  
2 'crystal symmetry operation' 3_555 -x,y,-z+1/2 -0.8765173315 0.4722034744 0.0934946322 25.0832286566 0.4722034744 0.8057280754 0.3575278273 -4.6068852522 0.0934946322 0.3575278273 -0.9292107438 -9.8610665041 
# 
_struct_biol.id   1 
# 
loop_
_struct_conf.conf_type_id 
_struct_conf.id 
_struct_conf.pdbx_PDB_helix_id 
_struct_conf.beg_label_comp_id 
_struct_conf.beg_label_asym_id 
_struct_conf.beg_label_seq_id 
_struct_conf.pdbx_beg_PDB_ins_code 
_struct_conf.end_label_comp_id 
_struct_conf.end_label_asym_id 
_struct_conf.end_label_seq_id 
_struct_conf.pdbx_end_PDB_ins_code 
_struct_conf.beg_auth_comp_id 
_struct_conf.beg_auth_asym_id 
_struct_conf.beg_auth_seq_id 
_struct_conf.end_auth_comp_id 
_struct_conf.end_auth_asym_id 
_struct_conf.end_auth_seq_id 
_struct_conf.pdbx_PDB_helix_class 
_struct_conf.details 
_struct_conf.pdbx_PDB_helix_length 
HELX_P HELX_P1 1 ASP A 29  ? GLU A 43  ? ASP A 13  GLU A 27  1 ? 15 
HELX_P HELX_P2 2 ASN A 61  ? SER A 66  ? ASN A 45  SER A 50  1 ? 6  
HELX_P HELX_P3 3 VAL A 67  ? ALA A 72  ? VAL A 51  ALA A 56  1 ? 6  
HELX_P HELX_P4 4 THR A 82  ? ASN A 85  ? THR A 66  ASN A 69  5 ? 4  
HELX_P HELX_P5 5 ASN A 86  ? ASN A 98  ? ASN A 70  ASN A 82  1 ? 13 
HELX_P HELX_P6 6 GLN A 104 ? ALA A 108 ? GLN A 88  ALA A 92  5 ? 5  
HELX_P HELX_P7 7 SER A 118 ? LEU A 125 ? SER A 102 LEU A 109 1 ? 8  
HELX_P HELX_P8 8 PRO A 170 ? ARG A 180 ? PRO A 154 ARG A 164 1 ? 11 
# 
_struct_conf_type.id          HELX_P 
_struct_conf_type.criteria    ? 
_struct_conf_type.reference   ? 
# 
loop_
_struct_conn.id 
_struct_conn.conn_type_id 
_struct_conn.pdbx_leaving_atom_flag 
_struct_conn.pdbx_PDB_id 
_struct_conn.ptnr1_label_asym_id 
_struct_conn.ptnr1_label_comp_id 
_struct_conn.ptnr1_label_seq_id 
_struct_conn.ptnr1_label_atom_id 
_struct_conn.pdbx_ptnr1_label_alt_id 
_struct_conn.pdbx_ptnr1_PDB_ins_code 
_struct_conn.pdbx_ptnr1_standard_comp_id 
_struct_conn.ptnr1_symmetry 
_struct_conn.ptnr2_label_asym_id 
_struct_conn.ptnr2_label_comp_id 
_struct_conn.ptnr2_label_seq_id 
_struct_conn.ptnr2_label_atom_id 
_struct_conn.pdbx_ptnr2_label_alt_id 
_struct_conn.pdbx_ptnr2_PDB_ins_code 
_struct_conn.ptnr1_auth_asym_id 
_struct_conn.ptnr1_auth_comp_id 
_struct_conn.ptnr1_auth_seq_id 
_struct_conn.ptnr2_auth_asym_id 
_struct_conn.ptnr2_auth_comp_id 
_struct_conn.ptnr2_auth_seq_id 
_struct_conn.ptnr2_symmetry 
_struct_conn.pdbx_ptnr3_label_atom_id 
_struct_conn.pdbx_ptnr3_label_seq_id 
_struct_conn.pdbx_ptnr3_label_comp_id 
_struct_conn.pdbx_ptnr3_label_asym_id 
_struct_conn.pdbx_ptnr3_label_alt_id 
_struct_conn.pdbx_ptnr3_PDB_ins_code 
_struct_conn.details 
_struct_conn.pdbx_dist_value 
_struct_conn.pdbx_value_order 
_struct_conn.pdbx_role 
covale1 covale both ? A ALA 40  C  ? ? ? 1_555 A MSE 41  N A ? A ALA 24  A MSE 25  1_555 ? ? ? ? ? ? ? 1.323 ? ? 
covale2 covale both ? A ALA 40  C  ? ? ? 1_555 A MSE 41  N B ? A ALA 24  A MSE 25  1_555 ? ? ? ? ? ? ? 1.294 ? ? 
covale3 covale both ? A MSE 41  C  A ? ? 1_555 A SER 42  N ? ? A MSE 25  A SER 26  1_555 ? ? ? ? ? ? ? 1.347 ? ? 
covale4 covale both ? A MSE 41  C  B ? ? 1_555 A SER 42  N ? ? A MSE 25  A SER 26  1_555 ? ? ? ? ? ? ? 1.325 ? ? 
covale5 covale both ? A ARG 150 C  ? ? ? 1_555 A MSE 151 N ? ? A ARG 134 A MSE 135 1_555 ? ? ? ? ? ? ? 1.344 ? ? 
covale6 covale both ? A MSE 151 C  ? ? ? 1_555 A LEU 152 N ? ? A MSE 135 A LEU 136 1_555 ? ? ? ? ? ? ? 1.341 ? ? 
covale7 covale both ? A ARG 163 C  ? ? ? 1_555 A MSE 164 N ? ? A ARG 147 A MSE 148 1_555 ? ? ? ? ? ? ? 1.323 ? ? 
covale8 covale both ? A MSE 164 C  ? ? ? 1_555 A ILE 165 N ? ? A MSE 148 A ILE 149 1_555 ? ? ? ? ? ? ? 1.384 ? ? 
metalc1 metalc ?    ? B NA  .   NA ? ? ? 1_555 G HOH .   O ? ? A NA  501 A HOH 509 1_555 ? ? ? ? ? ? ? 2.857 ? ? 
metalc2 metalc ?    ? B NA  .   NA ? ? ? 1_555 G HOH .   O ? ? A NA  501 A HOH 509 3_655 ? ? ? ? ? ? ? 2.589 ? ? 
metalc3 metalc ?    ? D NA  .   NA ? ? ? 1_555 G HOH .   O ? ? A NA  503 A HOH 540 1_555 ? ? ? ? ? ? ? 2.675 ? ? 
metalc4 metalc ?    ? D NA  .   NA ? ? ? 1_555 G HOH .   O ? ? A NA  503 A HOH 668 1_555 ? ? ? ? ? ? ? 2.623 ? ? 
metalc5 metalc ?    ? E NA  .   NA ? ? ? 1_555 G HOH .   O ? ? A NA  504 A HOH 584 1_555 ? ? ? ? ? ? ? 2.641 ? ? 
# 
loop_
_struct_conn_type.id 
_struct_conn_type.criteria 
_struct_conn_type.reference 
covale ? ? 
metalc ? ? 
# 
loop_
_pdbx_struct_conn_angle.id 
_pdbx_struct_conn_angle.ptnr1_label_atom_id 
_pdbx_struct_conn_angle.ptnr1_label_alt_id 
_pdbx_struct_conn_angle.ptnr1_label_asym_id 
_pdbx_struct_conn_angle.ptnr1_label_comp_id 
_pdbx_struct_conn_angle.ptnr1_label_seq_id 
_pdbx_struct_conn_angle.ptnr1_auth_atom_id 
_pdbx_struct_conn_angle.ptnr1_auth_asym_id 
_pdbx_struct_conn_angle.ptnr1_auth_comp_id 
_pdbx_struct_conn_angle.ptnr1_auth_seq_id 
_pdbx_struct_conn_angle.ptnr1_PDB_ins_code 
_pdbx_struct_conn_angle.ptnr1_symmetry 
_pdbx_struct_conn_angle.ptnr2_label_atom_id 
_pdbx_struct_conn_angle.ptnr2_label_alt_id 
_pdbx_struct_conn_angle.ptnr2_label_asym_id 
_pdbx_struct_conn_angle.ptnr2_label_comp_id 
_pdbx_struct_conn_angle.ptnr2_label_seq_id 
_pdbx_struct_conn_angle.ptnr2_auth_atom_id 
_pdbx_struct_conn_angle.ptnr2_auth_asym_id 
_pdbx_struct_conn_angle.ptnr2_auth_comp_id 
_pdbx_struct_conn_angle.ptnr2_auth_seq_id 
_pdbx_struct_conn_angle.ptnr2_PDB_ins_code 
_pdbx_struct_conn_angle.ptnr2_symmetry 
_pdbx_struct_conn_angle.ptnr3_label_atom_id 
_pdbx_struct_conn_angle.ptnr3_label_alt_id 
_pdbx_struct_conn_angle.ptnr3_label_asym_id 
_pdbx_struct_conn_angle.ptnr3_label_comp_id 
_pdbx_struct_conn_angle.ptnr3_label_seq_id 
_pdbx_struct_conn_angle.ptnr3_auth_atom_id 
_pdbx_struct_conn_angle.ptnr3_auth_asym_id 
_pdbx_struct_conn_angle.ptnr3_auth_comp_id 
_pdbx_struct_conn_angle.ptnr3_auth_seq_id 
_pdbx_struct_conn_angle.ptnr3_PDB_ins_code 
_pdbx_struct_conn_angle.ptnr3_symmetry 
_pdbx_struct_conn_angle.value 
_pdbx_struct_conn_angle.value_esd 
1 O ? G HOH . ? A HOH 509 ? 1_555 NA ? B NA . ? A NA 501 ? 1_555 O ? G HOH . ? A HOH 509 ? 3_655 93.0  ? 
2 O ? G HOH . ? A HOH 540 ? 1_555 NA ? D NA . ? A NA 503 ? 1_555 O ? G HOH . ? A HOH 668 ? 1_555 115.6 ? 
# 
loop_
_pdbx_modification_feature.ordinal 
_pdbx_modification_feature.label_comp_id 
_pdbx_modification_feature.label_asym_id 
_pdbx_modification_feature.label_seq_id 
_pdbx_modification_feature.label_alt_id 
_pdbx_modification_feature.modified_residue_label_comp_id 
_pdbx_modification_feature.modified_residue_label_asym_id 
_pdbx_modification_feature.modified_residue_label_seq_id 
_pdbx_modification_feature.modified_residue_label_alt_id 
_pdbx_modification_feature.auth_comp_id 
_pdbx_modification_feature.auth_asym_id 
_pdbx_modification_feature.auth_seq_id 
_pdbx_modification_feature.PDB_ins_code 
_pdbx_modification_feature.symmetry 
_pdbx_modification_feature.modified_residue_auth_comp_id 
_pdbx_modification_feature.modified_residue_auth_asym_id 
_pdbx_modification_feature.modified_residue_auth_seq_id 
_pdbx_modification_feature.modified_residue_PDB_ins_code 
_pdbx_modification_feature.modified_residue_symmetry 
_pdbx_modification_feature.comp_id_linking_atom 
_pdbx_modification_feature.modified_residue_id_linking_atom 
_pdbx_modification_feature.modified_residue_id 
_pdbx_modification_feature.ref_pcm_id 
_pdbx_modification_feature.ref_comp_id 
_pdbx_modification_feature.type 
_pdbx_modification_feature.category 
1 MSE A 41  A . . . . MSE A 25  ? 1_555 . . . . . . . MET 1 MSE Selenomethionine 'Named protein modification' 
2 MSE A 41  B . . . . MSE A 25  ? 1_555 . . . . . . . MET 1 MSE Selenomethionine 'Named protein modification' 
3 MSE A 151 ? . . . . MSE A 135 ? 1_555 . . . . . . . MET 1 MSE Selenomethionine 'Named protein modification' 
4 MSE A 164 ? . . . . MSE A 148 ? 1_555 . . . . . . . MET 1 MSE Selenomethionine 'Named protein modification' 
# 
loop_
_struct_mon_prot_cis.pdbx_id 
_struct_mon_prot_cis.label_comp_id 
_struct_mon_prot_cis.label_seq_id 
_struct_mon_prot_cis.label_asym_id 
_struct_mon_prot_cis.label_alt_id 
_struct_mon_prot_cis.pdbx_PDB_ins_code 
_struct_mon_prot_cis.auth_comp_id 
_struct_mon_prot_cis.auth_seq_id 
_struct_mon_prot_cis.auth_asym_id 
_struct_mon_prot_cis.pdbx_label_comp_id_2 
_struct_mon_prot_cis.pdbx_label_seq_id_2 
_struct_mon_prot_cis.pdbx_label_asym_id_2 
_struct_mon_prot_cis.pdbx_PDB_ins_code_2 
_struct_mon_prot_cis.pdbx_auth_comp_id_2 
_struct_mon_prot_cis.pdbx_auth_seq_id_2 
_struct_mon_prot_cis.pdbx_auth_asym_id_2 
_struct_mon_prot_cis.pdbx_PDB_model_num 
_struct_mon_prot_cis.pdbx_omega_angle 
1 GLN 58  A . ? GLN 42  A PRO 59  A ? PRO 43  A 1 10.85 
2 PHE 184 A . ? PHE 168 A PRO 185 A ? PRO 169 A 1 1.37  
# 
loop_
_struct_sheet.id 
_struct_sheet.type 
_struct_sheet.number_strands 
_struct_sheet.details 
A ? 6 ? 
B ? 3 ? 
# 
loop_
_struct_sheet_order.sheet_id 
_struct_sheet_order.range_id_1 
_struct_sheet_order.range_id_2 
_struct_sheet_order.offset 
_struct_sheet_order.sense 
A 1 2 ? anti-parallel 
A 2 3 ? anti-parallel 
A 3 4 ? parallel      
A 4 5 ? parallel      
A 5 6 ? parallel      
B 1 2 ? anti-parallel 
B 2 3 ? anti-parallel 
# 
loop_
_struct_sheet_range.sheet_id 
_struct_sheet_range.id 
_struct_sheet_range.beg_label_comp_id 
_struct_sheet_range.beg_label_asym_id 
_struct_sheet_range.beg_label_seq_id 
_struct_sheet_range.pdbx_beg_PDB_ins_code 
_struct_sheet_range.end_label_comp_id 
_struct_sheet_range.end_label_asym_id 
_struct_sheet_range.end_label_seq_id 
_struct_sheet_range.pdbx_end_PDB_ins_code 
_struct_sheet_range.beg_auth_comp_id 
_struct_sheet_range.beg_auth_asym_id 
_struct_sheet_range.beg_auth_seq_id 
_struct_sheet_range.end_auth_comp_id 
_struct_sheet_range.end_auth_asym_id 
_struct_sheet_range.end_auth_seq_id 
A 1 VAL A 48  ? ALA A 49  ? VAL A 32  ALA A 33  
A 2 ARG A 197 ? ILE A 201 ? ARG A 181 ILE A 185 
A 3 ASP A 189 ? CYS A 194 ? ASP A 173 CYS A 178 
A 4 THR A 138 ? GLN A 142 ? THR A 122 GLN A 126 
A 5 PHE A 110 ? THR A 113 ? PHE A 94  THR A 97  
A 6 VAL A 78  ? LEU A 80  ? VAL A 62  LEU A 64  
B 1 ARG A 163 ? ILE A 165 ? ARG A 147 ILE A 149 
B 2 LEU A 152 ? THR A 155 ? LEU A 136 THR A 139 
B 3 HIS A 206 ? VAL A 209 ? HIS A 190 VAL A 193 
# 
loop_
_pdbx_struct_sheet_hbond.sheet_id 
_pdbx_struct_sheet_hbond.range_id_1 
_pdbx_struct_sheet_hbond.range_id_2 
_pdbx_struct_sheet_hbond.range_1_label_atom_id 
_pdbx_struct_sheet_hbond.range_1_label_comp_id 
_pdbx_struct_sheet_hbond.range_1_label_asym_id 
_pdbx_struct_sheet_hbond.range_1_label_seq_id 
_pdbx_struct_sheet_hbond.range_1_PDB_ins_code 
_pdbx_struct_sheet_hbond.range_1_auth_atom_id 
_pdbx_struct_sheet_hbond.range_1_auth_comp_id 
_pdbx_struct_sheet_hbond.range_1_auth_asym_id 
_pdbx_struct_sheet_hbond.range_1_auth_seq_id 
_pdbx_struct_sheet_hbond.range_2_label_atom_id 
_pdbx_struct_sheet_hbond.range_2_label_comp_id 
_pdbx_struct_sheet_hbond.range_2_label_asym_id 
_pdbx_struct_sheet_hbond.range_2_label_seq_id 
_pdbx_struct_sheet_hbond.range_2_PDB_ins_code 
_pdbx_struct_sheet_hbond.range_2_auth_atom_id 
_pdbx_struct_sheet_hbond.range_2_auth_comp_id 
_pdbx_struct_sheet_hbond.range_2_auth_asym_id 
_pdbx_struct_sheet_hbond.range_2_auth_seq_id 
A 1 2 N VAL A 48  ? N VAL A 32  O LEU A 198 ? O LEU A 182 
A 2 3 O ILE A 201 ? O ILE A 185 N LEU A 190 ? N LEU A 174 
A 3 4 O ILE A 191 ? O ILE A 175 N LEU A 139 ? N LEU A 123 
A 4 5 O ILE A 140 ? O ILE A 124 N ALA A 111 ? N ALA A 95  
A 5 6 O VAL A 112 ? O VAL A 96  N TRP A 79  ? N TRP A 63  
B 1 2 O ILE A 165 ? O ILE A 149 N LEU A 152 ? N LEU A 136 
B 2 3 N THR A 155 ? N THR A 139 O HIS A 206 ? O HIS A 190 
# 
loop_
_struct_site.id 
_struct_site.pdbx_evidence_code 
_struct_site.pdbx_auth_asym_id 
_struct_site.pdbx_auth_comp_id 
_struct_site.pdbx_auth_seq_id 
_struct_site.pdbx_auth_ins_code 
_struct_site.pdbx_num_residues 
_struct_site.details 
AC1 Software A NA  501 ? 3 'BINDING SITE FOR RESIDUE NA A 501'  
AC2 Software A ACT 502 ? 8 'BINDING SITE FOR RESIDUE ACT A 502' 
AC3 Software A NA  503 ? 3 'BINDING SITE FOR RESIDUE NA A 503'  
AC4 Software A NA  504 ? 2 'BINDING SITE FOR RESIDUE NA A 504'  
AC5 Software A NA  505 ? 1 'BINDING SITE FOR RESIDUE NA A 505'  
# 
loop_
_struct_site_gen.id 
_struct_site_gen.site_id 
_struct_site_gen.pdbx_num_res 
_struct_site_gen.label_comp_id 
_struct_site_gen.label_asym_id 
_struct_site_gen.label_seq_id 
_struct_site_gen.pdbx_auth_ins_code 
_struct_site_gen.auth_comp_id 
_struct_site_gen.auth_asym_id 
_struct_site_gen.auth_seq_id 
_struct_site_gen.label_atom_id 
_struct_site_gen.label_alt_id 
_struct_site_gen.symmetry 
_struct_site_gen.details 
1  AC1 3 LEU A 169 ? LEU A 153 . ? 3_655 ? 
2  AC1 3 HOH G .   ? HOH A 509 . ? 3_655 ? 
3  AC1 3 HOH G .   ? HOH A 509 . ? 1_555 ? 
4  AC2 8 PRO A 105 ? PRO A 89  . ? 1_555 ? 
5  AC2 8 GLU A 106 ? GLU A 90  . ? 1_555 ? 
6  AC2 8 ALA A 108 ? ALA A 92  . ? 1_555 ? 
7  AC2 8 ALA A 124 ? ALA A 108 . ? 1_555 ? 
8  AC2 8 LEU A 125 ? LEU A 109 . ? 1_555 ? 
9  AC2 8 SER A 126 ? SER A 110 . ? 1_555 ? 
10 AC2 8 HOH G .   ? HOH A 627 . ? 1_555 ? 
11 AC2 8 HOH G .   ? HOH A 674 . ? 1_555 ? 
12 AC3 3 PHE A 110 ? PHE A 94  . ? 1_555 ? 
13 AC3 3 HOH G .   ? HOH A 540 . ? 1_555 ? 
14 AC3 3 HOH G .   ? HOH A 668 . ? 1_555 ? 
15 AC4 2 HOH G .   ? HOH A 584 . ? 1_555 ? 
16 AC4 2 HOH G .   ? HOH A 631 . ? 3_655 ? 
17 AC5 1 MSE A 41  ? MSE A 25  . ? 1_555 ? 
# 
_pdbx_entry_details.entry_id                   2FSU 
_pdbx_entry_details.compound_details           ? 
_pdbx_entry_details.source_details             ? 
_pdbx_entry_details.nonpolymer_details         ? 
_pdbx_entry_details.sequence_details           ? 
_pdbx_entry_details.has_ligand_of_interest     ? 
_pdbx_entry_details.has_protein_modification   Y 
# 
loop_
_pdbx_validate_close_contact.id 
_pdbx_validate_close_contact.PDB_model_num 
_pdbx_validate_close_contact.auth_atom_id_1 
_pdbx_validate_close_contact.auth_asym_id_1 
_pdbx_validate_close_contact.auth_comp_id_1 
_pdbx_validate_close_contact.auth_seq_id_1 
_pdbx_validate_close_contact.PDB_ins_code_1 
_pdbx_validate_close_contact.label_alt_id_1 
_pdbx_validate_close_contact.auth_atom_id_2 
_pdbx_validate_close_contact.auth_asym_id_2 
_pdbx_validate_close_contact.auth_comp_id_2 
_pdbx_validate_close_contact.auth_seq_id_2 
_pdbx_validate_close_contact.PDB_ins_code_2 
_pdbx_validate_close_contact.label_alt_id_2 
_pdbx_validate_close_contact.dist 
1 1 N   A GLY 120 ? ? O A HOH 508 ? ? 2.03 
2 1 OE1 A GLU 192 ? ? O A HOH 686 ? ? 2.04 
3 1 O   A ACT 502 ? ? O A HOH 674 ? ? 2.05 
4 1 CD  A GLU 192 ? ? O A HOH 686 ? ? 2.11 
# 
_pdbx_validate_symm_contact.id                1 
_pdbx_validate_symm_contact.PDB_model_num     1 
_pdbx_validate_symm_contact.auth_atom_id_1    OE1 
_pdbx_validate_symm_contact.auth_asym_id_1    A 
_pdbx_validate_symm_contact.auth_comp_id_1    GLU 
_pdbx_validate_symm_contact.auth_seq_id_1     99 
_pdbx_validate_symm_contact.PDB_ins_code_1    ? 
_pdbx_validate_symm_contact.label_alt_id_1    ? 
_pdbx_validate_symm_contact.site_symmetry_1   1_555 
_pdbx_validate_symm_contact.auth_atom_id_2    O 
_pdbx_validate_symm_contact.auth_asym_id_2    A 
_pdbx_validate_symm_contact.auth_comp_id_2    HOH 
_pdbx_validate_symm_contact.auth_seq_id_2     655 
_pdbx_validate_symm_contact.PDB_ins_code_2    ? 
_pdbx_validate_symm_contact.label_alt_id_2    ? 
_pdbx_validate_symm_contact.site_symmetry_2   3_655 
_pdbx_validate_symm_contact.dist              1.99 
# 
_pdbx_validate_rmsd_bond.id                        1 
_pdbx_validate_rmsd_bond.PDB_model_num             1 
_pdbx_validate_rmsd_bond.auth_atom_id_1            CG 
_pdbx_validate_rmsd_bond.auth_asym_id_1            A 
_pdbx_validate_rmsd_bond.auth_comp_id_1            TRP 
_pdbx_validate_rmsd_bond.auth_seq_id_1             63 
_pdbx_validate_rmsd_bond.PDB_ins_code_1            ? 
_pdbx_validate_rmsd_bond.label_alt_id_1            ? 
_pdbx_validate_rmsd_bond.auth_atom_id_2            CD1 
_pdbx_validate_rmsd_bond.auth_asym_id_2            A 
_pdbx_validate_rmsd_bond.auth_comp_id_2            TRP 
_pdbx_validate_rmsd_bond.auth_seq_id_2             63 
_pdbx_validate_rmsd_bond.PDB_ins_code_2            ? 
_pdbx_validate_rmsd_bond.label_alt_id_2            ? 
_pdbx_validate_rmsd_bond.bond_value                1.462 
_pdbx_validate_rmsd_bond.bond_target_value         1.363 
_pdbx_validate_rmsd_bond.bond_deviation            0.099 
_pdbx_validate_rmsd_bond.bond_standard_deviation   0.014 
_pdbx_validate_rmsd_bond.linker_flag               N 
# 
loop_
_pdbx_validate_rmsd_angle.id 
_pdbx_validate_rmsd_angle.PDB_model_num 
_pdbx_validate_rmsd_angle.auth_atom_id_1 
_pdbx_validate_rmsd_angle.auth_asym_id_1 
_pdbx_validate_rmsd_angle.auth_comp_id_1 
_pdbx_validate_rmsd_angle.auth_seq_id_1 
_pdbx_validate_rmsd_angle.PDB_ins_code_1 
_pdbx_validate_rmsd_angle.label_alt_id_1 
_pdbx_validate_rmsd_angle.auth_atom_id_2 
_pdbx_validate_rmsd_angle.auth_asym_id_2 
_pdbx_validate_rmsd_angle.auth_comp_id_2 
_pdbx_validate_rmsd_angle.auth_seq_id_2 
_pdbx_validate_rmsd_angle.PDB_ins_code_2 
_pdbx_validate_rmsd_angle.label_alt_id_2 
_pdbx_validate_rmsd_angle.auth_atom_id_3 
_pdbx_validate_rmsd_angle.auth_asym_id_3 
_pdbx_validate_rmsd_angle.auth_comp_id_3 
_pdbx_validate_rmsd_angle.auth_seq_id_3 
_pdbx_validate_rmsd_angle.PDB_ins_code_3 
_pdbx_validate_rmsd_angle.label_alt_id_3 
_pdbx_validate_rmsd_angle.angle_value 
_pdbx_validate_rmsd_angle.angle_target_value 
_pdbx_validate_rmsd_angle.angle_deviation 
_pdbx_validate_rmsd_angle.angle_standard_deviation 
_pdbx_validate_rmsd_angle.linker_flag 
1 1 CA A LEU 34  ? ? CB A LEU 34  ? ? CG  A LEU 34  ? ? 131.61 115.30 16.31 2.30 N 
2 1 NE A ARG 78  ? ? CZ A ARG 78  ? ? NH1 A ARG 78  ? ? 116.31 120.30 -3.99 0.50 N 
3 1 N  A PRO 169 ? ? CA A PRO 169 ? ? CB  A PRO 169 ? ? 111.49 102.60 8.89  1.10 N 
# 
loop_
_pdbx_validate_torsion.id 
_pdbx_validate_torsion.PDB_model_num 
_pdbx_validate_torsion.auth_comp_id 
_pdbx_validate_torsion.auth_asym_id 
_pdbx_validate_torsion.auth_seq_id 
_pdbx_validate_torsion.PDB_ins_code 
_pdbx_validate_torsion.label_alt_id 
_pdbx_validate_torsion.phi 
_pdbx_validate_torsion.psi 
1 1 ASP A 57  ? ? -148.24 -158.74 
2 1 ASN A 82  ? ? 51.39   17.64   
3 1 ASP A 98  ? ? -104.27 -164.31 
4 1 ALA A 150 ? ? -149.23 55.30   
# 
_pdbx_validate_polymer_linkage.id               1 
_pdbx_validate_polymer_linkage.PDB_model_num    1 
_pdbx_validate_polymer_linkage.auth_atom_id_1   C 
_pdbx_validate_polymer_linkage.auth_asym_id_1   A 
_pdbx_validate_polymer_linkage.auth_comp_id_1   SER 
_pdbx_validate_polymer_linkage.auth_seq_id_1    50 
_pdbx_validate_polymer_linkage.PDB_ins_code_1   ? 
_pdbx_validate_polymer_linkage.label_alt_id_1   ? 
_pdbx_validate_polymer_linkage.auth_atom_id_2   N 
_pdbx_validate_polymer_linkage.auth_asym_id_2   A 
_pdbx_validate_polymer_linkage.auth_comp_id_2   VAL 
_pdbx_validate_polymer_linkage.auth_seq_id_2    51 
_pdbx_validate_polymer_linkage.PDB_ins_code_2   ? 
_pdbx_validate_polymer_linkage.label_alt_id_2   ? 
_pdbx_validate_polymer_linkage.dist             1.20 
# 
_pdbx_SG_project.id                    1 
_pdbx_SG_project.project_name          ? 
_pdbx_SG_project.full_name_of_center   'Montreal-Kingston Bacterial Structural Genomics Initiative' 
_pdbx_SG_project.initial_of_center     BSGI 
# 
loop_
_pdbx_struct_mod_residue.id 
_pdbx_struct_mod_residue.label_asym_id 
_pdbx_struct_mod_residue.label_comp_id 
_pdbx_struct_mod_residue.label_seq_id 
_pdbx_struct_mod_residue.auth_asym_id 
_pdbx_struct_mod_residue.auth_comp_id 
_pdbx_struct_mod_residue.auth_seq_id 
_pdbx_struct_mod_residue.PDB_ins_code 
_pdbx_struct_mod_residue.parent_comp_id 
_pdbx_struct_mod_residue.details 
1 A MSE 41  A MSE 25  ? MET SELENOMETHIONINE 
2 A MSE 151 A MSE 135 ? MET SELENOMETHIONINE 
3 A MSE 164 A MSE 148 ? MET SELENOMETHIONINE 
# 
loop_
_pdbx_struct_special_symmetry.id 
_pdbx_struct_special_symmetry.PDB_model_num 
_pdbx_struct_special_symmetry.auth_asym_id 
_pdbx_struct_special_symmetry.auth_comp_id 
_pdbx_struct_special_symmetry.auth_seq_id 
_pdbx_struct_special_symmetry.PDB_ins_code 
_pdbx_struct_special_symmetry.label_asym_id 
_pdbx_struct_special_symmetry.label_comp_id 
_pdbx_struct_special_symmetry.label_seq_id 
1 1 A NA  501 ? B NA  . 
2 1 A HOH 671 ? G HOH . 
# 
loop_
_pdbx_unobs_or_zero_occ_residues.id 
_pdbx_unobs_or_zero_occ_residues.PDB_model_num 
_pdbx_unobs_or_zero_occ_residues.polymer_flag 
_pdbx_unobs_or_zero_occ_residues.occupancy_flag 
_pdbx_unobs_or_zero_occ_residues.auth_asym_id 
_pdbx_unobs_or_zero_occ_residues.auth_comp_id 
_pdbx_unobs_or_zero_occ_residues.auth_seq_id 
_pdbx_unobs_or_zero_occ_residues.PDB_ins_code 
_pdbx_unobs_or_zero_occ_residues.label_asym_id 
_pdbx_unobs_or_zero_occ_residues.label_comp_id 
_pdbx_unobs_or_zero_occ_residues.label_seq_id 
1  1 Y 1 A MSE -15 ? A MSE 1   
2  1 Y 1 A ARG -14 ? A ARG 2   
3  1 Y 1 A GLY -13 ? A GLY 3   
4  1 Y 1 A SER -12 ? A SER 4   
5  1 Y 1 A HIS -11 ? A HIS 5   
6  1 Y 1 A HIS -10 ? A HIS 6   
7  1 Y 1 A HIS -9  ? A HIS 7   
8  1 Y 1 A HIS -8  ? A HIS 8   
9  1 Y 1 A HIS -7  ? A HIS 9   
10 1 Y 1 A HIS -6  ? A HIS 10  
11 1 Y 1 A GLY -5  ? A GLY 11  
12 1 Y 1 A SER -4  ? A SER 12  
13 1 Y 1 A GLY -3  ? A GLY 13  
14 1 Y 1 A SER -2  ? A SER 14  
15 1 Y 1 A MSE -1  ? A MSE 15  
16 1 Y 1 A GLY 0   ? A GLY 16  
17 1 Y 1 A MSE 1   ? A MSE 17  
18 1 Y 1 A THR 2   ? A THR 18  
19 1 Y 1 A LEU 3   ? A LEU 19  
20 1 Y 1 A GLU 4   ? A GLU 20  
21 1 Y 1 A THR 5   ? A THR 21  
22 1 Y 1 A ALA 6   ? A ALA 22  
23 1 Y 1 A PHE 7   ? A PHE 23  
24 1 Y 1 A MSE 8   ? A MSE 24  
25 1 Y 1 A LEU 9   ? A LEU 25  
26 1 Y 1 A PRO 10  ? A PRO 26  
27 1 Y 1 A VAL 11  ? A VAL 27  
28 1 Y 1 A THR 111 ? A THR 127 
29 1 Y 1 A GLY 112 ? A GLY 128 
30 1 Y 1 A THR 113 ? A THR 129 
31 1 Y 1 A ALA 114 ? A ALA 130 
32 1 Y 1 A VAL 115 ? A VAL 131 
33 1 Y 1 A ALA 116 ? A ALA 132 
34 1 Y 1 A PRO 117 ? A PRO 133 
35 1 Y 1 A GLU 118 ? A GLU 134 
36 1 Y 1 A ALA 119 ? A ALA 135 
37 1 Y 1 A ALA 141 ? A ALA 157 
38 1 Y 1 A GLY 142 ? A GLY 158 
39 1 Y 1 A ILE 143 ? A ILE 159 
40 1 Y 1 A ALA 144 ? A ALA 160 
# 
loop_
_chem_comp_atom.comp_id 
_chem_comp_atom.atom_id 
_chem_comp_atom.type_symbol 
_chem_comp_atom.pdbx_aromatic_flag 
_chem_comp_atom.pdbx_stereo_config 
_chem_comp_atom.pdbx_ordinal 
ACT C    C  N N 1   
ACT O    O  N N 2   
ACT OXT  O  N N 3   
ACT CH3  C  N N 4   
ACT H1   H  N N 5   
ACT H2   H  N N 6   
ACT H3   H  N N 7   
ALA N    N  N N 8   
ALA CA   C  N S 9   
ALA C    C  N N 10  
ALA O    O  N N 11  
ALA CB   C  N N 12  
ALA OXT  O  N N 13  
ALA H    H  N N 14  
ALA H2   H  N N 15  
ALA HA   H  N N 16  
ALA HB1  H  N N 17  
ALA HB2  H  N N 18  
ALA HB3  H  N N 19  
ALA HXT  H  N N 20  
ARG N    N  N N 21  
ARG CA   C  N S 22  
ARG C    C  N N 23  
ARG O    O  N N 24  
ARG CB   C  N N 25  
ARG CG   C  N N 26  
ARG CD   C  N N 27  
ARG NE   N  N N 28  
ARG CZ   C  N N 29  
ARG NH1  N  N N 30  
ARG NH2  N  N N 31  
ARG OXT  O  N N 32  
ARG H    H  N N 33  
ARG H2   H  N N 34  
ARG HA   H  N N 35  
ARG HB2  H  N N 36  
ARG HB3  H  N N 37  
ARG HG2  H  N N 38  
ARG HG3  H  N N 39  
ARG HD2  H  N N 40  
ARG HD3  H  N N 41  
ARG HE   H  N N 42  
ARG HH11 H  N N 43  
ARG HH12 H  N N 44  
ARG HH21 H  N N 45  
ARG HH22 H  N N 46  
ARG HXT  H  N N 47  
ASN N    N  N N 48  
ASN CA   C  N S 49  
ASN C    C  N N 50  
ASN O    O  N N 51  
ASN CB   C  N N 52  
ASN CG   C  N N 53  
ASN OD1  O  N N 54  
ASN ND2  N  N N 55  
ASN OXT  O  N N 56  
ASN H    H  N N 57  
ASN H2   H  N N 58  
ASN HA   H  N N 59  
ASN HB2  H  N N 60  
ASN HB3  H  N N 61  
ASN HD21 H  N N 62  
ASN HD22 H  N N 63  
ASN HXT  H  N N 64  
ASP N    N  N N 65  
ASP CA   C  N S 66  
ASP C    C  N N 67  
ASP O    O  N N 68  
ASP CB   C  N N 69  
ASP CG   C  N N 70  
ASP OD1  O  N N 71  
ASP OD2  O  N N 72  
ASP OXT  O  N N 73  
ASP H    H  N N 74  
ASP H2   H  N N 75  
ASP HA   H  N N 76  
ASP HB2  H  N N 77  
ASP HB3  H  N N 78  
ASP HD2  H  N N 79  
ASP HXT  H  N N 80  
CYS N    N  N N 81  
CYS CA   C  N R 82  
CYS C    C  N N 83  
CYS O    O  N N 84  
CYS CB   C  N N 85  
CYS SG   S  N N 86  
CYS OXT  O  N N 87  
CYS H    H  N N 88  
CYS H2   H  N N 89  
CYS HA   H  N N 90  
CYS HB2  H  N N 91  
CYS HB3  H  N N 92  
CYS HG   H  N N 93  
CYS HXT  H  N N 94  
GLN N    N  N N 95  
GLN CA   C  N S 96  
GLN C    C  N N 97  
GLN O    O  N N 98  
GLN CB   C  N N 99  
GLN CG   C  N N 100 
GLN CD   C  N N 101 
GLN OE1  O  N N 102 
GLN NE2  N  N N 103 
GLN OXT  O  N N 104 
GLN H    H  N N 105 
GLN H2   H  N N 106 
GLN HA   H  N N 107 
GLN HB2  H  N N 108 
GLN HB3  H  N N 109 
GLN HG2  H  N N 110 
GLN HG3  H  N N 111 
GLN HE21 H  N N 112 
GLN HE22 H  N N 113 
GLN HXT  H  N N 114 
GLU N    N  N N 115 
GLU CA   C  N S 116 
GLU C    C  N N 117 
GLU O    O  N N 118 
GLU CB   C  N N 119 
GLU CG   C  N N 120 
GLU CD   C  N N 121 
GLU OE1  O  N N 122 
GLU OE2  O  N N 123 
GLU OXT  O  N N 124 
GLU H    H  N N 125 
GLU H2   H  N N 126 
GLU HA   H  N N 127 
GLU HB2  H  N N 128 
GLU HB3  H  N N 129 
GLU HG2  H  N N 130 
GLU HG3  H  N N 131 
GLU HE2  H  N N 132 
GLU HXT  H  N N 133 
GLY N    N  N N 134 
GLY CA   C  N N 135 
GLY C    C  N N 136 
GLY O    O  N N 137 
GLY OXT  O  N N 138 
GLY H    H  N N 139 
GLY H2   H  N N 140 
GLY HA2  H  N N 141 
GLY HA3  H  N N 142 
GLY HXT  H  N N 143 
HIS N    N  N N 144 
HIS CA   C  N S 145 
HIS C    C  N N 146 
HIS O    O  N N 147 
HIS CB   C  N N 148 
HIS CG   C  Y N 149 
HIS ND1  N  Y N 150 
HIS CD2  C  Y N 151 
HIS CE1  C  Y N 152 
HIS NE2  N  Y N 153 
HIS OXT  O  N N 154 
HIS H    H  N N 155 
HIS H2   H  N N 156 
HIS HA   H  N N 157 
HIS HB2  H  N N 158 
HIS HB3  H  N N 159 
HIS HD1  H  N N 160 
HIS HD2  H  N N 161 
HIS HE1  H  N N 162 
HIS HE2  H  N N 163 
HIS HXT  H  N N 164 
HOH O    O  N N 165 
HOH H1   H  N N 166 
HOH H2   H  N N 167 
ILE N    N  N N 168 
ILE CA   C  N S 169 
ILE C    C  N N 170 
ILE O    O  N N 171 
ILE CB   C  N S 172 
ILE CG1  C  N N 173 
ILE CG2  C  N N 174 
ILE CD1  C  N N 175 
ILE OXT  O  N N 176 
ILE H    H  N N 177 
ILE H2   H  N N 178 
ILE HA   H  N N 179 
ILE HB   H  N N 180 
ILE HG12 H  N N 181 
ILE HG13 H  N N 182 
ILE HG21 H  N N 183 
ILE HG22 H  N N 184 
ILE HG23 H  N N 185 
ILE HD11 H  N N 186 
ILE HD12 H  N N 187 
ILE HD13 H  N N 188 
ILE HXT  H  N N 189 
LEU N    N  N N 190 
LEU CA   C  N S 191 
LEU C    C  N N 192 
LEU O    O  N N 193 
LEU CB   C  N N 194 
LEU CG   C  N N 195 
LEU CD1  C  N N 196 
LEU CD2  C  N N 197 
LEU OXT  O  N N 198 
LEU H    H  N N 199 
LEU H2   H  N N 200 
LEU HA   H  N N 201 
LEU HB2  H  N N 202 
LEU HB3  H  N N 203 
LEU HG   H  N N 204 
LEU HD11 H  N N 205 
LEU HD12 H  N N 206 
LEU HD13 H  N N 207 
LEU HD21 H  N N 208 
LEU HD22 H  N N 209 
LEU HD23 H  N N 210 
LEU HXT  H  N N 211 
LYS N    N  N N 212 
LYS CA   C  N S 213 
LYS C    C  N N 214 
LYS O    O  N N 215 
LYS CB   C  N N 216 
LYS CG   C  N N 217 
LYS CD   C  N N 218 
LYS CE   C  N N 219 
LYS NZ   N  N N 220 
LYS OXT  O  N N 221 
LYS H    H  N N 222 
LYS H2   H  N N 223 
LYS HA   H  N N 224 
LYS HB2  H  N N 225 
LYS HB3  H  N N 226 
LYS HG2  H  N N 227 
LYS HG3  H  N N 228 
LYS HD2  H  N N 229 
LYS HD3  H  N N 230 
LYS HE2  H  N N 231 
LYS HE3  H  N N 232 
LYS HZ1  H  N N 233 
LYS HZ2  H  N N 234 
LYS HZ3  H  N N 235 
LYS HXT  H  N N 236 
MET N    N  N N 237 
MET CA   C  N S 238 
MET C    C  N N 239 
MET O    O  N N 240 
MET CB   C  N N 241 
MET CG   C  N N 242 
MET SD   S  N N 243 
MET CE   C  N N 244 
MET OXT  O  N N 245 
MET H    H  N N 246 
MET H2   H  N N 247 
MET HA   H  N N 248 
MET HB2  H  N N 249 
MET HB3  H  N N 250 
MET HG2  H  N N 251 
MET HG3  H  N N 252 
MET HE1  H  N N 253 
MET HE2  H  N N 254 
MET HE3  H  N N 255 
MET HXT  H  N N 256 
MSE N    N  N N 257 
MSE CA   C  N S 258 
MSE C    C  N N 259 
MSE O    O  N N 260 
MSE OXT  O  N N 261 
MSE CB   C  N N 262 
MSE CG   C  N N 263 
MSE SE   SE N N 264 
MSE CE   C  N N 265 
MSE H    H  N N 266 
MSE H2   H  N N 267 
MSE HA   H  N N 268 
MSE HXT  H  N N 269 
MSE HB2  H  N N 270 
MSE HB3  H  N N 271 
MSE HG2  H  N N 272 
MSE HG3  H  N N 273 
MSE HE1  H  N N 274 
MSE HE2  H  N N 275 
MSE HE3  H  N N 276 
NA  NA   NA N N 277 
PHE N    N  N N 278 
PHE CA   C  N S 279 
PHE C    C  N N 280 
PHE O    O  N N 281 
PHE CB   C  N N 282 
PHE CG   C  Y N 283 
PHE CD1  C  Y N 284 
PHE CD2  C  Y N 285 
PHE CE1  C  Y N 286 
PHE CE2  C  Y N 287 
PHE CZ   C  Y N 288 
PHE OXT  O  N N 289 
PHE H    H  N N 290 
PHE H2   H  N N 291 
PHE HA   H  N N 292 
PHE HB2  H  N N 293 
PHE HB3  H  N N 294 
PHE HD1  H  N N 295 
PHE HD2  H  N N 296 
PHE HE1  H  N N 297 
PHE HE2  H  N N 298 
PHE HZ   H  N N 299 
PHE HXT  H  N N 300 
PRO N    N  N N 301 
PRO CA   C  N S 302 
PRO C    C  N N 303 
PRO O    O  N N 304 
PRO CB   C  N N 305 
PRO CG   C  N N 306 
PRO CD   C  N N 307 
PRO OXT  O  N N 308 
PRO H    H  N N 309 
PRO HA   H  N N 310 
PRO HB2  H  N N 311 
PRO HB3  H  N N 312 
PRO HG2  H  N N 313 
PRO HG3  H  N N 314 
PRO HD2  H  N N 315 
PRO HD3  H  N N 316 
PRO HXT  H  N N 317 
SER N    N  N N 318 
SER CA   C  N S 319 
SER C    C  N N 320 
SER O    O  N N 321 
SER CB   C  N N 322 
SER OG   O  N N 323 
SER OXT  O  N N 324 
SER H    H  N N 325 
SER H2   H  N N 326 
SER HA   H  N N 327 
SER HB2  H  N N 328 
SER HB3  H  N N 329 
SER HG   H  N N 330 
SER HXT  H  N N 331 
THR N    N  N N 332 
THR CA   C  N S 333 
THR C    C  N N 334 
THR O    O  N N 335 
THR CB   C  N R 336 
THR OG1  O  N N 337 
THR CG2  C  N N 338 
THR OXT  O  N N 339 
THR H    H  N N 340 
THR H2   H  N N 341 
THR HA   H  N N 342 
THR HB   H  N N 343 
THR HG1  H  N N 344 
THR HG21 H  N N 345 
THR HG22 H  N N 346 
THR HG23 H  N N 347 
THR HXT  H  N N 348 
TRP N    N  N N 349 
TRP CA   C  N S 350 
TRP C    C  N N 351 
TRP O    O  N N 352 
TRP CB   C  N N 353 
TRP CG   C  Y N 354 
TRP CD1  C  Y N 355 
TRP CD2  C  Y N 356 
TRP NE1  N  Y N 357 
TRP CE2  C  Y N 358 
TRP CE3  C  Y N 359 
TRP CZ2  C  Y N 360 
TRP CZ3  C  Y N 361 
TRP CH2  C  Y N 362 
TRP OXT  O  N N 363 
TRP H    H  N N 364 
TRP H2   H  N N 365 
TRP HA   H  N N 366 
TRP HB2  H  N N 367 
TRP HB3  H  N N 368 
TRP HD1  H  N N 369 
TRP HE1  H  N N 370 
TRP HE3  H  N N 371 
TRP HZ2  H  N N 372 
TRP HZ3  H  N N 373 
TRP HH2  H  N N 374 
TRP HXT  H  N N 375 
VAL N    N  N N 376 
VAL CA   C  N S 377 
VAL C    C  N N 378 
VAL O    O  N N 379 
VAL CB   C  N N 380 
VAL CG1  C  N N 381 
VAL CG2  C  N N 382 
VAL OXT  O  N N 383 
VAL H    H  N N 384 
VAL H2   H  N N 385 
VAL HA   H  N N 386 
VAL HB   H  N N 387 
VAL HG11 H  N N 388 
VAL HG12 H  N N 389 
VAL HG13 H  N N 390 
VAL HG21 H  N N 391 
VAL HG22 H  N N 392 
VAL HG23 H  N N 393 
VAL HXT  H  N N 394 
# 
loop_
_chem_comp_bond.comp_id 
_chem_comp_bond.atom_id_1 
_chem_comp_bond.atom_id_2 
_chem_comp_bond.value_order 
_chem_comp_bond.pdbx_aromatic_flag 
_chem_comp_bond.pdbx_stereo_config 
_chem_comp_bond.pdbx_ordinal 
ACT C   O    doub N N 1   
ACT C   OXT  sing N N 2   
ACT C   CH3  sing N N 3   
ACT CH3 H1   sing N N 4   
ACT CH3 H2   sing N N 5   
ACT CH3 H3   sing N N 6   
ALA N   CA   sing N N 7   
ALA N   H    sing N N 8   
ALA N   H2   sing N N 9   
ALA CA  C    sing N N 10  
ALA CA  CB   sing N N 11  
ALA CA  HA   sing N N 12  
ALA C   O    doub N N 13  
ALA C   OXT  sing N N 14  
ALA CB  HB1  sing N N 15  
ALA CB  HB2  sing N N 16  
ALA CB  HB3  sing N N 17  
ALA OXT HXT  sing N N 18  
ARG N   CA   sing N N 19  
ARG N   H    sing N N 20  
ARG N   H2   sing N N 21  
ARG CA  C    sing N N 22  
ARG CA  CB   sing N N 23  
ARG CA  HA   sing N N 24  
ARG C   O    doub N N 25  
ARG C   OXT  sing N N 26  
ARG CB  CG   sing N N 27  
ARG CB  HB2  sing N N 28  
ARG CB  HB3  sing N N 29  
ARG CG  CD   sing N N 30  
ARG CG  HG2  sing N N 31  
ARG CG  HG3  sing N N 32  
ARG CD  NE   sing N N 33  
ARG CD  HD2  sing N N 34  
ARG CD  HD3  sing N N 35  
ARG NE  CZ   sing N N 36  
ARG NE  HE   sing N N 37  
ARG CZ  NH1  sing N N 38  
ARG CZ  NH2  doub N N 39  
ARG NH1 HH11 sing N N 40  
ARG NH1 HH12 sing N N 41  
ARG NH2 HH21 sing N N 42  
ARG NH2 HH22 sing N N 43  
ARG OXT HXT  sing N N 44  
ASN N   CA   sing N N 45  
ASN N   H    sing N N 46  
ASN N   H2   sing N N 47  
ASN CA  C    sing N N 48  
ASN CA  CB   sing N N 49  
ASN CA  HA   sing N N 50  
ASN C   O    doub N N 51  
ASN C   OXT  sing N N 52  
ASN CB  CG   sing N N 53  
ASN CB  HB2  sing N N 54  
ASN CB  HB3  sing N N 55  
ASN CG  OD1  doub N N 56  
ASN CG  ND2  sing N N 57  
ASN ND2 HD21 sing N N 58  
ASN ND2 HD22 sing N N 59  
ASN OXT HXT  sing N N 60  
ASP N   CA   sing N N 61  
ASP N   H    sing N N 62  
ASP N   H2   sing N N 63  
ASP CA  C    sing N N 64  
ASP CA  CB   sing N N 65  
ASP CA  HA   sing N N 66  
ASP C   O    doub N N 67  
ASP C   OXT  sing N N 68  
ASP CB  CG   sing N N 69  
ASP CB  HB2  sing N N 70  
ASP CB  HB3  sing N N 71  
ASP CG  OD1  doub N N 72  
ASP CG  OD2  sing N N 73  
ASP OD2 HD2  sing N N 74  
ASP OXT HXT  sing N N 75  
CYS N   CA   sing N N 76  
CYS N   H    sing N N 77  
CYS N   H2   sing N N 78  
CYS CA  C    sing N N 79  
CYS CA  CB   sing N N 80  
CYS CA  HA   sing N N 81  
CYS C   O    doub N N 82  
CYS C   OXT  sing N N 83  
CYS CB  SG   sing N N 84  
CYS CB  HB2  sing N N 85  
CYS CB  HB3  sing N N 86  
CYS SG  HG   sing N N 87  
CYS OXT HXT  sing N N 88  
GLN N   CA   sing N N 89  
GLN N   H    sing N N 90  
GLN N   H2   sing N N 91  
GLN CA  C    sing N N 92  
GLN CA  CB   sing N N 93  
GLN CA  HA   sing N N 94  
GLN C   O    doub N N 95  
GLN C   OXT  sing N N 96  
GLN CB  CG   sing N N 97  
GLN CB  HB2  sing N N 98  
GLN CB  HB3  sing N N 99  
GLN CG  CD   sing N N 100 
GLN CG  HG2  sing N N 101 
GLN CG  HG3  sing N N 102 
GLN CD  OE1  doub N N 103 
GLN CD  NE2  sing N N 104 
GLN NE2 HE21 sing N N 105 
GLN NE2 HE22 sing N N 106 
GLN OXT HXT  sing N N 107 
GLU N   CA   sing N N 108 
GLU N   H    sing N N 109 
GLU N   H2   sing N N 110 
GLU CA  C    sing N N 111 
GLU CA  CB   sing N N 112 
GLU CA  HA   sing N N 113 
GLU C   O    doub N N 114 
GLU C   OXT  sing N N 115 
GLU CB  CG   sing N N 116 
GLU CB  HB2  sing N N 117 
GLU CB  HB3  sing N N 118 
GLU CG  CD   sing N N 119 
GLU CG  HG2  sing N N 120 
GLU CG  HG3  sing N N 121 
GLU CD  OE1  doub N N 122 
GLU CD  OE2  sing N N 123 
GLU OE2 HE2  sing N N 124 
GLU OXT HXT  sing N N 125 
GLY N   CA   sing N N 126 
GLY N   H    sing N N 127 
GLY N   H2   sing N N 128 
GLY CA  C    sing N N 129 
GLY CA  HA2  sing N N 130 
GLY CA  HA3  sing N N 131 
GLY C   O    doub N N 132 
GLY C   OXT  sing N N 133 
GLY OXT HXT  sing N N 134 
HIS N   CA   sing N N 135 
HIS N   H    sing N N 136 
HIS N   H2   sing N N 137 
HIS CA  C    sing N N 138 
HIS CA  CB   sing N N 139 
HIS CA  HA   sing N N 140 
HIS C   O    doub N N 141 
HIS C   OXT  sing N N 142 
HIS CB  CG   sing N N 143 
HIS CB  HB2  sing N N 144 
HIS CB  HB3  sing N N 145 
HIS CG  ND1  sing Y N 146 
HIS CG  CD2  doub Y N 147 
HIS ND1 CE1  doub Y N 148 
HIS ND1 HD1  sing N N 149 
HIS CD2 NE2  sing Y N 150 
HIS CD2 HD2  sing N N 151 
HIS CE1 NE2  sing Y N 152 
HIS CE1 HE1  sing N N 153 
HIS NE2 HE2  sing N N 154 
HIS OXT HXT  sing N N 155 
HOH O   H1   sing N N 156 
HOH O   H2   sing N N 157 
ILE N   CA   sing N N 158 
ILE N   H    sing N N 159 
ILE N   H2   sing N N 160 
ILE CA  C    sing N N 161 
ILE CA  CB   sing N N 162 
ILE CA  HA   sing N N 163 
ILE C   O    doub N N 164 
ILE C   OXT  sing N N 165 
ILE CB  CG1  sing N N 166 
ILE CB  CG2  sing N N 167 
ILE CB  HB   sing N N 168 
ILE CG1 CD1  sing N N 169 
ILE CG1 HG12 sing N N 170 
ILE CG1 HG13 sing N N 171 
ILE CG2 HG21 sing N N 172 
ILE CG2 HG22 sing N N 173 
ILE CG2 HG23 sing N N 174 
ILE CD1 HD11 sing N N 175 
ILE CD1 HD12 sing N N 176 
ILE CD1 HD13 sing N N 177 
ILE OXT HXT  sing N N 178 
LEU N   CA   sing N N 179 
LEU N   H    sing N N 180 
LEU N   H2   sing N N 181 
LEU CA  C    sing N N 182 
LEU CA  CB   sing N N 183 
LEU CA  HA   sing N N 184 
LEU C   O    doub N N 185 
LEU C   OXT  sing N N 186 
LEU CB  CG   sing N N 187 
LEU CB  HB2  sing N N 188 
LEU CB  HB3  sing N N 189 
LEU CG  CD1  sing N N 190 
LEU CG  CD2  sing N N 191 
LEU CG  HG   sing N N 192 
LEU CD1 HD11 sing N N 193 
LEU CD1 HD12 sing N N 194 
LEU CD1 HD13 sing N N 195 
LEU CD2 HD21 sing N N 196 
LEU CD2 HD22 sing N N 197 
LEU CD2 HD23 sing N N 198 
LEU OXT HXT  sing N N 199 
LYS N   CA   sing N N 200 
LYS N   H    sing N N 201 
LYS N   H2   sing N N 202 
LYS CA  C    sing N N 203 
LYS CA  CB   sing N N 204 
LYS CA  HA   sing N N 205 
LYS C   O    doub N N 206 
LYS C   OXT  sing N N 207 
LYS CB  CG   sing N N 208 
LYS CB  HB2  sing N N 209 
LYS CB  HB3  sing N N 210 
LYS CG  CD   sing N N 211 
LYS CG  HG2  sing N N 212 
LYS CG  HG3  sing N N 213 
LYS CD  CE   sing N N 214 
LYS CD  HD2  sing N N 215 
LYS CD  HD3  sing N N 216 
LYS CE  NZ   sing N N 217 
LYS CE  HE2  sing N N 218 
LYS CE  HE3  sing N N 219 
LYS NZ  HZ1  sing N N 220 
LYS NZ  HZ2  sing N N 221 
LYS NZ  HZ3  sing N N 222 
LYS OXT HXT  sing N N 223 
MET N   CA   sing N N 224 
MET N   H    sing N N 225 
MET N   H2   sing N N 226 
MET CA  C    sing N N 227 
MET CA  CB   sing N N 228 
MET CA  HA   sing N N 229 
MET C   O    doub N N 230 
MET C   OXT  sing N N 231 
MET CB  CG   sing N N 232 
MET CB  HB2  sing N N 233 
MET CB  HB3  sing N N 234 
MET CG  SD   sing N N 235 
MET CG  HG2  sing N N 236 
MET CG  HG3  sing N N 237 
MET SD  CE   sing N N 238 
MET CE  HE1  sing N N 239 
MET CE  HE2  sing N N 240 
MET CE  HE3  sing N N 241 
MET OXT HXT  sing N N 242 
MSE N   CA   sing N N 243 
MSE N   H    sing N N 244 
MSE N   H2   sing N N 245 
MSE CA  C    sing N N 246 
MSE CA  CB   sing N N 247 
MSE CA  HA   sing N N 248 
MSE C   O    doub N N 249 
MSE C   OXT  sing N N 250 
MSE OXT HXT  sing N N 251 
MSE CB  CG   sing N N 252 
MSE CB  HB2  sing N N 253 
MSE CB  HB3  sing N N 254 
MSE CG  SE   sing N N 255 
MSE CG  HG2  sing N N 256 
MSE CG  HG3  sing N N 257 
MSE SE  CE   sing N N 258 
MSE CE  HE1  sing N N 259 
MSE CE  HE2  sing N N 260 
MSE CE  HE3  sing N N 261 
PHE N   CA   sing N N 262 
PHE N   H    sing N N 263 
PHE N   H2   sing N N 264 
PHE CA  C    sing N N 265 
PHE CA  CB   sing N N 266 
PHE CA  HA   sing N N 267 
PHE C   O    doub N N 268 
PHE C   OXT  sing N N 269 
PHE CB  CG   sing N N 270 
PHE CB  HB2  sing N N 271 
PHE CB  HB3  sing N N 272 
PHE CG  CD1  doub Y N 273 
PHE CG  CD2  sing Y N 274 
PHE CD1 CE1  sing Y N 275 
PHE CD1 HD1  sing N N 276 
PHE CD2 CE2  doub Y N 277 
PHE CD2 HD2  sing N N 278 
PHE CE1 CZ   doub Y N 279 
PHE CE1 HE1  sing N N 280 
PHE CE2 CZ   sing Y N 281 
PHE CE2 HE2  sing N N 282 
PHE CZ  HZ   sing N N 283 
PHE OXT HXT  sing N N 284 
PRO N   CA   sing N N 285 
PRO N   CD   sing N N 286 
PRO N   H    sing N N 287 
PRO CA  C    sing N N 288 
PRO CA  CB   sing N N 289 
PRO CA  HA   sing N N 290 
PRO C   O    doub N N 291 
PRO C   OXT  sing N N 292 
PRO CB  CG   sing N N 293 
PRO CB  HB2  sing N N 294 
PRO CB  HB3  sing N N 295 
PRO CG  CD   sing N N 296 
PRO CG  HG2  sing N N 297 
PRO CG  HG3  sing N N 298 
PRO CD  HD2  sing N N 299 
PRO CD  HD3  sing N N 300 
PRO OXT HXT  sing N N 301 
SER N   CA   sing N N 302 
SER N   H    sing N N 303 
SER N   H2   sing N N 304 
SER CA  C    sing N N 305 
SER CA  CB   sing N N 306 
SER CA  HA   sing N N 307 
SER C   O    doub N N 308 
SER C   OXT  sing N N 309 
SER CB  OG   sing N N 310 
SER CB  HB2  sing N N 311 
SER CB  HB3  sing N N 312 
SER OG  HG   sing N N 313 
SER OXT HXT  sing N N 314 
THR N   CA   sing N N 315 
THR N   H    sing N N 316 
THR N   H2   sing N N 317 
THR CA  C    sing N N 318 
THR CA  CB   sing N N 319 
THR CA  HA   sing N N 320 
THR C   O    doub N N 321 
THR C   OXT  sing N N 322 
THR CB  OG1  sing N N 323 
THR CB  CG2  sing N N 324 
THR CB  HB   sing N N 325 
THR OG1 HG1  sing N N 326 
THR CG2 HG21 sing N N 327 
THR CG2 HG22 sing N N 328 
THR CG2 HG23 sing N N 329 
THR OXT HXT  sing N N 330 
TRP N   CA   sing N N 331 
TRP N   H    sing N N 332 
TRP N   H2   sing N N 333 
TRP CA  C    sing N N 334 
TRP CA  CB   sing N N 335 
TRP CA  HA   sing N N 336 
TRP C   O    doub N N 337 
TRP C   OXT  sing N N 338 
TRP CB  CG   sing N N 339 
TRP CB  HB2  sing N N 340 
TRP CB  HB3  sing N N 341 
TRP CG  CD1  doub Y N 342 
TRP CG  CD2  sing Y N 343 
TRP CD1 NE1  sing Y N 344 
TRP CD1 HD1  sing N N 345 
TRP CD2 CE2  doub Y N 346 
TRP CD2 CE3  sing Y N 347 
TRP NE1 CE2  sing Y N 348 
TRP NE1 HE1  sing N N 349 
TRP CE2 CZ2  sing Y N 350 
TRP CE3 CZ3  doub Y N 351 
TRP CE3 HE3  sing N N 352 
TRP CZ2 CH2  doub Y N 353 
TRP CZ2 HZ2  sing N N 354 
TRP CZ3 CH2  sing Y N 355 
TRP CZ3 HZ3  sing N N 356 
TRP CH2 HH2  sing N N 357 
TRP OXT HXT  sing N N 358 
VAL N   CA   sing N N 359 
VAL N   H    sing N N 360 
VAL N   H2   sing N N 361 
VAL CA  C    sing N N 362 
VAL CA  CB   sing N N 363 
VAL CA  HA   sing N N 364 
VAL C   O    doub N N 365 
VAL C   OXT  sing N N 366 
VAL CB  CG1  sing N N 367 
VAL CB  CG2  sing N N 368 
VAL CB  HB   sing N N 369 
VAL CG1 HG11 sing N N 370 
VAL CG1 HG12 sing N N 371 
VAL CG1 HG13 sing N N 372 
VAL CG2 HG21 sing N N 373 
VAL CG2 HG22 sing N N 374 
VAL CG2 HG23 sing N N 375 
VAL OXT HXT  sing N N 376 
# 
_atom_sites.entry_id                    2FSU 
_atom_sites.fract_transf_matrix[1][1]   -0.01522325 
_atom_sites.fract_transf_matrix[1][2]   0.00180539 
_atom_sites.fract_transf_matrix[1][3]   0.01098774 
_atom_sites.fract_transf_matrix[2][1]   -0.00284234 
_atom_sites.fract_transf_matrix[2][2]   -0.01086924 
_atom_sites.fract_transf_matrix[2][3]   -0.00215207 
_atom_sites.fract_transf_matrix[3][1]   0.00705680 
_atom_sites.fract_transf_matrix[3][2]   -0.00390834 
_atom_sites.fract_transf_matrix[3][3]   0.01041920 
_atom_sites.fract_transf_vector[1]      0.249258 
_atom_sites.fract_transf_vector[2]      0.124075 
_atom_sites.fract_transf_vector[3]      0.203867 
# 
loop_
_atom_type.symbol 
C  
N  
NA 
O  
S  
SE 
# 
loop_
_atom_site.group_PDB 
_atom_site.id 
_atom_site.type_symbol 
_atom_site.label_atom_id 
_atom_site.label_alt_id 
_atom_site.label_comp_id 
_atom_site.label_asym_id 
_atom_site.label_entity_id 
_atom_site.label_seq_id 
_atom_site.pdbx_PDB_ins_code 
_atom_site.Cartn_x 
_atom_site.Cartn_y 
_atom_site.Cartn_z 
_atom_site.occupancy 
_atom_site.B_iso_or_equiv 
_atom_site.pdbx_formal_charge 
_atom_site.auth_seq_id 
_atom_site.auth_comp_id 
_atom_site.auth_asym_id 
_atom_site.auth_atom_id 
_atom_site.pdbx_PDB_model_num 
ATOM   1    N  N   . GLN A 1 28  ? 14.938  8.683   9.662   1.00 32.56 ? 12  GLN A N   1 
ATOM   2    C  CA  . GLN A 1 28  ? 15.846  8.057   8.633   1.00 33.51 ? 12  GLN A CA  1 
ATOM   3    C  C   . GLN A 1 28  ? 15.875  8.760   7.292   1.00 33.27 ? 12  GLN A C   1 
ATOM   4    O  O   . GLN A 1 28  ? 14.888  9.417   6.892   1.00 32.89 ? 12  GLN A O   1 
ATOM   5    C  CB  . GLN A 1 28  ? 15.502  6.611   8.428   1.00 32.54 ? 12  GLN A CB  1 
ATOM   6    N  N   . ASP A 1 29  ? 17.013  8.615   6.584   1.00 33.22 ? 13  ASP A N   1 
ATOM   7    C  CA  . ASP A 1 29  ? 17.113  9.168   5.236   1.00 31.68 ? 13  ASP A CA  1 
ATOM   8    C  C   . ASP A 1 29  ? 16.304  8.413   4.203   1.00 30.83 ? 13  ASP A C   1 
ATOM   9    O  O   . ASP A 1 29  ? 15.784  7.302   4.440   1.00 29.06 ? 13  ASP A O   1 
ATOM   10   C  CB  . ASP A 1 29  ? 18.586  9.444   4.769   1.00 33.16 ? 13  ASP A CB  1 
ATOM   11   C  CG  . ASP A 1 29  ? 19.473  8.200   4.730   1.00 33.56 ? 13  ASP A CG  1 
ATOM   12   O  OD1 . ASP A 1 29  ? 20.714  8.322   4.974   1.00 33.84 ? 13  ASP A OD1 1 
ATOM   13   O  OD2 . ASP A 1 29  ? 18.976  7.092   4.430   1.00 27.92 ? 13  ASP A OD2 1 
ATOM   14   N  N   . ALA A 1 30  ? 16.194  9.033   3.032   1.00 29.05 ? 14  ALA A N   1 
ATOM   15   C  CA  . ALA A 1 30  ? 15.469  8.443   1.937   1.00 26.57 ? 14  ALA A CA  1 
ATOM   16   C  C   . ALA A 1 30  ? 16.071  7.095   1.486   1.00 23.62 ? 14  ALA A C   1 
ATOM   17   O  O   . ALA A 1 30  ? 15.372  6.193   1.074   1.00 22.96 ? 14  ALA A O   1 
ATOM   18   C  CB  . ALA A 1 30  ? 15.423  9.439   0.748   1.00 28.03 ? 14  ALA A CB  1 
ATOM   19   N  N   . GLN A 1 31  ? 17.395  6.971   1.494   1.00 24.84 ? 15  GLN A N   1 
ATOM   20   C  CA  . GLN A 1 31  ? 17.968  5.735   1.015   1.00 22.49 ? 15  GLN A CA  1 
ATOM   21   C  C   . GLN A 1 31  ? 17.542  4.582   1.942   1.00 21.68 ? 15  GLN A C   1 
ATOM   22   O  O   . GLN A 1 31  ? 17.397  3.455   1.531   1.00 22.13 ? 15  GLN A O   1 
ATOM   23   C  CB  . GLN A 1 31  ? 19.511  5.806   1.129   1.00 24.80 ? 15  GLN A CB  1 
ATOM   24   C  CG  . GLN A 1 31  ? 20.173  6.699   0.035   1.00 28.67 ? 15  GLN A CG  1 
ATOM   25   C  CD  . GLN A 1 31  ? 19.634  8.066   0.023   1.00 31.64 ? 15  GLN A CD  1 
ATOM   26   O  OE1 . GLN A 1 31  ? 19.569  8.704   1.058   1.00 28.56 ? 15  GLN A OE1 1 
ATOM   27   N  NE2 . GLN A 1 31  ? 19.182  8.546   -1.163  1.00 37.67 ? 15  GLN A NE2 1 
ATOM   28   N  N   . HIS A 1 32  ? 17.507  4.884   3.218   1.00 21.63 ? 16  HIS A N   1 
ATOM   29   C  CA  . HIS A 1 32  ? 17.018  3.925   4.219   1.00 22.07 ? 16  HIS A CA  1 
ATOM   30   C  C   . HIS A 1 32  ? 15.590  3.436   3.887   1.00 21.74 ? 16  HIS A C   1 
ATOM   31   O  O   . HIS A 1 32  ? 15.370  2.233   3.847   1.00 21.89 ? 16  HIS A O   1 
ATOM   32   C  CB  . HIS A 1 32  ? 17.083  4.545   5.595   1.00 24.42 ? 16  HIS A CB  1 
ATOM   33   C  CG  . HIS A 1 32  ? 17.207  3.556   6.695   1.00 30.61 ? 16  HIS A CG  1 
ATOM   34   N  ND1 . HIS A 1 32  ? 16.134  2.820   7.136   1.00 39.85 ? 16  HIS A ND1 1 
ATOM   35   C  CD2 . HIS A 1 32  ? 18.247  3.236   7.502   1.00 34.02 ? 16  HIS A CD2 1 
ATOM   36   C  CE1 . HIS A 1 32  ? 16.525  2.026   8.125   1.00 39.85 ? 16  HIS A CE1 1 
ATOM   37   N  NE2 . HIS A 1 32  ? 17.805  2.260   8.366   1.00 37.40 ? 16  HIS A NE2 1 
ATOM   38   N  N   . SER A 1 33  ? 14.675  4.361   3.632   1.00 21.80 ? 17  SER A N   1 
ATOM   39   C  CA  . SER A 1 33  ? 13.330  4.007   3.215   1.00 22.70 ? 17  SER A CA  1 
ATOM   40   C  C   . SER A 1 33  ? 13.344  3.131   1.982   1.00 23.34 ? 17  SER A C   1 
ATOM   41   O  O   . SER A 1 33  ? 12.647  2.148   1.950   1.00 23.46 ? 17  SER A O   1 
ATOM   42   C  CB  . SER A 1 33  ? 12.395  5.217   3.030   1.00 26.32 ? 17  SER A CB  1 
ATOM   43   O  OG  . SER A 1 33  ? 12.239  5.878   4.255   1.00 24.29 ? 17  SER A OG  1 
ATOM   44   N  N   . PHE A 1 34  ? 14.117  3.531   0.978   1.00 24.64 ? 18  PHE A N   1 
ATOM   45   C  CA  . PHE A 1 34  ? 14.201  2.772   -0.302  1.00 25.06 ? 18  PHE A CA  1 
ATOM   46   C  C   . PHE A 1 34  ? 14.710  1.379   0.010   1.00 22.23 ? 18  PHE A C   1 
ATOM   47   O  O   . PHE A 1 34  ? 14.145  0.415   -0.438  1.00 21.15 ? 18  PHE A O   1 
ATOM   48   C  CB  . PHE A 1 34  ? 15.203  3.443   -1.225  1.00 22.86 ? 18  PHE A CB  1 
ATOM   49   C  CG  . PHE A 1 34  ? 14.879  4.873   -1.529  1.00 34.76 ? 18  PHE A CG  1 
ATOM   50   C  CD1 . PHE A 1 34  ? 13.706  5.201   -2.161  1.00 40.84 ? 18  PHE A CD1 1 
ATOM   51   C  CD2 . PHE A 1 34  ? 15.728  5.903   -1.138  1.00 40.91 ? 18  PHE A CD2 1 
ATOM   52   C  CE1 . PHE A 1 34  ? 13.337  6.541   -2.399  1.00 47.38 ? 18  PHE A CE1 1 
ATOM   53   C  CE2 . PHE A 1 34  ? 15.390  7.249   -1.387  1.00 47.72 ? 18  PHE A CE2 1 
ATOM   54   C  CZ  . PHE A 1 34  ? 14.184  7.569   -2.014  1.00 49.73 ? 18  PHE A CZ  1 
ATOM   55   N  N   . ARG A 1 35  ? 15.760  1.213   0.850   1.00 21.02 ? 19  ARG A N   1 
ATOM   56   C  CA  . ARG A 1 35  ? 16.255  -0.152  1.040   1.00 19.90 ? 19  ARG A CA  1 
ATOM   57   C  C   . ARG A 1 35  ? 15.254  -1.057  1.744   1.00 18.96 ? 19  ARG A C   1 
ATOM   58   O  O   . ARG A 1 35  ? 15.134  -2.234  1.422   1.00 20.78 ? 19  ARG A O   1 
ATOM   59   C  CB  . ARG A 1 35  ? 17.554  -0.158  1.846   1.00 20.00 ? 19  ARG A CB  1 
ATOM   60   C  CG  . ARG A 1 35  ? 18.749  0.456   1.024   1.00 19.23 ? 19  ARG A CG  1 
ATOM   61   C  CD  . ARG A 1 35  ? 20.064  0.155   1.760   1.00 23.04 ? 19  ARG A CD  1 
ATOM   62   N  NE  . ARG A 1 35  ? 20.040  0.564   3.152   1.00 23.51 ? 19  ARG A NE  1 
ATOM   63   C  CZ  . ARG A 1 35  ? 20.344  1.774   3.567   1.00 18.99 ? 19  ARG A CZ  1 
ATOM   64   N  NH1 . ARG A 1 35  ? 20.656  2.741   2.693   1.00 25.60 ? 19  ARG A NH1 1 
ATOM   65   N  NH2 . ARG A 1 35  ? 20.313  2.087   4.861   1.00 22.53 ? 19  ARG A NH2 1 
ATOM   66   N  N   . ARG A 1 36  ? 14.538  -0.475  2.729   1.00 17.90 ? 20  ARG A N   1 
ATOM   67   C  CA  . ARG A 1 36  ? 13.562  -1.234  3.505   1.00 19.07 ? 20  ARG A CA  1 
ATOM   68   C  C   . ARG A 1 36  ? 12.348  -1.632  2.645   1.00 17.48 ? 20  ARG A C   1 
ATOM   69   O  O   . ARG A 1 36  ? 11.820  -2.741  2.777   1.00 17.60 ? 20  ARG A O   1 
ATOM   70   C  CB  . ARG A 1 36  ? 13.045  -0.453  4.703   1.00 21.10 ? 20  ARG A CB  1 
ATOM   71   C  CG  . ARG A 1 36  ? 14.205  -0.155  5.710   1.00 23.50 ? 20  ARG A CG  1 
ATOM   72   C  CD  . ARG A 1 36  ? 15.211  -1.292  5.709   1.00 33.57 ? 20  ARG A CD  1 
ATOM   73   N  NE  . ARG A 1 36  ? 14.854  -2.189  6.775   1.00 39.55 ? 20  ARG A NE  1 
ATOM   74   C  CZ  . ARG A 1 36  ? 15.331  -3.417  6.968   1.00 41.10 ? 20  ARG A CZ  1 
ATOM   75   N  NH1 . ARG A 1 36  ? 16.206  -3.946  6.126   1.00 42.92 ? 20  ARG A NH1 1 
ATOM   76   N  NH2 . ARG A 1 36  ? 14.887  -4.124  8.008   1.00 44.73 ? 20  ARG A NH2 1 
ATOM   77   N  N   . LEU A 1 37  ? 11.948  -0.733  1.763   1.00 19.10 ? 21  LEU A N   1 
ATOM   78   C  CA  . LEU A 1 37  ? 10.820  -1.008  0.872   1.00 21.15 ? 21  LEU A CA  1 
ATOM   79   C  C   . LEU A 1 37  ? 11.276  -2.081  -0.147  1.00 22.47 ? 21  LEU A C   1 
ATOM   80   O  O   . LEU A 1 37  ? 10.560  -3.004  -0.475  1.00 20.32 ? 21  LEU A O   1 
ATOM   81   C  CB  . LEU A 1 37  ? 10.318  0.275   0.131   1.00 20.35 ? 21  LEU A CB  1 
ATOM   82   C  CG  . LEU A 1 37  ? 9.163   0.007   -0.832  1.00 24.50 ? 21  LEU A CG  1 
ATOM   83   C  CD1 . LEU A 1 37  ? 7.979   -0.661  0.016   1.00 21.59 ? 21  LEU A CD1 1 
ATOM   84   C  CD2 . LEU A 1 37  ? 8.689   1.426   -1.276  1.00 22.48 ? 21  LEU A CD2 1 
ATOM   85   N  N   . LEU A 1 38  ? 12.510  -1.967  -0.649  1.00 23.81 ? 22  LEU A N   1 
ATOM   86   C  CA  . LEU A 1 38  ? 13.043  -3.068  -1.483  1.00 26.14 ? 22  LEU A CA  1 
ATOM   87   C  C   . LEU A 1 38  ? 13.022  -4.405  -0.803  1.00 25.01 ? 22  LEU A C   1 
ATOM   88   O  O   . LEU A 1 38  ? 12.614  -5.452  -1.361  1.00 26.13 ? 22  LEU A O   1 
ATOM   89   C  CB  . LEU A 1 38  ? 14.482  -2.715  -1.891  1.00 26.28 ? 22  LEU A CB  1 
ATOM   90   C  CG  . LEU A 1 38  ? 14.758  -2.120  -3.220  1.00 34.07 ? 22  LEU A CG  1 
ATOM   91   C  CD1 . LEU A 1 38  ? 16.299  -2.325  -3.450  1.00 28.70 ? 22  LEU A CD1 1 
ATOM   92   C  CD2 . LEU A 1 38  ? 13.927  -2.810  -4.298  1.00 32.54 ? 22  LEU A CD2 1 
ATOM   93   N  N   . LYS A 1 39  ? 13.384  -4.420  0.488   1.00 23.93 ? 23  LYS A N   1 
ATOM   94   C  CA  . LYS A 1 39  ? 13.497  -5.658  1.212   1.00 23.83 ? 23  LYS A CA  1 
ATOM   95   C  C   . LYS A 1 39  ? 12.092  -6.282  1.317   1.00 24.31 ? 23  LYS A C   1 
ATOM   96   O  O   . LYS A 1 39  ? 11.889  -7.488  1.082   1.00 25.34 ? 23  LYS A O   1 
ATOM   97   C  CB  . LYS A 1 39  ? 14.041  -5.354  2.613   1.00 25.31 ? 23  LYS A CB  1 
ATOM   98   C  CG  . LYS A 1 39  ? 14.117  -6.599  3.446   1.00 24.97 ? 23  LYS A CG  1 
ATOM   99   C  CD  . LYS A 1 39  ? 14.567  -6.266  4.844   1.00 35.72 ? 23  LYS A CD  1 
ATOM   100  C  CE  . LYS A 1 39  ? 14.655  -7.531  5.729   1.00 39.99 ? 23  LYS A CE  1 
ATOM   101  N  NZ  . LYS A 1 39  ? 15.788  -8.460  5.350   1.00 45.37 ? 23  LYS A NZ  1 
ATOM   102  N  N   . ALA A 1 40  ? 11.122  -5.436  1.712   1.00 22.65 ? 24  ALA A N   1 
ATOM   103  C  CA  . ALA A 1 40  ? 9.734   -5.872  1.867   1.00 21.76 ? 24  ALA A CA  1 
ATOM   104  C  C   . ALA A 1 40  ? 9.132   -6.498  0.545   1.00 21.36 ? 24  ALA A C   1 
ATOM   105  O  O   . ALA A 1 40  ? 8.483   -7.537  0.575   1.00 21.18 ? 24  ALA A O   1 
ATOM   106  C  CB  . ALA A 1 40  ? 8.962   -4.620  2.230   1.00 19.46 ? 24  ALA A CB  1 
HETATM 107  N  N   A MSE A 1 41  ? 9.380   -5.799  -0.551  0.50 23.73 ? 25  MSE A N   1 
HETATM 108  N  N   B MSE A 1 41  ? 9.375   -5.893  -0.573  0.50 23.90 ? 25  MSE A N   1 
HETATM 109  C  CA  A MSE A 1 41  ? 9.020   -6.233  -1.928  0.50 24.62 ? 25  MSE A CA  1 
HETATM 110  C  CA  B MSE A 1 41  ? 8.924   -6.501  -1.827  0.50 24.97 ? 25  MSE A CA  1 
HETATM 111  C  C   A MSE A 1 41  ? 9.718   -7.524  -2.354  0.50 25.78 ? 25  MSE A C   1 
HETATM 112  C  C   B MSE A 1 41  ? 9.697   -7.773  -2.128  0.50 25.64 ? 25  MSE A C   1 
HETATM 113  O  O   A MSE A 1 41  ? 9.106   -8.394  -3.001  0.50 25.97 ? 25  MSE A O   1 
HETATM 114  O  O   B MSE A 1 41  ? 9.154   -8.871  -2.432  0.50 22.71 ? 25  MSE A O   1 
HETATM 115  C  CB  A MSE A 1 41  ? 9.347   -5.133  -2.939  0.50 24.65 ? 25  MSE A CB  1 
HETATM 116  C  CB  B MSE A 1 41  ? 9.100   -5.462  -2.897  0.50 25.71 ? 25  MSE A CB  1 
HETATM 117  C  CG  A MSE A 1 41  ? 8.506   -3.875  -2.879  0.50 28.11 ? 25  MSE A CG  1 
HETATM 118  C  CG  B MSE A 1 41  ? 8.180   -4.339  -2.659  0.50 32.85 ? 25  MSE A CG  1 
HETATM 119  SE SE  A MSE A 1 41  ? 6.611   -4.079  -3.445  0.50 39.54 ? 25  MSE A SE  1 
HETATM 120  SE SE  B MSE A 1 41  ? 8.348   -2.997  -3.986  0.50 45.49 ? 25  MSE A SE  1 
HETATM 121  C  CE  A MSE A 1 41  ? 7.005   -4.258  -5.359  0.50 30.47 ? 25  MSE A CE  1 
HETATM 122  C  CE  B MSE A 1 41  ? 7.162   -1.646  -3.262  0.50 42.25 ? 25  MSE A CE  1 
ATOM   123  N  N   . SER A 1 42  ? 11.009  -7.652  -1.989  1.00 26.38 ? 26  SER A N   1 
ATOM   124  C  CA  . SER A 1 42  ? 11.852  -8.837  -2.266  1.00 28.88 ? 26  SER A CA  1 
ATOM   125  C  C   . SER A 1 42  ? 11.456  -10.037 -1.440  1.00 28.53 ? 26  SER A C   1 
ATOM   126  O  O   . SER A 1 42  ? 11.602  -11.211 -1.850  1.00 31.74 ? 26  SER A O   1 
ATOM   127  C  CB  . SER A 1 42  ? 13.330  -8.468  -2.034  1.00 29.78 ? 26  SER A CB  1 
ATOM   128  O  OG  . SER A 1 42  ? 13.684  -7.397  -2.938  1.00 33.18 ? 26  SER A OG  1 
ATOM   129  N  N   . GLU A 1 43  ? 10.906  -9.807  -0.235  1.00 27.31 ? 27  GLU A N   1 
ATOM   130  C  CA  . GLU A 1 43  ? 10.579  -10.854 0.632   1.00 24.98 ? 27  GLU A CA  1 
ATOM   131  C  C   . GLU A 1 43  ? 9.134   -10.666 1.135   1.00 24.01 ? 27  GLU A C   1 
ATOM   132  O  O   . GLU A 1 43  ? 8.949   -10.241 2.253   1.00 24.36 ? 27  GLU A O   1 
ATOM   133  C  CB  . GLU A 1 43  ? 11.555  -10.807 1.837   1.00 27.03 ? 27  GLU A CB  1 
ATOM   134  C  CG  . GLU A 1 43  ? 13.069  -10.666 1.383   1.00 29.21 ? 27  GLU A CG  1 
ATOM   135  C  CD  . GLU A 1 43  ? 14.109  -10.853 2.510   1.00 37.44 ? 27  GLU A CD  1 
ATOM   136  O  OE1 . GLU A 1 43  ? 13.790  -10.725 3.716   1.00 38.73 ? 27  GLU A OE1 1 
ATOM   137  O  OE2 . GLU A 1 43  ? 15.275  -11.103 2.149   1.00 40.16 ? 27  GLU A OE2 1 
ATOM   138  N  N   . PRO A 1 44  ? 8.116   -10.971 0.300   1.00 22.26 ? 28  PRO A N   1 
ATOM   139  C  CA  . PRO A 1 44  ? 6.708   -10.634 0.568   1.00 21.94 ? 28  PRO A CA  1 
ATOM   140  C  C   . PRO A 1 44  ? 6.259   -11.103 1.909   1.00 22.47 ? 28  PRO A C   1 
ATOM   141  O  O   . PRO A 1 44  ? 6.378   -12.297 2.198   1.00 23.05 ? 28  PRO A O   1 
ATOM   142  C  CB  . PRO A 1 44  ? 5.958   -11.409 -0.549  1.00 19.42 ? 28  PRO A CB  1 
ATOM   143  C  CG  . PRO A 1 44  ? 6.959   -11.263 -1.763  1.00 21.47 ? 28  PRO A CG  1 
ATOM   144  C  CD  . PRO A 1 44  ? 8.301   -11.616 -1.030  1.00 21.76 ? 28  PRO A CD  1 
ATOM   145  N  N   . GLY A 1 45  ? 5.613   -10.214 2.684   1.00 20.03 ? 29  GLY A N   1 
ATOM   146  C  CA  . GLY A 1 45  ? 5.132   -10.554 3.989   1.00 20.74 ? 29  GLY A CA  1 
ATOM   147  C  C   . GLY A 1 45  ? 6.054   -10.263 5.158   1.00 20.50 ? 29  GLY A C   1 
ATOM   148  O  O   . GLY A 1 45  ? 5.596   -10.172 6.299   1.00 19.39 ? 29  GLY A O   1 
ATOM   149  N  N   . VAL A 1 46  ? 7.358   -10.158 4.903   1.00 19.83 ? 30  VAL A N   1 
ATOM   150  C  CA  . VAL A 1 46  ? 8.251   -9.606  5.966   1.00 18.70 ? 30  VAL A CA  1 
ATOM   151  C  C   . VAL A 1 46  ? 7.887   -8.148  6.298   1.00 19.73 ? 30  VAL A C   1 
ATOM   152  O  O   . VAL A 1 46  ? 7.579   -7.370  5.368   1.00 17.93 ? 30  VAL A O   1 
ATOM   153  C  CB  . VAL A 1 46  ? 9.761   -9.648  5.461   1.00 20.47 ? 30  VAL A CB  1 
ATOM   154  C  CG1 . VAL A 1 46  ? 9.953   -8.771  4.305   1.00 26.03 ? 30  VAL A CG1 1 
ATOM   155  C  CG2 . VAL A 1 46  ? 10.704  -9.253  6.657   1.00 25.36 ? 30  VAL A CG2 1 
ATOM   156  N  N   . ILE A 1 47  ? 7.792   -7.852  7.583   1.00 18.00 ? 31  ILE A N   1 
ATOM   157  C  CA  . ILE A 1 47  ? 7.408   -6.478  8.055   1.00 18.29 ? 31  ILE A CA  1 
ATOM   158  C  C   . ILE A 1 47  ? 8.703   -5.711  8.251   1.00 20.20 ? 31  ILE A C   1 
ATOM   159  O  O   . ILE A 1 47  ? 9.699   -6.204  8.917   1.00 19.97 ? 31  ILE A O   1 
ATOM   160  C  CB  . ILE A 1 47  ? 6.627   -6.503  9.334   1.00 18.50 ? 31  ILE A CB  1 
ATOM   161  C  CG1 . ILE A 1 47  ? 5.298   -7.309  9.077   1.00 19.46 ? 31  ILE A CG1 1 
ATOM   162  C  CG2 . ILE A 1 47  ? 6.341   -5.080  9.837   1.00 18.02 ? 31  ILE A CG2 1 
ATOM   163  C  CD1 . ILE A 1 47  ? 4.611   -7.729  10.435  1.00 21.06 ? 31  ILE A CD1 1 
ATOM   164  N  N   . VAL A 1 48  ? 8.708   -4.500  7.717   1.00 17.54 ? 32  VAL A N   1 
ATOM   165  C  CA  . VAL A 1 48  ? 9.808   -3.586  7.886   1.00 18.50 ? 32  VAL A CA  1 
ATOM   166  C  C   . VAL A 1 48  ? 9.288   -2.301  8.487   1.00 18.45 ? 32  VAL A C   1 
ATOM   167  O  O   . VAL A 1 48  ? 8.066   -2.069  8.545   1.00 18.76 ? 32  VAL A O   1 
ATOM   168  C  CB  . VAL A 1 48  ? 10.604  -3.317  6.560   1.00 18.57 ? 32  VAL A CB  1 
ATOM   169  C  CG1 . VAL A 1 48  ? 11.006  -4.614  5.973   1.00 19.05 ? 32  VAL A CG1 1 
ATOM   170  C  CG2 . VAL A 1 48  ? 9.697   -2.599  5.568   1.00 18.36 ? 32  VAL A CG2 1 
ATOM   171  N  N   . ALA A 1 49  ? 10.196  -1.446  8.963   1.00 20.44 ? 33  ALA A N   1 
ATOM   172  C  CA  . ALA A 1 49  ? 9.834   -0.150  9.559   1.00 21.10 ? 33  ALA A CA  1 
ATOM   173  C  C   . ALA A 1 49  ? 10.438  0.952   8.709   1.00 24.78 ? 33  ALA A C   1 
ATOM   174  O  O   . ALA A 1 49  ? 11.633  0.926   8.377   1.00 25.56 ? 33  ALA A O   1 
ATOM   175  C  CB  . ALA A 1 49  ? 10.352  0.000   11.049  1.00 23.37 ? 33  ALA A CB  1 
ATOM   176  N  N   . LEU A 1 50  ? 9.618   1.927   8.341   1.00 24.44 ? 34  LEU A N   1 
ATOM   177  C  CA  . LEU A 1 50  ? 10.107  3.107   7.616   1.00 26.20 ? 34  LEU A CA  1 
ATOM   178  C  C   . LEU A 1 50  ? 9.694   4.293   8.413   1.00 29.96 ? 34  LEU A C   1 
ATOM   179  O  O   . LEU A 1 50  ? 8.492   4.446   8.682   1.00 31.58 ? 34  LEU A O   1 
ATOM   180  C  CB  . LEU A 1 50  ? 9.420   3.288   6.275   1.00 26.74 ? 34  LEU A CB  1 
ATOM   181  C  CG  . LEU A 1 50  ? 9.221   2.339   5.110   1.00 35.68 ? 34  LEU A CG  1 
ATOM   182  C  CD1 . LEU A 1 50  ? 9.456   3.090   3.843   1.00 30.66 ? 34  LEU A CD1 1 
ATOM   183  C  CD2 . LEU A 1 50  ? 10.037  1.075   5.177   1.00 33.42 ? 34  LEU A CD2 1 
ATOM   184  N  N   . HIS A 1 51  ? 10.633  5.177   8.691   1.00 28.39 ? 35  HIS A N   1 
ATOM   185  C  CA  . HIS A 1 51  ? 10.357  6.390   9.453   1.00 30.32 ? 35  HIS A CA  1 
ATOM   186  C  C   . HIS A 1 51  ? 11.183  7.536   8.869   1.00 29.39 ? 35  HIS A C   1 
ATOM   187  O  O   . HIS A 1 51  ? 12.211  7.895   9.418   1.00 28.60 ? 35  HIS A O   1 
ATOM   188  C  CB  . HIS A 1 51  ? 10.701  6.076   10.945  1.00 31.59 ? 35  HIS A CB  1 
ATOM   189  C  CG  . HIS A 1 51  ? 10.378  7.176   11.913  1.00 36.90 ? 35  HIS A CG  1 
ATOM   190  N  ND1 . HIS A 1 51  ? 9.399   8.126   11.682  1.00 45.87 ? 35  HIS A ND1 1 
ATOM   191  C  CD2 . HIS A 1 51  ? 10.894  7.464   13.132  1.00 44.94 ? 35  HIS A CD2 1 
ATOM   192  C  CE1 . HIS A 1 51  ? 9.333   8.955   12.711  1.00 42.49 ? 35  HIS A CE1 1 
ATOM   193  N  NE2 . HIS A 1 51  ? 10.230  8.572   13.605  1.00 44.93 ? 35  HIS A NE2 1 
ATOM   194  N  N   . GLN A 1 52  ? 10.743  8.063   7.714   1.00 26.45 ? 36  GLN A N   1 
ATOM   195  C  CA  . GLN A 1 52  ? 11.486  9.158   7.022   1.00 26.99 ? 36  GLN A CA  1 
ATOM   196  C  C   . GLN A 1 52  ? 11.173  10.565  7.542   1.00 28.69 ? 36  GLN A C   1 
ATOM   197  O  O   . GLN A 1 52  ? 11.816  11.531  7.165   1.00 29.34 ? 36  GLN A O   1 
ATOM   198  C  CB  . GLN A 1 52  ? 11.181  9.106   5.529   1.00 25.09 ? 36  GLN A CB  1 
ATOM   199  C  CG  . GLN A 1 52  ? 12.304  9.553   4.665   1.00 25.12 ? 36  GLN A CG  1 
ATOM   200  C  CD  . GLN A 1 52  ? 12.031  9.332   3.227   1.00 22.81 ? 36  GLN A CD  1 
ATOM   201  O  OE1 . GLN A 1 52  ? 11.546  8.278   2.862   1.00 26.14 ? 36  GLN A OE1 1 
ATOM   202  N  NE2 . GLN A 1 52  ? 12.339  10.310  2.397   1.00 24.96 ? 36  GLN A NE2 1 
ATOM   203  N  N   . LEU A 1 53  ? 10.175  10.692  8.415   1.00 31.69 ? 37  LEU A N   1 
ATOM   204  C  CA  . LEU A 1 53  ? 9.974   11.958  9.131   1.00 32.79 ? 37  LEU A CA  1 
ATOM   205  C  C   . LEU A 1 53  ? 9.377   11.587  10.485  1.00 32.02 ? 37  LEU A C   1 
ATOM   206  O  O   . LEU A 1 53  ? 9.143   10.440  10.703  1.00 31.32 ? 37  LEU A O   1 
ATOM   207  C  CB  . LEU A 1 53  ? 9.118   12.949  8.324   1.00 34.18 ? 37  LEU A CB  1 
ATOM   208  C  CG  . LEU A 1 53  ? 7.998   12.463  7.446   1.00 40.96 ? 37  LEU A CG  1 
ATOM   209  C  CD1 . LEU A 1 53  ? 7.261   11.297  8.049   1.00 38.72 ? 37  LEU A CD1 1 
ATOM   210  C  CD2 . LEU A 1 53  ? 7.012   13.645  7.058   1.00 39.03 ? 37  LEU A CD2 1 
ATOM   211  N  N   . LYS A 1 54  ? 9.200   12.512  11.427  1.00 32.52 ? 38  LYS A N   1 
ATOM   212  C  CA  . LYS A 1 54  ? 8.791   12.083  12.804  1.00 31.08 ? 38  LYS A CA  1 
ATOM   213  C  C   . LYS A 1 54  ? 7.314   11.828  12.918  1.00 31.65 ? 38  LYS A C   1 
ATOM   214  O  O   . LYS A 1 54  ? 6.842   11.112  13.808  1.00 32.33 ? 38  LYS A O   1 
ATOM   215  N  N   . ARG A 1 55  ? 6.563   12.413  11.987  1.00 28.42 ? 39  ARG A N   1 
ATOM   216  C  CA  . ARG A 1 55  ? 5.109   12.234  11.995  1.00 28.06 ? 39  ARG A CA  1 
ATOM   217  C  C   . ARG A 1 55  ? 4.598   12.116  10.589  1.00 26.27 ? 39  ARG A C   1 
ATOM   218  O  O   . ARG A 1 55  ? 5.149   12.785  9.690   1.00 27.96 ? 39  ARG A O   1 
ATOM   219  C  CB  . ARG A 1 55  ? 4.453   13.427  12.579  1.00 29.46 ? 39  ARG A CB  1 
ATOM   220  N  N   . GLY A 1 56  ? 3.542   11.329  10.438  1.00 25.06 ? 40  GLY A N   1 
ATOM   221  C  CA  . GLY A 1 56  ? 2.874   11.191  9.138   1.00 23.86 ? 40  GLY A CA  1 
ATOM   222  C  C   . GLY A 1 56  ? 1.984   12.407  8.888   1.00 23.79 ? 40  GLY A C   1 
ATOM   223  O  O   . GLY A 1 56  ? 1.691   13.216  9.839   1.00 25.36 ? 40  GLY A O   1 
ATOM   224  N  N   . TRP A 1 57  ? 1.516   12.554  7.633   1.00 22.87 ? 41  TRP A N   1 
ATOM   225  C  CA  . TRP A 1 57  ? 0.659   13.672  7.282   1.00 21.34 ? 41  TRP A CA  1 
ATOM   226  C  C   . TRP A 1 57  ? -0.730  13.172  7.689   1.00 23.52 ? 41  TRP A C   1 
ATOM   227  O  O   . TRP A 1 57  ? -1.383  12.530  6.911   1.00 19.78 ? 41  TRP A O   1 
ATOM   228  C  CB  . TRP A 1 57  ? 0.758   13.923  5.766   1.00 20.73 ? 41  TRP A CB  1 
ATOM   229  C  CG  . TRP A 1 57  ? 2.159   14.297  5.323   1.00 20.73 ? 41  TRP A CG  1 
ATOM   230  C  CD1 . TRP A 1 57  ? 3.057   15.046  6.047   1.00 22.76 ? 41  TRP A CD1 1 
ATOM   231  C  CD2 . TRP A 1 57  ? 2.801   13.941  4.112   1.00 20.62 ? 41  TRP A CD2 1 
ATOM   232  N  NE1 . TRP A 1 57  ? 4.193   15.165  5.355   1.00 19.99 ? 41  TRP A NE1 1 
ATOM   233  C  CE2 . TRP A 1 57  ? 4.079   14.510  4.150   1.00 19.18 ? 41  TRP A CE2 1 
ATOM   234  C  CE3 . TRP A 1 57  ? 2.432   13.192  3.001   1.00 19.90 ? 41  TRP A CE3 1 
ATOM   235  C  CZ2 . TRP A 1 57  ? 4.984   14.370  3.124   1.00 20.03 ? 41  TRP A CZ2 1 
ATOM   236  C  CZ3 . TRP A 1 57  ? 3.354   13.011  1.973   1.00 22.79 ? 41  TRP A CZ3 1 
ATOM   237  C  CH2 . TRP A 1 57  ? 4.626   13.605  2.036   1.00 22.66 ? 41  TRP A CH2 1 
ATOM   238  N  N   . GLN A 1 58  ? -1.081  13.318  8.983   1.00 24.19 ? 42  GLN A N   1 
ATOM   239  C  CA  . GLN A 1 58  ? -2.268  12.617  9.572   1.00 24.40 ? 42  GLN A CA  1 
ATOM   240  C  C   . GLN A 1 58  ? -3.568  12.940  8.806   1.00 22.08 ? 42  GLN A C   1 
ATOM   241  O  O   . GLN A 1 58  ? -3.759  14.119  8.498   1.00 27.76 ? 42  GLN A O   1 
ATOM   242  C  CB  . GLN A 1 58  ? -2.370  12.900  11.078  1.00 26.31 ? 42  GLN A CB  1 
ATOM   243  C  CG  . GLN A 1 58  ? -1.384  12.016  11.896  1.00 30.82 ? 42  GLN A CG  1 
ATOM   244  C  CD  . GLN A 1 58  ? -1.628  10.507  11.711  1.00 38.24 ? 42  GLN A CD  1 
ATOM   245  O  OE1 . GLN A 1 58  ? -0.703  9.687   11.691  1.00 39.10 ? 42  GLN A OE1 1 
ATOM   246  N  NE2 . GLN A 1 58  ? -2.871  10.144  11.616  1.00 31.48 ? 42  GLN A NE2 1 
ATOM   247  N  N   . PRO A 1 59  ? -4.450  11.934  8.475   1.00 21.17 ? 43  PRO A N   1 
ATOM   248  C  CA  . PRO A 1 59  ? -4.478  10.548  8.918   1.00 19.39 ? 43  PRO A CA  1 
ATOM   249  C  C   . PRO A 1 59  ? -3.579  9.595   8.122   1.00 17.14 ? 43  PRO A C   1 
ATOM   250  O  O   . PRO A 1 59  ? -3.699  8.436   8.330   1.00 18.76 ? 43  PRO A O   1 
ATOM   251  C  CB  . PRO A 1 59  ? -5.916  10.183  8.772   1.00 20.26 ? 43  PRO A CB  1 
ATOM   252  C  CG  . PRO A 1 59  ? -6.352  10.899  7.570   1.00 20.80 ? 43  PRO A CG  1 
ATOM   253  C  CD  . PRO A 1 59  ? -5.689  12.241  7.719   1.00 23.11 ? 43  PRO A CD  1 
ATOM   254  N  N   . LEU A 1 60  ? -2.665  10.106  7.309   1.00 16.76 ? 44  LEU A N   1 
ATOM   255  C  CA  . LEU A 1 60  ? -1.690  9.136   6.673   1.00 15.63 ? 44  LEU A CA  1 
ATOM   256  C  C   . LEU A 1 60  ? -0.673  8.753   7.761   1.00 16.25 ? 44  LEU A C   1 
ATOM   257  O  O   . LEU A 1 60  ? -0.242  9.632   8.547   1.00 19.51 ? 44  LEU A O   1 
ATOM   258  C  CB  . LEU A 1 60  ? -0.942  9.822   5.536   1.00 15.25 ? 44  LEU A CB  1 
ATOM   259  C  CG  . LEU A 1 60  ? -1.775  10.254  4.307   1.00 17.17 ? 44  LEU A CG  1 
ATOM   260  C  CD1 . LEU A 1 60  ? -0.870  10.607  3.145   1.00 19.57 ? 44  LEU A CD1 1 
ATOM   261  C  CD2 . LEU A 1 60  ? -2.765  9.168   4.001   1.00 18.73 ? 44  LEU A CD2 1 
ATOM   262  N  N   . ASN A 1 61  ? -0.382  7.465   7.887   1.00 15.40 ? 45  ASN A N   1 
ATOM   263  C  CA  . ASN A 1 61  ? 0.573   7.033   8.908   1.00 13.20 ? 45  ASN A CA  1 
ATOM   264  C  C   . ASN A 1 61  ? 2.029   7.344   8.468   1.00 15.72 ? 45  ASN A C   1 
ATOM   265  O  O   . ASN A 1 61  ? 2.317   7.746   7.387   1.00 15.47 ? 45  ASN A O   1 
ATOM   266  C  CB  . ASN A 1 61  ? 0.278   5.600   9.306   1.00 14.14 ? 45  ASN A CB  1 
ATOM   267  C  CG  . ASN A 1 61  ? 0.431   4.614   8.206   1.00 13.34 ? 45  ASN A CG  1 
ATOM   268  O  OD1 . ASN A 1 61  ? 1.447   4.646   7.544   1.00 15.22 ? 45  ASN A OD1 1 
ATOM   269  N  ND2 . ASN A 1 61  ? -0.495  3.629   8.066   1.00 13.03 ? 45  ASN A ND2 1 
ATOM   270  N  N   . ILE A 1 62  ? 2.978   7.048   9.345   1.00 14.78 ? 46  ILE A N   1 
ATOM   271  C  CA  . ILE A 1 62  ? 4.383   7.312   9.009   1.00 16.13 ? 46  ILE A CA  1 
ATOM   272  C  C   . ILE A 1 62  ? 4.910   6.438   7.854   1.00 15.42 ? 46  ILE A C   1 
ATOM   273  O  O   . ILE A 1 62  ? 5.655   6.959   6.982   1.00 15.54 ? 46  ILE A O   1 
ATOM   274  C  CB  . ILE A 1 62  ? 5.265   7.058   10.304  1.00 16.74 ? 46  ILE A CB  1 
ATOM   275  C  CG1 . ILE A 1 62  ? 5.073   8.269   11.186  1.00 20.79 ? 46  ILE A CG1 1 
ATOM   276  C  CG2 . ILE A 1 62  ? 6.746   7.235   9.949   1.00 20.13 ? 46  ILE A CG2 1 
ATOM   277  C  CD1 . ILE A 1 62  ? 5.365   7.929   12.688  1.00 23.57 ? 46  ILE A CD1 1 
ATOM   278  N  N   . ALA A 1 63  ? 4.490   5.182   7.777   1.00 15.02 ? 47  ALA A N   1 
ATOM   279  C  CA  . ALA A 1 63  ? 4.957   4.282   6.704   1.00 13.05 ? 47  ALA A CA  1 
ATOM   280  C  C   . ALA A 1 63  ? 4.386   4.769   5.370   1.00 14.05 ? 47  ALA A C   1 
ATOM   281  O  O   . ALA A 1 63  ? 5.150   4.858   4.366   1.00 15.00 ? 47  ALA A O   1 
ATOM   282  C  CB  . ALA A 1 63  ? 4.570   2.831   6.988   1.00 16.76 ? 47  ALA A CB  1 
ATOM   283  N  N   . THR A 1 64  ? 3.105   5.094   5.376   1.00 12.54 ? 48  THR A N   1 
ATOM   284  C  CA  . THR A 1 64  ? 2.523   5.567   4.043   1.00 12.56 ? 48  THR A CA  1 
ATOM   285  C  C   . THR A 1 64  ? 3.250   6.810   3.641   1.00 13.44 ? 48  THR A C   1 
ATOM   286  O  O   . THR A 1 64  ? 3.580   7.046   2.434   1.00 13.41 ? 48  THR A O   1 
ATOM   287  C  CB  . THR A 1 64  ? 1.020   5.933   4.330   1.00 12.27 ? 48  THR A CB  1 
ATOM   288  O  OG1 . THR A 1 64  ? 0.268   4.726   4.544   1.00 14.36 ? 48  THR A OG1 1 
ATOM   289  C  CG2 . THR A 1 64  ? 0.399   6.657   3.071   1.00 11.80 ? 48  THR A CG2 1 
ATOM   290  N  N   . THR A 1 65  ? 3.404   7.744   4.570   1.00 13.66 ? 49  THR A N   1 
ATOM   291  C  CA  . THR A 1 65  ? 4.050   9.033   4.222   1.00 13.83 ? 49  THR A CA  1 
ATOM   292  C  C   . THR A 1 65  ? 5.448   8.765   3.654   1.00 14.19 ? 49  THR A C   1 
ATOM   293  O  O   . THR A 1 65  ? 5.886   9.397   2.693   1.00 15.81 ? 49  THR A O   1 
ATOM   294  C  CB  . THR A 1 65  ? 4.104   9.875   5.486   1.00 15.19 ? 49  THR A CB  1 
ATOM   295  O  OG1 . THR A 1 65  ? 2.760   10.102  5.923   1.00 16.20 ? 49  THR A OG1 1 
ATOM   296  C  CG2 . THR A 1 65  ? 4.761   11.174  5.247   1.00 16.39 ? 49  THR A CG2 1 
ATOM   297  N  N   . SER A 1 66  ? 6.159   7.808   4.321   1.00 20.00 ? 50  SER A N   1 
ATOM   298  C  CA  . SER A 1 66  ? 7.511   7.521   3.853   1.00 20.00 ? 50  SER A CA  1 
ATOM   299  C  C   . SER A 1 66  ? 7.488   6.815   2.501   1.00 20.00 ? 50  SER A C   1 
ATOM   300  O  O   . SER A 1 66  ? 8.405   7.144   1.719   1.00 15.59 ? 50  SER A O   1 
ATOM   301  C  CB  . SER A 1 66  ? 8.265   6.671   4.878   1.00 20.00 ? 50  SER A CB  1 
ATOM   302  O  OG  . SER A 1 66  ? 8.440   7.377   6.094   1.00 20.00 ? 50  SER A OG  1 
ATOM   303  N  N   . VAL A 1 67  ? 6.640   5.997   2.279   1.00 14.33 ? 51  VAL A N   1 
ATOM   304  C  CA  . VAL A 1 67  ? 6.517   5.350   0.912   1.00 15.57 ? 51  VAL A CA  1 
ATOM   305  C  C   . VAL A 1 67  ? 6.258   6.442   -0.107  1.00 17.06 ? 51  VAL A C   1 
ATOM   306  O  O   . VAL A 1 67  ? 6.906   6.460   -1.134  1.00 16.30 ? 51  VAL A O   1 
ATOM   307  C  CB  . VAL A 1 67  ? 5.350   4.329   0.892   1.00 17.52 ? 51  VAL A CB  1 
ATOM   308  C  CG1 . VAL A 1 67  ? 5.053   3.883   -0.536  1.00 17.77 ? 51  VAL A CG1 1 
ATOM   309  C  CG2 . VAL A 1 67  ? 5.677   3.093   1.820   1.00 17.22 ? 51  VAL A CG2 1 
ATOM   310  N  N   . LEU A 1 68  ? 5.360   7.380   0.213   1.00 17.34 ? 52  LEU A N   1 
ATOM   311  C  CA  . LEU A 1 68  ? 5.051   8.421   -0.833  1.00 15.12 ? 52  LEU A CA  1 
ATOM   312  C  C   . LEU A 1 68  ? 6.270   9.293   -1.082  1.00 16.31 ? 52  LEU A C   1 
ATOM   313  O  O   . LEU A 1 68  ? 6.545   9.647   -2.218  1.00 17.61 ? 52  LEU A O   1 
ATOM   314  C  CB  . LEU A 1 68  ? 3.856   9.288   -0.445  1.00 13.30 ? 52  LEU A CB  1 
ATOM   315  C  CG  . LEU A 1 68  ? 2.538   8.487   -0.446  1.00 15.32 ? 52  LEU A CG  1 
ATOM   316  C  CD1 . LEU A 1 68  ? 1.426   9.268   0.288   1.00 17.09 ? 52  LEU A CD1 1 
ATOM   317  C  CD2 . LEU A 1 68  ? 2.114   8.115   -1.907  1.00 15.18 ? 52  LEU A CD2 1 
ATOM   318  N  N   . LEU A 1 69  ? 7.025   9.648   -0.033  1.00 14.56 ? 53  LEU A N   1 
ATOM   319  C  CA  . LEU A 1 69  ? 8.251   10.506  -0.193  1.00 15.60 ? 53  LEU A CA  1 
ATOM   320  C  C   . LEU A 1 69  ? 9.279   9.767   -1.064  1.00 18.21 ? 53  LEU A C   1 
ATOM   321  O  O   . LEU A 1 69  ? 10.028  10.406  -1.826  1.00 20.61 ? 53  LEU A O   1 
ATOM   322  C  CB  . LEU A 1 69  ? 8.872   10.744  1.182   1.00 17.44 ? 53  LEU A CB  1 
ATOM   323  C  CG  . LEU A 1 69  ? 8.158   11.716  2.073   1.00 14.08 ? 53  LEU A CG  1 
ATOM   324  C  CD1 . LEU A 1 69  ? 8.720   11.761  3.524   1.00 18.44 ? 53  LEU A CD1 1 
ATOM   325  C  CD2 . LEU A 1 69  ? 8.303   13.121  1.380   1.00 21.92 ? 53  LEU A CD2 1 
ATOM   326  N  N   . THR A 1 70  ? 9.262   8.457   -0.918  1.00 18.60 ? 54  THR A N   1 
ATOM   327  C  CA  . THR A 1 70  ? 10.255  7.548   -1.538  1.00 20.29 ? 54  THR A CA  1 
ATOM   328  C  C   . THR A 1 70  ? 9.901   7.420   -3.055  1.00 21.68 ? 54  THR A C   1 
ATOM   329  O  O   . THR A 1 70  ? 10.842  7.621   -3.909  1.00 26.18 ? 54  THR A O   1 
ATOM   330  C  CB  . THR A 1 70  ? 10.279  6.212   -0.776  1.00 20.80 ? 54  THR A CB  1 
ATOM   331  O  OG1 . THR A 1 70  ? 10.888  6.461   0.514   1.00 19.12 ? 54  THR A OG1 1 
ATOM   332  C  CG2 . THR A 1 70  ? 11.062  5.125   -1.532  1.00 24.29 ? 54  THR A CG2 1 
ATOM   333  N  N   . LEU A 1 71  ? 8.619   7.207   -3.422  1.00 20.86 ? 55  LEU A N   1 
ATOM   334  C  CA  . LEU A 1 71  ? 8.271   6.781   -4.792  1.00 19.32 ? 55  LEU A CA  1 
ATOM   335  C  C   . LEU A 1 71  ? 7.545   7.814   -5.660  1.00 19.33 ? 55  LEU A C   1 
ATOM   336  O  O   . LEU A 1 71  ? 7.589   7.693   -6.905  1.00 19.48 ? 55  LEU A O   1 
ATOM   337  C  CB  . LEU A 1 71  ? 7.472   5.542   -4.750  1.00 19.88 ? 55  LEU A CB  1 
ATOM   338  C  CG  . LEU A 1 71  ? 8.333   4.446   -4.101  1.00 21.79 ? 55  LEU A CG  1 
ATOM   339  C  CD1 . LEU A 1 71  ? 7.557   3.297   -4.274  1.00 19.14 ? 55  LEU A CD1 1 
ATOM   340  C  CD2 . LEU A 1 71  ? 9.691   4.218   -4.730  1.00 19.28 ? 55  LEU A CD2 1 
ATOM   341  N  N   . ALA A 1 72  ? 6.878   8.784   -5.028  1.00 17.52 ? 56  ALA A N   1 
ATOM   342  C  CA  . ALA A 1 72  ? 5.964   9.643   -5.845  1.00 17.72 ? 56  ALA A CA  1 
ATOM   343  C  C   . ALA A 1 72  ? 6.641   10.916  -6.301  1.00 16.90 ? 56  ALA A C   1 
ATOM   344  O  O   . ALA A 1 72  ? 7.401   11.588  -5.561  1.00 19.03 ? 56  ALA A O   1 
ATOM   345  C  CB  . ALA A 1 72  ? 4.685   10.008  -5.037  1.00 18.33 ? 56  ALA A CB  1 
ATOM   346  N  N   . ASP A 1 73  ? 6.404   11.340  -7.536  1.00 17.58 ? 57  ASP A N   1 
ATOM   347  C  CA  . ASP A 1 73  ? 6.838   12.695  -7.863  1.00 17.27 ? 57  ASP A CA  1 
ATOM   348  C  C   . ASP A 1 73  ? 5.866   13.251  -8.886  1.00 19.32 ? 57  ASP A C   1 
ATOM   349  O  O   . ASP A 1 73  ? 4.803   12.701  -9.110  1.00 19.70 ? 57  ASP A O   1 
ATOM   350  C  CB  . ASP A 1 73  ? 8.272   12.654  -8.455  1.00 21.36 ? 57  ASP A CB  1 
ATOM   351  C  CG  . ASP A 1 73  ? 8.425   11.614  -9.579  1.00 24.12 ? 57  ASP A CG  1 
ATOM   352  O  OD1 . ASP A 1 73  ? 7.481   11.270  -10.331 1.00 21.08 ? 57  ASP A OD1 1 
ATOM   353  O  OD2 . ASP A 1 73  ? 9.590   11.105  -9.789  1.00 34.31 ? 57  ASP A OD2 1 
ATOM   354  N  N   . ASN A 1 74  ? 6.302   14.270  -9.635  1.00 21.29 ? 58  ASN A N   1 
ATOM   355  C  CA  . ASN A 1 74  ? 5.376   14.867  -10.578 1.00 24.03 ? 58  ASN A CA  1 
ATOM   356  C  C   . ASN A 1 74  ? 4.853   13.934  -11.673 1.00 21.26 ? 58  ASN A C   1 
ATOM   357  O  O   . ASN A 1 74  ? 3.804   14.229  -12.329 1.00 21.69 ? 58  ASN A O   1 
ATOM   358  C  CB  . ASN A 1 74  ? 6.020   16.117  -11.177 1.00 25.24 ? 58  ASN A CB  1 
ATOM   359  C  CG  . ASN A 1 74  ? 7.389   15.833  -11.863 1.00 32.79 ? 58  ASN A CG  1 
ATOM   360  O  OD1 . ASN A 1 74  ? 8.397   15.427  -11.202 1.00 42.11 ? 58  ASN A OD1 1 
ATOM   361  N  ND2 . ASN A 1 74  ? 7.462   16.132  -13.189 1.00 41.57 ? 58  ASN A ND2 1 
ATOM   362  N  N   . ASP A 1 75  ? 5.542   12.856  -11.894 1.00 20.46 ? 59  ASP A N   1 
ATOM   363  C  CA  . ASP A 1 75  ? 5.116   11.907  -12.876 1.00 21.34 ? 59  ASP A CA  1 
ATOM   364  C  C   . ASP A 1 75  ? 4.170   10.769  -12.440 1.00 20.81 ? 59  ASP A C   1 
ATOM   365  O  O   . ASP A 1 75  ? 3.807   9.933   -13.256 1.00 19.15 ? 59  ASP A O   1 
ATOM   366  C  CB  . ASP A 1 75  ? 6.350   11.337  -13.544 1.00 22.02 ? 59  ASP A CB  1 
ATOM   367  C  CG  . ASP A 1 75  ? 7.074   12.386  -14.402 1.00 28.61 ? 59  ASP A CG  1 
ATOM   368  O  OD1 . ASP A 1 75  ? 6.381   13.206  -15.076 1.00 28.33 ? 59  ASP A OD1 1 
ATOM   369  O  OD2 . ASP A 1 75  ? 8.320   12.337  -14.454 1.00 34.36 ? 59  ASP A OD2 1 
ATOM   370  N  N   . THR A 1 76  ? 3.769   10.741  -11.140 1.00 16.32 ? 60  THR A N   1 
ATOM   371  C  CA  . THR A 1 76  ? 3.015   9.557   -10.655 1.00 17.01 ? 60  THR A CA  1 
ATOM   372  C  C   . THR A 1 76  ? 1.787   10.059  -9.913  1.00 14.56 ? 60  THR A C   1 
ATOM   373  O  O   . THR A 1 76  ? 1.890   10.383  -8.755  1.00 16.33 ? 60  THR A O   1 
ATOM   374  C  CB  . THR A 1 76  ? 3.824   8.678   -9.613  1.00 15.41 ? 60  THR A CB  1 
ATOM   375  O  OG1 . THR A 1 76  ? 4.242   9.514   -8.594  1.00 17.59 ? 60  THR A OG1 1 
ATOM   376  C  CG2 . THR A 1 76  ? 5.189   8.087   -10.359 1.00 15.83 ? 60  THR A CG2 1 
ATOM   377  N  N   . PRO A 1 77  ? 0.681   10.226  -10.596 1.00 14.60 ? 61  PRO A N   1 
ATOM   378  C  CA  . PRO A 1 77  ? -0.522  10.651  -9.879  1.00 13.52 ? 61  PRO A CA  1 
ATOM   379  C  C   . PRO A 1 77  ? -0.800  9.778   -8.664  1.00 13.45 ? 61  PRO A C   1 
ATOM   380  O  O   . PRO A 1 77  ? -0.712  8.552   -8.723  1.00 13.58 ? 61  PRO A O   1 
ATOM   381  C  CB  . PRO A 1 77  ? -1.668  10.467  -10.905 1.00 13.56 ? 61  PRO A CB  1 
ATOM   382  C  CG  . PRO A 1 77  ? -0.919  10.715  -12.301 1.00 14.68 ? 61  PRO A CG  1 
ATOM   383  C  CD  . PRO A 1 77  ? 0.461   10.023  -12.060 1.00 17.65 ? 61  PRO A CD  1 
ATOM   384  N  N   . VAL A 1 78  ? -1.295  10.481  -7.654  1.00 13.22 ? 62  VAL A N   1 
ATOM   385  C  CA  . VAL A 1 78  ? -1.753  9.811   -6.439  1.00 11.86 ? 62  VAL A CA  1 
ATOM   386  C  C   . VAL A 1 78  ? -3.191  10.064  -6.210  1.00 12.90 ? 62  VAL A C   1 
ATOM   387  O  O   . VAL A 1 78  ? -3.659  11.210  -6.355  1.00 12.71 ? 62  VAL A O   1 
ATOM   388  C  CB  . VAL A 1 78  ? -0.941  10.407  -5.227  1.00 10.77 ? 62  VAL A CB  1 
ATOM   389  C  CG1 . VAL A 1 78  ? -1.441  9.819   -3.941  1.00 15.37 ? 62  VAL A CG1 1 
ATOM   390  C  CG2 . VAL A 1 78  ? 0.595   10.125  -5.409  1.00 13.68 ? 62  VAL A CG2 1 
ATOM   391  N  N   . TRP A 1 79  ? -3.903  9.022   -5.824  1.00 12.31 ? 63  TRP A N   1 
ATOM   392  C  CA  . TRP A 1 79  ? -5.331  9.181   -5.535  1.00 12.79 ? 63  TRP A CA  1 
ATOM   393  C  C   . TRP A 1 79  ? -5.487  8.777   -4.039  1.00 12.95 ? 63  TRP A C   1 
ATOM   394  O  O   . TRP A 1 79  ? -5.071  7.686   -3.668  1.00 14.49 ? 63  TRP A O   1 
ATOM   395  C  CB  . TRP A 1 79  ? -6.165  8.206   -6.366  1.00 15.06 ? 63  TRP A CB  1 
ATOM   396  C  CG  . TRP A 1 79  ? -7.606  8.131   -5.899  1.00 14.45 ? 63  TRP A CG  1 
ATOM   397  C  CD1 . TRP A 1 79  ? -8.644  9.153   -6.011  1.00 15.27 ? 63  TRP A CD1 1 
ATOM   398  C  CD2 . TRP A 1 79  ? -8.248  7.014   -5.266  1.00 12.95 ? 63  TRP A CD2 1 
ATOM   399  N  NE1 . TRP A 1 79  ? -9.830  8.667   -5.492  1.00 15.13 ? 63  TRP A NE1 1 
ATOM   400  C  CE2 . TRP A 1 79  ? -9.610  7.407   -4.970  1.00 16.90 ? 63  TRP A CE2 1 
ATOM   401  C  CE3 . TRP A 1 79  ? -7.807  5.754   -4.856  1.00 12.80 ? 63  TRP A CE3 1 
ATOM   402  C  CZ2 . TRP A 1 79  ? -10.499 6.520   -4.343  1.00 15.77 ? 63  TRP A CZ2 1 
ATOM   403  C  CZ3 . TRP A 1 79  ? -8.730  4.833   -4.248  1.00 13.06 ? 63  TRP A CZ3 1 
ATOM   404  C  CH2 . TRP A 1 79  ? -10.057 5.263   -4.012  1.00 15.50 ? 63  TRP A CH2 1 
ATOM   405  N  N   . LEU A 1 80  ? -6.146  9.657   -3.281  1.00 12.65 ? 64  LEU A N   1 
ATOM   406  C  CA  . LEU A 1 80  ? -6.399  9.390   -1.833  1.00 13.63 ? 64  LEU A CA  1 
ATOM   407  C  C   . LEU A 1 80  ? -7.902  9.178   -1.694  1.00 15.57 ? 64  LEU A C   1 
ATOM   408  O  O   . LEU A 1 80  ? -8.730  10.022  -2.127  1.00 15.04 ? 64  LEU A O   1 
ATOM   409  C  CB  . LEU A 1 80  ? -5.967  10.619  -1.023  1.00 15.28 ? 64  LEU A CB  1 
ATOM   410  C  CG  . LEU A 1 80  ? -4.584  11.236  -1.302  1.00 17.24 ? 64  LEU A CG  1 
ATOM   411  C  CD1 . LEU A 1 80  ? -4.476  12.631  -0.496  1.00 19.91 ? 64  LEU A CD1 1 
ATOM   412  C  CD2 . LEU A 1 80  ? -3.675  10.291  -0.673  1.00 20.57 ? 64  LEU A CD2 1 
ATOM   413  N  N   . SER A 1 81  ? -8.299  8.066   -1.080  1.00 11.79 ? 65  SER A N   1 
ATOM   414  C  CA  . SER A 1 81  ? -9.755  7.843   -0.819  1.00 14.29 ? 65  SER A CA  1 
ATOM   415  C  C   . SER A 1 81  ? -10.296 8.872   0.136   1.00 14.18 ? 65  SER A C   1 
ATOM   416  O  O   . SER A 1 81  ? -9.564  9.537   0.874   1.00 14.74 ? 65  SER A O   1 
ATOM   417  C  CB  . SER A 1 81  ? -10.031 6.413   -0.344  1.00 15.46 ? 65  SER A CB  1 
ATOM   418  O  OG  . SER A 1 81  ? -9.412  6.314   0.962   1.00 15.37 ? 65  SER A OG  1 
ATOM   419  N  N   . THR A 1 82  ? -11.627 8.987   0.185   1.00 16.28 ? 66  THR A N   1 
ATOM   420  C  CA  . THR A 1 82  ? -12.273 10.080  0.960   1.00 18.13 ? 66  THR A CA  1 
ATOM   421  C  C   . THR A 1 82  ? -11.831 10.164  2.397   1.00 15.69 ? 66  THR A C   1 
ATOM   422  O  O   . THR A 1 82  ? -11.460 11.248  2.831   1.00 19.00 ? 66  THR A O   1 
ATOM   423  C  CB  . THR A 1 82  ? -13.773 9.988   0.792   1.00 19.60 ? 66  THR A CB  1 
ATOM   424  O  OG1 . THR A 1 82  ? -14.024 10.276  -0.589  1.00 22.52 ? 66  THR A OG1 1 
ATOM   425  C  CG2 . THR A 1 82  ? -14.506 11.078  1.621   1.00 21.33 ? 66  THR A CG2 1 
ATOM   426  N  N   . PRO A 1 83  ? -11.778 9.044   3.094   1.00 16.03 ? 67  PRO A N   1 
ATOM   427  C  CA  . PRO A 1 83  ? -11.342 9.189   4.504   1.00 18.67 ? 67  PRO A CA  1 
ATOM   428  C  C   . PRO A 1 83  ? -9.964  9.763   4.735   1.00 21.29 ? 67  PRO A C   1 
ATOM   429  O  O   . PRO A 1 83  ? -9.664  10.260  5.852   1.00 20.66 ? 67  PRO A O   1 
ATOM   430  C  CB  . PRO A 1 83  ? -11.420 7.730   5.076   1.00 19.85 ? 67  PRO A CB  1 
ATOM   431  C  CG  . PRO A 1 83  ? -12.223 6.966   4.121   1.00 22.67 ? 67  PRO A CG  1 
ATOM   432  C  CD  . PRO A 1 83  ? -12.201 7.676   2.755   1.00 18.36 ? 67  PRO A CD  1 
ATOM   433  N  N   . LEU A 1 84  ? -9.076  9.621   3.730   1.00 17.22 ? 68  LEU A N   1 
ATOM   434  C  CA  . LEU A 1 84  ? -7.690  10.142  3.847   1.00 18.60 ? 68  LEU A CA  1 
ATOM   435  C  C   . LEU A 1 84  ? -7.459  11.443  3.094   1.00 19.84 ? 68  LEU A C   1 
ATOM   436  O  O   . LEU A 1 84  ? -6.339  11.970  3.084   1.00 22.62 ? 68  LEU A O   1 
ATOM   437  C  CB  . LEU A 1 84  ? -6.735  9.047   3.318   1.00 16.98 ? 68  LEU A CB  1 
ATOM   438  C  CG  . LEU A 1 84  ? -6.886  7.668   3.962   1.00 17.83 ? 68  LEU A CG  1 
ATOM   439  C  CD1 . LEU A 1 84  ? -5.848  6.612   3.539   1.00 16.37 ? 68  LEU A CD1 1 
ATOM   440  C  CD2 . LEU A 1 84  ? -6.754  7.779   5.578   1.00 22.40 ? 68  LEU A CD2 1 
ATOM   441  N  N   . ASN A 1 85  ? -8.507  11.991  2.488   1.00 18.63 ? 69  ASN A N   1 
ATOM   442  C  CA  . ASN A 1 85  ? -8.388  13.093  1.549   1.00 20.68 ? 69  ASN A CA  1 
ATOM   443  C  C   . ASN A 1 85  ? -8.857  14.323  2.316   1.00 24.47 ? 69  ASN A C   1 
ATOM   444  O  O   . ASN A 1 85  ? -10.077 14.428  2.668   1.00 29.02 ? 69  ASN A O   1 
ATOM   445  C  CB  . ASN A 1 85  ? -9.190  12.784  0.280   1.00 22.49 ? 69  ASN A CB  1 
ATOM   446  C  CG  . ASN A 1 85  ? -8.705  13.612  -0.970  1.00 27.19 ? 69  ASN A CG  1 
ATOM   447  O  OD1 . ASN A 1 85  ? -8.463  14.768  -0.870  1.00 34.68 ? 69  ASN A OD1 1 
ATOM   448  N  ND2 . ASN A 1 85  ? -8.539  12.946  -2.119  1.00 34.74 ? 69  ASN A ND2 1 
ATOM   449  N  N   . ASN A 1 86  ? -7.925  15.062  2.882   1.00 24.34 ? 70  ASN A N   1 
ATOM   450  C  CA  . ASN A 1 86  ? -8.296  16.353  3.455   1.00 24.44 ? 70  ASN A CA  1 
ATOM   451  C  C   . ASN A 1 86  ? -7.275  17.414  3.058   1.00 25.34 ? 70  ASN A C   1 
ATOM   452  O  O   . ASN A 1 86  ? -6.255  17.096  2.400   1.00 24.31 ? 70  ASN A O   1 
ATOM   453  C  CB  . ASN A 1 86  ? -8.558  16.302  4.938   1.00 24.82 ? 70  ASN A CB  1 
ATOM   454  C  CG  . ASN A 1 86  ? -7.315  16.086  5.721   1.00 27.16 ? 70  ASN A CG  1 
ATOM   455  O  OD1 . ASN A 1 86  ? -6.274  16.677  5.437   1.00 28.15 ? 70  ASN A OD1 1 
ATOM   456  N  ND2 . ASN A 1 86  ? -7.358  15.154  6.631   1.00 31.90 ? 70  ASN A ND2 1 
ATOM   457  N  N   . ASP A 1 87  ? -7.566  18.667  3.373   1.00 24.33 ? 71  ASP A N   1 
ATOM   458  C  CA  . ASP A 1 87  ? -6.789  19.785  2.798   1.00 25.65 ? 71  ASP A CA  1 
ATOM   459  C  C   . ASP A 1 87  ? -5.380  19.719  3.311   1.00 23.83 ? 71  ASP A C   1 
ATOM   460  O  O   . ASP A 1 87  ? -4.438  19.969  2.535   1.00 24.85 ? 71  ASP A O   1 
ATOM   461  C  CB  . ASP A 1 87  ? -7.374  21.186  3.166   1.00 26.81 ? 71  ASP A CB  1 
ATOM   462  C  CG  . ASP A 1 87  ? -8.612  21.518  2.432   1.00 35.06 ? 71  ASP A CG  1 
ATOM   463  O  OD1 . ASP A 1 87  ? -8.948  20.843  1.406   1.00 38.80 ? 71  ASP A OD1 1 
ATOM   464  O  OD2 . ASP A 1 87  ? -9.252  22.520  2.892   1.00 41.07 ? 71  ASP A OD2 1 
ATOM   465  N  N   . ILE A 1 88  ? -5.202  19.393  4.591   1.00 25.17 ? 72  ILE A N   1 
ATOM   466  C  CA  . ILE A 1 88  ? -3.837  19.295  5.190   1.00 24.58 ? 72  ILE A CA  1 
ATOM   467  C  C   . ILE A 1 88  ? -2.983  18.191  4.526   1.00 23.59 ? 72  ILE A C   1 
ATOM   468  O  O   . ILE A 1 88  ? -1.814  18.432  4.121   1.00 22.25 ? 72  ILE A O   1 
ATOM   469  C  CB  . ILE A 1 88  ? -3.875  19.100  6.754   1.00 27.18 ? 72  ILE A CB  1 
ATOM   470  C  CG1 . ILE A 1 88  ? -4.330  20.381  7.499   1.00 29.16 ? 72  ILE A CG1 1 
ATOM   471  C  CG2 . ILE A 1 88  ? -2.535  18.665  7.224   1.00 30.05 ? 72  ILE A CG2 1 
ATOM   472  C  CD1 . ILE A 1 88  ? -4.492  21.647  6.604   1.00 36.36 ? 72  ILE A CD1 1 
ATOM   473  N  N   . VAL A 1 89  ? -3.555  16.991  4.383   1.00 21.35 ? 73  VAL A N   1 
ATOM   474  C  CA  . VAL A 1 89  ? -2.920  15.900  3.630   1.00 19.68 ? 73  VAL A CA  1 
ATOM   475  C  C   . VAL A 1 89  ? -2.630  16.361  2.226   1.00 19.15 ? 73  VAL A C   1 
ATOM   476  O  O   . VAL A 1 89  ? -1.519  16.135  1.699   1.00 17.34 ? 73  VAL A O   1 
ATOM   477  C  CB  . VAL A 1 89  ? -3.781  14.582  3.581   1.00 21.98 ? 73  VAL A CB  1 
ATOM   478  C  CG1 . VAL A 1 89  ? -3.066  13.518  2.714   1.00 20.96 ? 73  VAL A CG1 1 
ATOM   479  C  CG2 . VAL A 1 89  ? -3.900  13.972  4.961   1.00 19.43 ? 73  VAL A CG2 1 
ATOM   480  N  N   . ASN A 1 90  ? -3.636  16.921  1.535   1.00 19.36 ? 74  ASN A N   1 
ATOM   481  C  CA  . ASN A 1 90  ? -3.318  17.327  0.131   1.00 17.93 ? 74  ASN A CA  1 
ATOM   482  C  C   . ASN A 1 90  ? -2.139  18.341  0.107   1.00 17.65 ? 74  ASN A C   1 
ATOM   483  O  O   . ASN A 1 90  ? -1.211  18.200  -0.728  1.00 17.48 ? 74  ASN A O   1 
ATOM   484  C  CB  . ASN A 1 90  ? -4.540  17.948  -0.548  1.00 18.81 ? 74  ASN A CB  1 
ATOM   485  C  CG  . ASN A 1 90  ? -5.443  16.887  -1.207  1.00 25.00 ? 74  ASN A CG  1 
ATOM   486  O  OD1 . ASN A 1 90  ? -5.367  16.628  -2.400  1.00 32.40 ? 74  ASN A OD1 1 
ATOM   487  N  ND2 . ASN A 1 90  ? -6.240  16.234  -0.386  1.00 30.67 ? 74  ASN A ND2 1 
ATOM   488  N  N   . GLN A 1 91  ? -2.158  19.354  0.989   1.00 16.01 ? 75  GLN A N   1 
ATOM   489  C  CA  . GLN A 1 91  ? -1.121  20.366  0.983   1.00 15.16 ? 75  GLN A CA  1 
ATOM   490  C  C   . GLN A 1 91  ? 0.251   19.756  1.271   1.00 15.93 ? 75  GLN A C   1 
ATOM   491  O  O   . GLN A 1 91  ? 1.241   20.220  0.679   1.00 15.53 ? 75  GLN A O   1 
ATOM   492  C  CB  . GLN A 1 91  ? -1.402  21.400  2.073   1.00 17.97 ? 75  GLN A CB  1 
ATOM   493  C  CG  . GLN A 1 91  ? -2.517  22.458  1.640   1.00 17.82 ? 75  GLN A CG  1 
ATOM   494  C  CD  . GLN A 1 91  ? -3.050  23.139  2.933   1.00 22.40 ? 75  GLN A CD  1 
ATOM   495  O  OE1 . GLN A 1 91  ? -2.364  23.250  3.926   1.00 27.08 ? 75  GLN A OE1 1 
ATOM   496  N  NE2 . GLN A 1 91  ? -4.304  23.592  2.890   1.00 32.99 ? 75  GLN A NE2 1 
ATOM   497  N  N   . SER A 1 92  ? 0.282   18.856  2.239   1.00 17.13 ? 76  SER A N   1 
ATOM   498  C  CA  . SER A 1 92  ? 1.585   18.209  2.604   1.00 15.40 ? 76  SER A CA  1 
ATOM   499  C  C   . SER A 1 92  ? 2.114   17.440  1.415   1.00 16.75 ? 76  SER A C   1 
ATOM   500  O  O   . SER A 1 92  ? 3.319   17.488  1.077   1.00 17.33 ? 76  SER A O   1 
ATOM   501  C  CB  . SER A 1 92  ? 1.482   17.293  3.801   1.00 17.46 ? 76  SER A CB  1 
ATOM   502  O  OG  . SER A 1 92  ? 1.110   18.073  4.938   1.00 18.46 ? 76  SER A OG  1 
ATOM   503  N  N   . LEU A 1 93  ? 1.259   16.622  0.805   1.00 17.12 ? 77  LEU A N   1 
ATOM   504  C  CA  . LEU A 1 93  ? 1.696   15.820  -0.277  1.00 17.81 ? 77  LEU A CA  1 
ATOM   505  C  C   . LEU A 1 93  ? 2.162   16.689  -1.441  1.00 17.73 ? 77  LEU A C   1 
ATOM   506  O  O   . LEU A 1 93  ? 3.206   16.331  -2.075  1.00 20.10 ? 77  LEU A O   1 
ATOM   507  C  CB  . LEU A 1 93  ? 0.517   14.896  -0.627  1.00 17.97 ? 77  LEU A CB  1 
ATOM   508  C  CG  . LEU A 1 93  ? 0.693   13.615  -1.471  1.00 24.09 ? 77  LEU A CG  1 
ATOM   509  C  CD1 . LEU A 1 93  ? 1.949   12.783  -1.258  1.00 23.39 ? 77  LEU A CD1 1 
ATOM   510  C  CD2 . LEU A 1 93  ? -0.517  12.700  -1.276  1.00 26.57 ? 77  LEU A CD2 1 
ATOM   511  N  N   . ARG A 1 94  ? 1.389   17.742  -1.815  1.00 16.53 ? 78  ARG A N   1 
ATOM   512  C  CA  . ARG A 1 94  ? 1.795   18.643  -2.912  1.00 19.18 ? 78  ARG A CA  1 
ATOM   513  C  C   . ARG A 1 94  ? 3.180   19.253  -2.575  1.00 19.25 ? 78  ARG A C   1 
ATOM   514  O  O   . ARG A 1 94  ? 4.096   19.278  -3.440  1.00 20.54 ? 78  ARG A O   1 
ATOM   515  C  CB  . ARG A 1 94  ? 0.727   19.717  -3.237  1.00 20.12 ? 78  ARG A CB  1 
ATOM   516  C  CG  . ARG A 1 94  ? -0.593  19.041  -3.606  1.00 25.39 ? 78  ARG A CG  1 
ATOM   517  C  CD  . ARG A 1 94  ? -1.674  19.982  -4.182  1.00 32.24 ? 78  ARG A CD  1 
ATOM   518  N  NE  . ARG A 1 94  ? -2.351  20.869  -3.185  1.00 31.99 ? 78  ARG A NE  1 
ATOM   519  C  CZ  . ARG A 1 94  ? -1.897  22.068  -2.953  1.00 27.30 ? 78  ARG A CZ  1 
ATOM   520  N  NH1 . ARG A 1 94  ? -0.805  22.393  -3.558  1.00 31.29 ? 78  ARG A NH1 1 
ATOM   521  N  NH2 . ARG A 1 94  ? -2.444  22.877  -2.055  1.00 30.00 ? 78  ARG A NH2 1 
ATOM   522  N  N   . PHE A 1 95  ? 3.337   19.735  -1.341  1.00 15.30 ? 79  PHE A N   1 
ATOM   523  C  CA  . PHE A 1 95  ? 4.582   20.478  -1.060  1.00 15.11 ? 79  PHE A CA  1 
ATOM   524  C  C   . PHE A 1 95  ? 5.781   19.541  -1.164  1.00 15.67 ? 79  PHE A C   1 
ATOM   525  O  O   . PHE A 1 95  ? 6.873   19.947  -1.701  1.00 17.70 ? 79  PHE A O   1 
ATOM   526  C  CB  . PHE A 1 95  ? 4.482   21.129  0.301   1.00 13.68 ? 79  PHE A CB  1 
ATOM   527  C  CG  . PHE A 1 95  ? 5.747   21.888  0.681   1.00 14.76 ? 79  PHE A CG  1 
ATOM   528  C  CD1 . PHE A 1 95  ? 6.133   22.918  -0.070  1.00 18.51 ? 79  PHE A CD1 1 
ATOM   529  C  CD2 . PHE A 1 95  ? 6.510   21.494  1.780   1.00 17.67 ? 79  PHE A CD2 1 
ATOM   530  C  CE1 . PHE A 1 95  ? 7.288   23.675  0.272   1.00 17.33 ? 79  PHE A CE1 1 
ATOM   531  C  CE2 . PHE A 1 95  ? 7.630   22.244  2.120   1.00 17.75 ? 79  PHE A CE2 1 
ATOM   532  C  CZ  . PHE A 1 95  ? 8.028   23.324  1.366   1.00 17.57 ? 79  PHE A CZ  1 
ATOM   533  N  N   . HIS A 1 96  ? 5.614   18.347  -0.579  1.00 16.41 ? 80  HIS A N   1 
ATOM   534  C  CA  . HIS A 1 96  ? 6.804   17.458  -0.398  1.00 15.81 ? 80  HIS A CA  1 
ATOM   535  C  C   . HIS A 1 96  ? 7.080   16.582  -1.581  1.00 17.87 ? 80  HIS A C   1 
ATOM   536  O  O   . HIS A 1 96  ? 8.249   16.104  -1.732  1.00 21.27 ? 80  HIS A O   1 
ATOM   537  C  CB  . HIS A 1 96  ? 6.612   16.618  0.842   1.00 17.04 ? 80  HIS A CB  1 
ATOM   538  C  CG  . HIS A 1 96  ? 6.744   17.404  2.131   1.00 18.22 ? 80  HIS A CG  1 
ATOM   539  N  ND1 . HIS A 1 96  ? 7.959   17.917  2.584   1.00 19.86 ? 80  HIS A ND1 1 
ATOM   540  C  CD2 . HIS A 1 96  ? 5.835   17.700  3.069   1.00 18.95 ? 80  HIS A CD2 1 
ATOM   541  C  CE1 . HIS A 1 96  ? 7.745   18.549  3.734   1.00 18.05 ? 80  HIS A CE1 1 
ATOM   542  N  NE2 . HIS A 1 96  ? 6.449   18.476  4.017   1.00 18.80 ? 80  HIS A NE2 1 
ATOM   543  N  N   . THR A 1 97  ? 6.077   16.385  -2.458  1.00 19.07 ? 81  THR A N   1 
ATOM   544  C  CA  . THR A 1 97  ? 6.261   15.477  -3.592  1.00 18.59 ? 81  THR A CA  1 
ATOM   545  C  C   . THR A 1 97  ? 5.973   16.041  -4.934  1.00 20.52 ? 81  THR A C   1 
ATOM   546  O  O   . THR A 1 97  ? 6.442   15.473  -5.951  1.00 19.35 ? 81  THR A O   1 
ATOM   547  C  CB  . THR A 1 97  ? 5.449   14.153  -3.480  1.00 20.53 ? 81  THR A CB  1 
ATOM   548  O  OG1 . THR A 1 97  ? 4.073   14.389  -3.793  1.00 16.57 ? 81  THR A OG1 1 
ATOM   549  C  CG2 . THR A 1 97  ? 5.618   13.500  -2.073  1.00 18.69 ? 81  THR A CG2 1 
ATOM   550  N  N   . ASN A 1 98  ? 5.224   17.124  -4.977  1.00 19.52 ? 82  ASN A N   1 
ATOM   551  C  CA  . ASN A 1 98  ? 4.677   17.564  -6.252  1.00 23.99 ? 82  ASN A CA  1 
ATOM   552  C  C   . ASN A 1 98  ? 3.907   16.502  -7.103  1.00 23.13 ? 82  ASN A C   1 
ATOM   553  O  O   . ASN A 1 98  ? 3.621   16.751  -8.300  1.00 21.47 ? 82  ASN A O   1 
ATOM   554  C  CB  . ASN A 1 98  ? 5.819   18.093  -7.170  1.00 25.85 ? 82  ASN A CB  1 
ATOM   555  C  CG  . ASN A 1 98  ? 6.707   19.175  -6.510  1.00 32.88 ? 82  ASN A CG  1 
ATOM   556  O  OD1 . ASN A 1 98  ? 7.907   19.224  -6.765  1.00 40.70 ? 82  ASN A OD1 1 
ATOM   557  N  ND2 . ASN A 1 98  ? 6.117   20.043  -5.719  1.00 39.65 ? 82  ASN A ND2 1 
ATOM   558  N  N   . ALA A 1 99  ? 3.452   15.368  -6.555  1.00 20.30 ? 83  ALA A N   1 
ATOM   559  C  CA  . ALA A 1 99  ? 2.699   14.403  -7.396  1.00 18.52 ? 83  ALA A CA  1 
ATOM   560  C  C   . ALA A 1 99  ? 1.353   15.074  -7.680  1.00 16.08 ? 83  ALA A C   1 
ATOM   561  O  O   . ALA A 1 99  ? 0.765   15.656  -6.755  1.00 19.13 ? 83  ALA A O   1 
ATOM   562  C  CB  . ALA A 1 99  ? 2.462   13.025  -6.623  1.00 16.18 ? 83  ALA A CB  1 
ATOM   563  N  N   . PRO A 1 100 ? 0.802   14.828  -8.891  1.00 16.34 ? 84  PRO A N   1 
ATOM   564  C  CA  . PRO A 1 100 ? -0.562  15.252  -9.210  1.00 16.26 ? 84  PRO A CA  1 
ATOM   565  C  C   . PRO A 1 100 ? -1.490  14.449  -8.332  1.00 14.14 ? 84  PRO A C   1 
ATOM   566  O  O   . PRO A 1 100 ? -1.497  13.205  -8.408  1.00 14.75 ? 84  PRO A O   1 
ATOM   567  C  CB  . PRO A 1 100 ? -0.778  14.786  -10.648 1.00 18.84 ? 84  PRO A CB  1 
ATOM   568  C  CG  . PRO A 1 100 ? 0.550   14.332  -11.140 1.00 22.12 ? 84  PRO A CG  1 
ATOM   569  C  CD  . PRO A 1 100 ? 1.417   14.025  -9.969  1.00 17.95 ? 84  PRO A CD  1 
ATOM   570  N  N   . LEU A 1 101 ? -2.360  15.154  -7.614  1.00 15.48 ? 85  LEU A N   1 
ATOM   571  C  CA  . LEU A 1 101 ? -3.342  14.499  -6.714  1.00 13.93 ? 85  LEU A CA  1 
ATOM   572  C  C   . LEU A 1 101 ? -4.623  14.420  -7.509  1.00 14.42 ? 85  LEU A C   1 
ATOM   573  O  O   . LEU A 1 101 ? -5.315  15.426  -7.721  1.00 16.93 ? 85  LEU A O   1 
ATOM   574  C  CB  . LEU A 1 101 ? -3.540  15.322  -5.438  1.00 16.16 ? 85  LEU A CB  1 
ATOM   575  C  CG  . LEU A 1 101 ? -2.216  15.369  -4.581  1.00 17.53 ? 85  LEU A CG  1 
ATOM   576  C  CD1 . LEU A 1 101 ? -2.537  15.663  -3.097  1.00 25.14 ? 85  LEU A CD1 1 
ATOM   577  C  CD2 . LEU A 1 101 ? -1.308  14.116  -4.696  1.00 20.03 ? 85  LEU A CD2 1 
ATOM   578  N  N   . VAL A 1 102 ? -4.918  13.235  -7.981  1.00 12.90 ? 86  VAL A N   1 
ATOM   579  C  CA  . VAL A 1 102 ? -6.093  13.022  -8.974  1.00 14.28 ? 86  VAL A CA  1 
ATOM   580  C  C   . VAL A 1 102 ? -7.329  12.673  -8.250  1.00 16.02 ? 86  VAL A C   1 
ATOM   581  O  O   . VAL A 1 102 ? -7.281  12.002  -7.206  1.00 14.41 ? 86  VAL A O   1 
ATOM   582  C  CB  . VAL A 1 102 ? -5.779  12.032  -10.054 1.00 15.40 ? 86  VAL A CB  1 
ATOM   583  C  CG1 . VAL A 1 102 ? -4.667  12.677  -11.025 1.00 12.74 ? 86  VAL A CG1 1 
ATOM   584  C  CG2 . VAL A 1 102 ? -5.224  10.612  -9.473  1.00 12.85 ? 86  VAL A CG2 1 
ATOM   585  N  N   . SER A 1 103 ? -8.478  13.097  -8.790  1.00 15.14 ? 87  SER A N   1 
ATOM   586  C  CA  . SER A 1 103 ? -9.713  12.937  -8.098  1.00 16.33 ? 87  SER A CA  1 
ATOM   587  C  C   . SER A 1 103 ? -10.238 11.496  -8.194  1.00 16.28 ? 87  SER A C   1 
ATOM   588  O  O   . SER A 1 103 ? -11.039 11.100  -7.302  1.00 19.42 ? 87  SER A O   1 
ATOM   589  C  CB  . SER A 1 103 ? -10.759 13.945  -8.595  1.00 20.06 ? 87  SER A CB  1 
ATOM   590  O  OG  . SER A 1 103 ? -10.883 13.825  -9.936  1.00 22.39 ? 87  SER A OG  1 
ATOM   591  N  N   . GLN A 1 104 ? -9.795  10.713  -9.206  1.00 15.83 ? 88  GLN A N   1 
ATOM   592  C  CA  . GLN A 1 104 ? -10.358 9.366   -9.323  1.00 18.86 ? 88  GLN A CA  1 
ATOM   593  C  C   . GLN A 1 104 ? -9.354  8.220   -9.490  1.00 17.34 ? 88  GLN A C   1 
ATOM   594  O  O   . GLN A 1 104 ? -8.324  8.391   -10.079 1.00 16.29 ? 88  GLN A O   1 
ATOM   595  C  CB  . GLN A 1 104 ? -11.343 9.306   -10.511 1.00 20.70 ? 88  GLN A CB  1 
ATOM   596  C  CG  . GLN A 1 104 ? -12.616 10.320  -10.363 1.00 27.23 ? 88  GLN A CG  1 
ATOM   597  C  CD  . GLN A 1 104 ? -13.579 9.986   -9.174  1.00 37.35 ? 88  GLN A CD  1 
ATOM   598  O  OE1 . GLN A 1 104 ? -13.727 8.832   -8.780  1.00 42.03 ? 88  GLN A OE1 1 
ATOM   599  N  NE2 . GLN A 1 104 ? -14.205 11.026  -8.580  1.00 44.08 ? 88  GLN A NE2 1 
ATOM   600  N  N   . PRO A 1 105 ? -9.680  7.067   -8.945  1.00 16.84 ? 89  PRO A N   1 
ATOM   601  C  CA  . PRO A 1 105 ? -8.706  5.920   -8.891  1.00 16.44 ? 89  PRO A CA  1 
ATOM   602  C  C   . PRO A 1 105 ? -8.249  5.446   -10.204 1.00 17.84 ? 89  PRO A C   1 
ATOM   603  O  O   . PRO A 1 105 ? -7.117  4.950   -10.360 1.00 15.66 ? 89  PRO A O   1 
ATOM   604  C  CB  . PRO A 1 105 ? -9.476  4.784   -8.162  1.00 17.27 ? 89  PRO A CB  1 
ATOM   605  C  CG  . PRO A 1 105 ? -10.957 5.185   -8.219  1.00 18.55 ? 89  PRO A CG  1 
ATOM   606  C  CD  . PRO A 1 105 ? -10.943 6.773   -8.272  1.00 18.37 ? 89  PRO A CD  1 
ATOM   607  N  N   . GLU A 1 106 ? -9.147  5.581   -11.236 1.00 16.20 ? 90  GLU A N   1 
ATOM   608  C  CA  . GLU A 1 106 ? -8.733  5.083   -12.530 1.00 16.07 ? 90  GLU A CA  1 
ATOM   609  C  C   . GLU A 1 106 ? -7.464  5.768   -13.028 1.00 15.64 ? 90  GLU A C   1 
ATOM   610  O  O   . GLU A 1 106 ? -6.788  5.160   -13.882 1.00 18.78 ? 90  GLU A O   1 
ATOM   611  C  CB  . GLU A 1 106 ? -9.820  5.379   -13.589 1.00 15.37 ? 90  GLU A CB  1 
ATOM   612  C  CG  . GLU A 1 106 ? -11.058 4.599   -13.402 1.00 18.00 ? 90  GLU A CG  1 
ATOM   613  C  CD  . GLU A 1 106 ? -12.045 5.152   -12.422 1.00 19.98 ? 90  GLU A CD  1 
ATOM   614  O  OE1 . GLU A 1 106 ? -11.796 6.045   -11.562 1.00 18.93 ? 90  GLU A OE1 1 
ATOM   615  O  OE2 . GLU A 1 106 ? -13.135 4.559   -12.433 1.00 24.66 ? 90  GLU A OE2 1 
ATOM   616  N  N   . GLN A 1 107 ? -7.094  6.954   -12.507 1.00 15.32 ? 91  GLN A N   1 
ATOM   617  C  CA  . GLN A 1 107 ? -5.844  7.650   -12.984 1.00 15.36 ? 91  GLN A CA  1 
ATOM   618  C  C   . GLN A 1 107 ? -4.638  7.498   -12.048 1.00 15.63 ? 91  GLN A C   1 
ATOM   619  O  O   . GLN A 1 107 ? -3.578  8.082   -12.295 1.00 16.36 ? 91  GLN A O   1 
ATOM   620  C  CB  . GLN A 1 107 ? -6.165  9.144   -13.255 1.00 16.21 ? 91  GLN A CB  1 
ATOM   621  C  CG  . GLN A 1 107 ? -7.146  9.214   -14.435 1.00 17.96 ? 91  GLN A CG  1 
ATOM   622  C  CD  . GLN A 1 107 ? -7.331  10.653  -14.833 1.00 17.37 ? 91  GLN A CD  1 
ATOM   623  O  OE1 . GLN A 1 107 ? -7.587  11.476  -13.969 1.00 18.85 ? 91  GLN A OE1 1 
ATOM   624  N  NE2 . GLN A 1 107 ? -7.152  10.991  -16.151 1.00 18.87 ? 91  GLN A NE2 1 
ATOM   625  N  N   . ALA A 1 108 ? -4.824  6.709   -10.971 1.00 14.94 ? 92  ALA A N   1 
ATOM   626  C  CA  . ALA A 1 108 ? -3.759  6.617   -9.966  1.00 15.78 ? 92  ALA A CA  1 
ATOM   627  C  C   . ALA A 1 108 ? -2.597  5.742   -10.413 1.00 16.58 ? 92  ALA A C   1 
ATOM   628  O  O   . ALA A 1 108 ? -2.820  4.604   -10.774 1.00 17.03 ? 92  ALA A O   1 
ATOM   629  C  CB  . ALA A 1 108 ? -4.385  6.081   -8.670  1.00 15.19 ? 92  ALA A CB  1 
ATOM   630  N  N   . THR A 1 109 ? -1.407  6.261   -10.156 1.00 15.56 ? 93  THR A N   1 
ATOM   631  C  CA  . THR A 1 109 ? -0.211  5.405   -10.126 1.00 13.78 ? 93  THR A CA  1 
ATOM   632  C  C   . THR A 1 109 ? -0.108  4.790   -8.698  1.00 14.62 ? 93  THR A C   1 
ATOM   633  O  O   . THR A 1 109 ? 0.159   3.604   -8.574  1.00 15.86 ? 93  THR A O   1 
ATOM   634  C  CB  . THR A 1 109 ? 1.016   6.203   -10.469 1.00 15.27 ? 93  THR A CB  1 
ATOM   635  O  OG1 . THR A 1 109 ? 0.935   6.532   -11.882 1.00 15.89 ? 93  THR A OG1 1 
ATOM   636  C  CG2 . THR A 1 109 ? 2.298   5.432   -10.272 1.00 18.05 ? 93  THR A CG2 1 
ATOM   637  N  N   . PHE A 1 110 ? -0.282  5.655   -7.693  1.00 14.53 ? 94  PHE A N   1 
ATOM   638  C  CA  . PHE A 1 110 ? -0.328  5.193   -6.286  1.00 13.47 ? 94  PHE A CA  1 
ATOM   639  C  C   . PHE A 1 110 ? -1.690  5.537   -5.734  1.00 13.42 ? 94  PHE A C   1 
ATOM   640  O  O   . PHE A 1 110 ? -2.114  6.690   -5.900  1.00 13.51 ? 94  PHE A O   1 
ATOM   641  C  CB  . PHE A 1 110 ? 0.713   5.938   -5.499  1.00 14.31 ? 94  PHE A CB  1 
ATOM   642  C  CG  . PHE A 1 110 ? 2.152   5.582   -5.941  1.00 16.12 ? 94  PHE A CG  1 
ATOM   643  C  CD1 . PHE A 1 110 ? 2.643   4.284   -5.775  1.00 19.71 ? 94  PHE A CD1 1 
ATOM   644  C  CD2 . PHE A 1 110 ? 2.907   6.533   -6.595  1.00 14.18 ? 94  PHE A CD2 1 
ATOM   645  C  CE1 . PHE A 1 110 ? 3.939   3.966   -6.295  1.00 21.75 ? 94  PHE A CE1 1 
ATOM   646  C  CE2 . PHE A 1 110 ? 4.171   6.280   -7.127  1.00 16.59 ? 94  PHE A CE2 1 
ATOM   647  C  CZ  . PHE A 1 110 ? 4.702   4.951   -6.968  1.00 17.46 ? 94  PHE A CZ  1 
ATOM   648  N  N   . ALA A 1 111 ? -2.374  4.559   -5.160  1.00 12.81 ? 95  ALA A N   1 
ATOM   649  C  CA  . ALA A 1 111 ? -3.649  4.737   -4.490  1.00 12.82 ? 95  ALA A CA  1 
ATOM   650  C  C   . ALA A 1 111 ? -3.364  4.654   -2.984  1.00 11.77 ? 95  ALA A C   1 
ATOM   651  O  O   . ALA A 1 111 ? -2.512  3.853   -2.539  1.00 12.33 ? 95  ALA A O   1 
ATOM   652  C  CB  . ALA A 1 111 ? -4.695  3.668   -4.867  1.00 13.44 ? 95  ALA A CB  1 
ATOM   653  N  N   . VAL A 1 112 ? -4.009  5.530   -2.195  1.00 10.57 ? 96  VAL A N   1 
ATOM   654  C  CA  . VAL A 1 112 ? -3.797  5.371   -0.708  1.00 10.88 ? 96  VAL A CA  1 
ATOM   655  C  C   . VAL A 1 112 ? -5.245  5.283   -0.206  1.00 13.35 ? 96  VAL A C   1 
ATOM   656  O  O   . VAL A 1 112 ? -6.006  6.265   -0.365  1.00 12.77 ? 96  VAL A O   1 
ATOM   657  C  CB  . VAL A 1 112 ? -3.079  6.620   -0.088  1.00 13.59 ? 96  VAL A CB  1 
ATOM   658  C  CG1 . VAL A 1 112 ? -2.830  6.371   1.464   1.00 14.85 ? 96  VAL A CG1 1 
ATOM   659  C  CG2 . VAL A 1 112 ? -1.730  6.826   -0.780  1.00 16.66 ? 96  VAL A CG2 1 
ATOM   660  N  N   . THR A 1 113 ? -5.574  4.189   0.438   1.00 11.70 ? 97  THR A N   1 
ATOM   661  C  CA  . THR A 1 113 ? -6.916  4.106   1.080   1.00 11.54 ? 97  THR A CA  1 
ATOM   662  C  C   . THR A 1 113 ? -6.765  3.488   2.490   1.00 13.91 ? 97  THR A C   1 
ATOM   663  O  O   . THR A 1 113 ? -5.690  3.116   2.943   1.00 13.81 ? 97  THR A O   1 
ATOM   664  C  CB  . THR A 1 113 ? -7.823  3.136   0.330   1.00 13.03 ? 97  THR A CB  1 
ATOM   665  O  OG1 . THR A 1 113 ? -7.500  1.745   0.522   1.00 12.87 ? 97  THR A OG1 1 
ATOM   666  C  CG2 . THR A 1 113 ? -7.828  3.372   -1.263  1.00 14.26 ? 97  THR A CG2 1 
ATOM   667  N  N   . ASP A 1 114 ? -7.910  3.456   3.180   1.00 14.61 ? 98  ASP A N   1 
ATOM   668  C  CA  . ASP A 1 114 ? -8.032  2.535   4.317   1.00 15.69 ? 98  ASP A CA  1 
ATOM   669  C  C   . ASP A 1 114 ? -8.902  1.298   3.956   1.00 17.04 ? 98  ASP A C   1 
ATOM   670  O  O   . ASP A 1 114 ? -9.234  1.043   2.811   1.00 16.67 ? 98  ASP A O   1 
ATOM   671  C  CB  . ASP A 1 114 ? -8.545  3.361   5.565   1.00 15.80 ? 98  ASP A CB  1 
ATOM   672  C  CG  . ASP A 1 114 ? -9.983  3.871   5.392   1.00 17.53 ? 98  ASP A CG  1 
ATOM   673  O  OD1 . ASP A 1 114 ? -10.651 3.375   4.471   1.00 15.75 ? 98  ASP A OD1 1 
ATOM   674  O  OD2 . ASP A 1 114 ? -10.356 4.741   6.213   1.00 18.51 ? 98  ASP A OD2 1 
ATOM   675  N  N   . GLU A 1 115 ? -9.381  0.521   4.957   1.00 15.44 ? 99  GLU A N   1 
ATOM   676  C  CA  . GLU A 1 115 ? -9.927  -0.692  4.687   1.00 17.33 ? 99  GLU A CA  1 
ATOM   677  C  C   . GLU A 1 115 ? -11.366 -0.540  4.203   1.00 15.98 ? 99  GLU A C   1 
ATOM   678  O  O   . GLU A 1 115 ? -11.955 -1.549  3.838   1.00 19.73 ? 99  GLU A O   1 
ATOM   679  C  CB  . GLU A 1 115 ? -9.833  -1.470  6.041   1.00 20.10 ? 99  GLU A CB  1 
ATOM   680  C  CG  . GLU A 1 115 ? -11.015 -1.215  6.910   1.00 25.73 ? 99  GLU A CG  1 
ATOM   681  C  CD  . GLU A 1 115 ? -10.950 -2.004  8.247   1.00 30.61 ? 99  GLU A CD  1 
ATOM   682  O  OE1 . GLU A 1 115 ? -9.951  -2.725  8.348   1.00 36.11 ? 99  GLU A OE1 1 
ATOM   683  O  OE2 . GLU A 1 115 ? -11.889 -1.870  9.140   1.00 26.13 ? 99  GLU A OE2 1 
ATOM   684  N  N   . ALA A 1 116 ? -11.875 0.700   4.100   1.00 16.30 ? 100 ALA A N   1 
ATOM   685  C  CA  . ALA A 1 116 ? -13.214 0.960   3.468   1.00 16.48 ? 100 ALA A CA  1 
ATOM   686  C  C   . ALA A 1 116 ? -13.157 0.946   1.929   1.00 15.42 ? 100 ALA A C   1 
ATOM   687  O  O   . ALA A 1 116 ? -14.197 1.090   1.267   1.00 15.60 ? 100 ALA A O   1 
ATOM   688  C  CB  . ALA A 1 116 ? -13.783 2.270   3.921   1.00 16.62 ? 100 ALA A CB  1 
ATOM   689  N  N   . ILE A 1 117 ? -11.966 0.705   1.362   1.00 15.09 ? 101 ILE A N   1 
ATOM   690  C  CA  . ILE A 1 117 ? -11.861 0.665   -0.078  1.00 15.40 ? 101 ILE A CA  1 
ATOM   691  C  C   . ILE A 1 117 ? -12.972 -0.270  -0.669  1.00 14.44 ? 101 ILE A C   1 
ATOM   692  O  O   . ILE A 1 117 ? -13.185 -1.396  -0.192  1.00 14.75 ? 101 ILE A O   1 
ATOM   693  C  CB  . ILE A 1 117 ? -10.445 0.242   -0.531  1.00 15.04 ? 101 ILE A CB  1 
ATOM   694  C  CG1 . ILE A 1 117 ? -10.361 0.299   -2.111  1.00 16.78 ? 101 ILE A CG1 1 
ATOM   695  C  CG2 . ILE A 1 117 ? -10.092 -1.188  -0.063  1.00 19.15 ? 101 ILE A CG2 1 
ATOM   696  C  CD1 . ILE A 1 117 ? -8.950  -0.105  -2.664  1.00 18.49 ? 101 ILE A CD1 1 
ATOM   697  N  N   . SER A 1 118 ? -13.734 0.206   -1.678  1.00 15.10 ? 102 SER A N   1 
ATOM   698  C  CA  . SER A 1 118 ? -14.765 -0.642  -2.257  1.00 17.81 ? 102 SER A CA  1 
ATOM   699  C  C   . SER A 1 118 ? -14.263 -1.558  -3.389  1.00 18.93 ? 102 SER A C   1 
ATOM   700  O  O   . SER A 1 118 ? -13.179 -1.337  -3.967  1.00 18.72 ? 102 SER A O   1 
ATOM   701  C  CB  . SER A 1 118 ? -15.896 0.250   -2.801  1.00 18.27 ? 102 SER A CB  1 
ATOM   702  O  OG  . SER A 1 118 ? -15.375 0.949   -3.936  1.00 19.75 ? 102 SER A OG  1 
ATOM   703  N  N   . SER A 1 119 ? -15.052 -2.581  -3.752  1.00 19.75 ? 103 SER A N   1 
ATOM   704  C  CA  . SER A 1 119 ? -14.718 -3.458  -4.818  1.00 18.26 ? 103 SER A CA  1 
ATOM   705  C  C   . SER A 1 119 ? -14.584 -2.601  -6.074  1.00 19.25 ? 103 SER A C   1 
ATOM   706  O  O   . SER A 1 119 ? -13.672 -2.834  -6.863  1.00 19.65 ? 103 SER A O   1 
ATOM   707  C  CB  . SER A 1 119 ? -15.925 -4.456  -5.028  1.00 20.16 ? 103 SER A CB  1 
ATOM   708  O  OG  . SER A 1 119 ? -15.876 -5.469  -3.989  1.00 27.09 ? 103 SER A OG  1 
ATOM   709  N  N   . GLU A 1 120 ? -15.481 -1.625  -6.200  1.00 19.63 ? 104 GLU A N   1 
ATOM   710  C  CA  . GLU A 1 120 ? -15.457 -0.742  -7.416  1.00 21.87 ? 104 GLU A CA  1 
ATOM   711  C  C   . GLU A 1 120 ? -14.133 0.044   -7.574  1.00 21.36 ? 104 GLU A C   1 
ATOM   712  O  O   . GLU A 1 120 ? -13.513 0.092   -8.652  1.00 21.35 ? 104 GLU A O   1 
ATOM   713  C  CB  . GLU A 1 120 ? -16.625 0.263   -7.377  1.00 24.18 ? 104 GLU A CB  1 
ATOM   714  C  CG  . GLU A 1 120 ? -18.012 -0.426  -7.506  1.00 29.73 ? 104 GLU A CG  1 
ATOM   715  C  CD  . GLU A 1 120 ? -18.467 -1.355  -6.305  1.00 38.25 ? 104 GLU A CD  1 
ATOM   716  O  OE1 . GLU A 1 120 ? -17.976 -1.281  -5.115  1.00 28.99 ? 104 GLU A OE1 1 
ATOM   717  O  OE2 . GLU A 1 120 ? -19.398 -2.192  -6.609  1.00 43.39 ? 104 GLU A OE2 1 
ATOM   718  N  N   . GLN A 1 121 ? -13.725 0.679   -6.471  1.00 20.08 ? 105 GLN A N   1 
ATOM   719  C  CA  . GLN A 1 121 ? -12.487 1.384   -6.443  1.00 17.61 ? 105 GLN A CA  1 
ATOM   720  C  C   . GLN A 1 121 ? -11.281 0.451   -6.686  1.00 17.18 ? 105 GLN A C   1 
ATOM   721  O  O   . GLN A 1 121 ? -10.361 0.757   -7.465  1.00 16.84 ? 105 GLN A O   1 
ATOM   722  C  CB  . GLN A 1 121 ? -12.327 2.130   -5.121  1.00 17.05 ? 105 GLN A CB  1 
ATOM   723  C  CG  . GLN A 1 121 ? -13.315 3.274   -4.901  1.00 16.95 ? 105 GLN A CG  1 
ATOM   724  C  CD  . GLN A 1 121 ? -13.269 3.759   -3.473  1.00 16.15 ? 105 GLN A CD  1 
ATOM   725  O  OE1 . GLN A 1 121 ? -13.074 2.988   -2.525  1.00 17.75 ? 105 GLN A OE1 1 
ATOM   726  N  NE2 . GLN A 1 121 ? -13.516 5.037   -3.295  1.00 16.71 ? 105 GLN A NE2 1 
ATOM   727  N  N   . LEU A 1 122 ? -11.339 -0.737  -6.065  1.00 14.23 ? 106 LEU A N   1 
ATOM   728  C  CA  . LEU A 1 122 ? -10.261 -1.721  -6.312  1.00 15.80 ? 106 LEU A CA  1 
ATOM   729  C  C   . LEU A 1 122 ? -10.155 -2.099  -7.798  1.00 16.58 ? 106 LEU A C   1 
ATOM   730  O  O   . LEU A 1 122 ? -9.059  -2.145  -8.373  1.00 17.14 ? 106 LEU A O   1 
ATOM   731  C  CB  . LEU A 1 122 ? -10.464 -2.947  -5.397  1.00 18.26 ? 106 LEU A CB  1 
ATOM   732  C  CG  . LEU A 1 122 ? -9.356  -4.009  -5.466  1.00 19.56 ? 106 LEU A CG  1 
ATOM   733  C  CD1 . LEU A 1 122 ? -7.948  -3.511  -5.231  1.00 19.00 ? 106 LEU A CD1 1 
ATOM   734  C  CD2 . LEU A 1 122 ? -9.845  -5.121  -4.510  1.00 20.11 ? 106 LEU A CD2 1 
ATOM   735  N  N   . ASN A 1 123 ? -11.314 -2.371  -8.396  1.00 16.68 ? 107 ASN A N   1 
ATOM   736  C  CA  . ASN A 1 123 ? -11.309 -2.777  -9.799  1.00 20.42 ? 107 ASN A CA  1 
ATOM   737  C  C   . ASN A 1 123 ? -10.784 -1.616  -10.708 1.00 20.02 ? 107 ASN A C   1 
ATOM   738  O  O   . ASN A 1 123 ? -10.098 -1.865  -11.743 1.00 22.65 ? 107 ASN A O   1 
ATOM   739  C  CB  . ASN A 1 123 ? -12.752 -3.082  -10.172 1.00 21.99 ? 107 ASN A CB  1 
ATOM   740  C  CG  . ASN A 1 123 ? -13.260 -4.392  -9.506  1.00 32.18 ? 107 ASN A CG  1 
ATOM   741  O  OD1 . ASN A 1 123 ? -12.473 -5.163  -8.960  1.00 36.89 ? 107 ASN A OD1 1 
ATOM   742  N  ND2 . ASN A 1 123 ? -14.575 -4.637  -9.557  1.00 36.67 ? 107 ASN A ND2 1 
ATOM   743  N  N   . ALA A 1 124 ? -11.078 -0.381  -10.304 1.00 19.69 ? 108 ALA A N   1 
ATOM   744  C  CA  . ALA A 1 124 ? -10.590 0.834   -10.995 1.00 18.37 ? 108 ALA A CA  1 
ATOM   745  C  C   . ALA A 1 124 ? -9.071  0.918   -10.956 1.00 21.97 ? 108 ALA A C   1 
ATOM   746  O  O   . ALA A 1 124 ? -8.426  1.591   -11.785 1.00 22.25 ? 108 ALA A O   1 
ATOM   747  C  CB  . ALA A 1 124 ? -11.287 2.060   -10.431 1.00 20.01 ? 108 ALA A CB  1 
ATOM   748  N  N   . LEU A 1 125 ? -8.438  0.310   -9.928  1.00 19.09 ? 109 LEU A N   1 
ATOM   749  C  CA  . LEU A 1 125 ? -7.007  0.378   -9.849  1.00 18.94 ? 109 LEU A CA  1 
ATOM   750  C  C   . LEU A 1 125 ? -6.263  -0.645  -10.783 1.00 23.49 ? 109 LEU A C   1 
ATOM   751  O  O   . LEU A 1 125 ? -5.008  -0.635  -10.840 1.00 23.11 ? 109 LEU A O   1 
ATOM   752  C  CB  . LEU A 1 125 ? -6.524  0.198   -8.364  1.00 18.80 ? 109 LEU A CB  1 
ATOM   753  C  CG  . LEU A 1 125 ? -7.049  1.260   -7.383  1.00 15.90 ? 109 LEU A CG  1 
ATOM   754  C  CD1 . LEU A 1 125 ? -6.688  0.804   -5.932  1.00 17.38 ? 109 LEU A CD1 1 
ATOM   755  C  CD2 . LEU A 1 125 ? -6.455  2.640   -7.716  1.00 14.49 ? 109 LEU A CD2 1 
ATOM   756  N  N   . SER A 1 126 ? -6.990  -1.559  -11.420 1.00 27.10 ? 110 SER A N   1 
ATOM   757  C  CA  . SER A 1 126 ? -6.333  -2.478  -12.428 1.00 31.00 ? 110 SER A CA  1 
ATOM   758  C  C   . SER A 1 126 ? -6.487  -1.921  -13.816 1.00 32.82 ? 110 SER A C   1 
ATOM   759  O  O   . SER A 1 126 ? -7.570  -1.473  -14.116 1.00 36.84 ? 110 SER A O   1 
ATOM   760  C  CB  . SER A 1 126 ? -6.897  -3.873  -12.405 1.00 31.26 ? 110 SER A CB  1 
ATOM   761  O  OG  . SER A 1 126 ? -6.505  -4.506  -11.190 1.00 41.12 ? 110 SER A OG  1 
ATOM   762  N  N   . GLY A 1 136 ? -1.047  -2.680  -13.248 1.00 27.00 ? 120 GLY A N   1 
ATOM   763  C  CA  . GLY A 1 136 ? -2.003  -1.934  -12.353 1.00 23.72 ? 120 GLY A CA  1 
ATOM   764  C  C   . GLY A 1 136 ? -1.319  -0.945  -11.387 1.00 22.44 ? 120 GLY A C   1 
ATOM   765  O  O   . GLY A 1 136 ? -0.039  -0.857  -11.325 1.00 23.38 ? 120 GLY A O   1 
ATOM   766  N  N   . ALA A 1 137 ? -2.124  -0.303  -10.532 1.00 19.93 ? 121 ALA A N   1 
ATOM   767  C  CA  . ALA A 1 137 ? -1.628  0.707   -9.701  1.00 15.59 ? 121 ALA A CA  1 
ATOM   768  C  C   . ALA A 1 137 ? -0.928  -0.001  -8.517  1.00 15.68 ? 121 ALA A C   1 
ATOM   769  O  O   . ALA A 1 137 ? -1.049  -1.180  -8.406  1.00 17.49 ? 121 ALA A O   1 
ATOM   770  C  CB  . ALA A 1 137 ? -2.805  1.595   -9.143  1.00 17.89 ? 121 ALA A CB  1 
ATOM   771  N  N   . THR A 1 138 ? -0.241  0.772   -7.730  1.00 14.78 ? 122 THR A N   1 
ATOM   772  C  CA  . THR A 1 138 ? 0.284   0.317   -6.442  1.00 13.44 ? 122 THR A CA  1 
ATOM   773  C  C   . THR A 1 138 ? -0.744  0.892   -5.392  1.00 14.34 ? 122 THR A C   1 
ATOM   774  O  O   . THR A 1 138 ? -0.928  2.099   -5.307  1.00 15.41 ? 122 THR A O   1 
ATOM   775  C  CB  . THR A 1 138 ? 1.679   0.851   -6.212  1.00 14.19 ? 122 THR A CB  1 
ATOM   776  O  OG1 . THR A 1 138 ? 2.589   0.150   -7.119  1.00 16.62 ? 122 THR A OG1 1 
ATOM   777  C  CG2 . THR A 1 138 ? 2.112   0.405   -4.751  1.00 14.62 ? 122 THR A CG2 1 
ATOM   778  N  N   . LEU A 1 139 ? -1.308  -0.029  -4.569  1.00 10.94 ? 123 LEU A N   1 
ATOM   779  C  CA  . LEU A 1 139 ? -2.297  0.333   -3.534  1.00 11.52 ? 123 LEU A CA  1 
ATOM   780  C  C   . LEU A 1 139 ? -1.539  0.342   -2.191  1.00 11.92 ? 123 LEU A C   1 
ATOM   781  O  O   . LEU A 1 139 ? -0.977  -0.699  -1.828  1.00 13.65 ? 123 LEU A O   1 
ATOM   782  C  CB  . LEU A 1 139 ? -3.440  -0.691  -3.460  1.00 13.30 ? 123 LEU A CB  1 
ATOM   783  C  CG  . LEU A 1 139 ? -4.399  -0.424  -2.268  1.00 14.11 ? 123 LEU A CG  1 
ATOM   784  C  CD1 . LEU A 1 139 ? -4.956  1.074   -2.180  1.00 12.87 ? 123 LEU A CD1 1 
ATOM   785  C  CD2 . LEU A 1 139 ? -5.475  -1.435  -2.194  1.00 11.33 ? 123 LEU A CD2 1 
ATOM   786  N  N   . ILE A 1 140 ? -1.513  1.508   -1.539  1.00 11.49 ? 124 ILE A N   1 
ATOM   787  C  CA  . ILE A 1 140 ? -0.921  1.624   -0.153  1.00 11.23 ? 124 ILE A CA  1 
ATOM   788  C  C   . ILE A 1 140 ? -2.180  1.573   0.706   1.00 12.80 ? 124 ILE A C   1 
ATOM   789  O  O   . ILE A 1 140 ? -2.971  2.571   0.697   1.00 11.92 ? 124 ILE A O   1 
ATOM   790  C  CB  . ILE A 1 140 ? -0.209  2.911   0.015   1.00 11.64 ? 124 ILE A CB  1 
ATOM   791  C  CG1 . ILE A 1 140 ? 0.978   3.014   -1.004  1.00 12.32 ? 124 ILE A CG1 1 
ATOM   792  C  CG2 . ILE A 1 140 ? 0.372   3.030   1.493   1.00 14.70 ? 124 ILE A CG2 1 
ATOM   793  C  CD1 . ILE A 1 140 ? 1.639   4.407   -1.042  1.00 12.83 ? 124 ILE A CD1 1 
ATOM   794  N  N   . LEU A 1 141 ? -2.378  0.414   1.355   1.00 12.51 ? 125 LEU A N   1 
ATOM   795  C  CA  . LEU A 1 141 ? -3.640  0.179   2.179   1.00 11.40 ? 125 LEU A CA  1 
ATOM   796  C  C   . LEU A 1 141 ? -3.284  0.394   3.648   1.00 12.99 ? 125 LEU A C   1 
ATOM   797  O  O   . LEU A 1 141 ? -2.450  -0.350  4.157   1.00 13.57 ? 125 LEU A O   1 
ATOM   798  C  CB  . LEU A 1 141 ? -4.139  -1.256  1.933   1.00 12.54 ? 125 LEU A CB  1 
ATOM   799  C  CG  . LEU A 1 141 ? -5.377  -1.676  2.761   1.00 12.90 ? 125 LEU A CG  1 
ATOM   800  C  CD1 . LEU A 1 141 ? -6.573  -0.714  2.522   1.00 16.20 ? 125 LEU A CD1 1 
ATOM   801  C  CD2 . LEU A 1 141 ? -5.695  -3.083  2.387   1.00 17.75 ? 125 LEU A CD2 1 
ATOM   802  N  N   . GLN A 1 142 ? -3.838  1.431   4.291   1.00 12.66 ? 126 GLN A N   1 
ATOM   803  C  CA  . GLN A 1 142 ? -3.592  1.599   5.702   1.00 13.48 ? 126 GLN A CA  1 
ATOM   804  C  C   . GLN A 1 142 ? -4.475  0.664   6.494   1.00 16.93 ? 126 GLN A C   1 
ATOM   805  O  O   . GLN A 1 142 ? -5.694  0.600   6.257   1.00 14.85 ? 126 GLN A O   1 
ATOM   806  C  CB  . GLN A 1 142 ? -3.871  3.047   6.113   1.00 14.85 ? 126 GLN A CB  1 
ATOM   807  C  CG  . GLN A 1 142 ? -3.058  4.127   5.284   1.00 13.98 ? 126 GLN A CG  1 
ATOM   808  C  CD  . GLN A 1 142 ? -2.850  5.425   6.013   1.00 14.94 ? 126 GLN A CD  1 
ATOM   809  O  OE1 . GLN A 1 142 ? -3.743  5.907   6.856   1.00 19.60 ? 126 GLN A OE1 1 
ATOM   810  N  NE2 . GLN A 1 142 ? -1.756  6.027   5.751   1.00 12.29 ? 126 GLN A NE2 1 
ATOM   811  N  N   . VAL A 1 143 ? -3.830  -0.037  7.412   1.00 16.36 ? 127 VAL A N   1 
ATOM   812  C  CA  . VAL A 1 143 ? -4.610  -1.019  8.259   1.00 16.22 ? 127 VAL A CA  1 
ATOM   813  C  C   . VAL A 1 143 ? -4.312  -0.666  9.675   1.00 16.58 ? 127 VAL A C   1 
ATOM   814  O  O   . VAL A 1 143 ? -3.346  0.000   10.014  1.00 18.70 ? 127 VAL A O   1 
ATOM   815  C  CB  . VAL A 1 143 ? -4.227  -2.480  7.923   1.00 18.80 ? 127 VAL A CB  1 
ATOM   816  C  CG1 . VAL A 1 143 ? -4.525  -2.860  6.504   1.00 18.69 ? 127 VAL A CG1 1 
ATOM   817  C  CG2 . VAL A 1 143 ? -2.734  -2.736  8.199   1.00 13.47 ? 127 VAL A CG2 1 
ATOM   818  N  N   . ALA A 1 144 ? -5.225  -1.037  10.585  1.00 18.65 ? 128 ALA A N   1 
ATOM   819  C  CA  . ALA A 1 144 ? -4.987  -0.648  11.935  1.00 19.44 ? 128 ALA A CA  1 
ATOM   820  C  C   . ALA A 1 144 ? -4.238  -1.716  12.663  1.00 19.20 ? 128 ALA A C   1 
ATOM   821  O  O   . ALA A 1 144 ? -3.689  -1.428  13.776  1.00 22.34 ? 128 ALA A O   1 
ATOM   822  C  CB  . ALA A 1 144 ? -6.371  -0.411  12.655  1.00 21.78 ? 128 ALA A CB  1 
ATOM   823  N  N   . SER A 1 145 ? -4.076  -2.868  12.001  1.00 19.83 ? 129 SER A N   1 
ATOM   824  C  CA  . SER A 1 145 ? -3.101  -3.868  12.463  1.00 19.14 ? 129 SER A CA  1 
ATOM   825  C  C   . SER A 1 145 ? -2.626  -4.818  11.324  1.00 16.80 ? 129 SER A C   1 
ATOM   826  O  O   . SER A 1 145 ? -3.341  -5.195  10.425  1.00 18.81 ? 129 SER A O   1 
ATOM   827  C  CB  . SER A 1 145 ? -3.752  -4.744  13.549  1.00 19.21 ? 129 SER A CB  1 
ATOM   828  O  OG  . SER A 1 145 ? -2.768  -5.579  14.135  1.00 20.28 ? 129 SER A OG  1 
ATOM   829  N  N   . LEU A 1 146 ? -1.363  -5.130  11.391  1.00 16.13 ? 130 LEU A N   1 
ATOM   830  C  CA  . LEU A 1 146 ? -0.721  -6.062  10.465  1.00 16.05 ? 130 LEU A CA  1 
ATOM   831  C  C   . LEU A 1 146 ? -0.863  -7.499  10.973  1.00 15.73 ? 130 LEU A C   1 
ATOM   832  O  O   . LEU A 1 146 ? -0.419  -8.474  10.296  1.00 17.15 ? 130 LEU A O   1 
ATOM   833  C  CB  . LEU A 1 146 ? 0.773   -5.724  10.286  1.00 16.26 ? 130 LEU A CB  1 
ATOM   834  C  CG  . LEU A 1 146 ? 0.984   -4.369  9.639   1.00 16.16 ? 130 LEU A CG  1 
ATOM   835  C  CD1 . LEU A 1 146 ? 2.438   -4.047  9.597   1.00 15.74 ? 130 LEU A CD1 1 
ATOM   836  C  CD2 . LEU A 1 146 ? 0.568   -4.568  8.164   1.00 18.87 ? 130 LEU A CD2 1 
ATOM   837  N  N   . SER A 1 147 ? -1.567  -7.670  12.117  1.00 16.60 ? 131 SER A N   1 
ATOM   838  C  CA  . SER A 1 147 ? -1.862  -9.023  12.638  1.00 15.14 ? 131 SER A CA  1 
ATOM   839  C  C   . SER A 1 147 ? -3.306  -9.100  13.136  1.00 15.89 ? 131 SER A C   1 
ATOM   840  O  O   . SER A 1 147 ? -4.028  -8.136  13.082  1.00 15.08 ? 131 SER A O   1 
ATOM   841  C  CB  . SER A 1 147 ? -0.860  -9.517  13.722  1.00 20.45 ? 131 SER A CB  1 
ATOM   842  O  OG  . SER A 1 147 ? -0.847  -8.558  14.765  1.00 23.22 ? 131 SER A OG  1 
ATOM   843  N  N   . GLY A 1 148 ? -3.695  -10.280 13.575  1.00 17.88 ? 132 GLY A N   1 
ATOM   844  C  CA  . GLY A 1 148 ? -5.032  -10.452 14.161  1.00 18.76 ? 132 GLY A CA  1 
ATOM   845  C  C   . GLY A 1 148 ? -6.163  -10.686 13.189  1.00 18.90 ? 132 GLY A C   1 
ATOM   846  O  O   . GLY A 1 148 ? -7.305  -10.634 13.571  1.00 20.22 ? 132 GLY A O   1 
ATOM   847  N  N   . GLY A 1 149 ? -5.790  -10.928 11.930  1.00 17.78 ? 133 GLY A N   1 
ATOM   848  C  CA  . GLY A 1 149 ? -6.700  -11.299 10.860  1.00 18.19 ? 133 GLY A CA  1 
ATOM   849  C  C   . GLY A 1 149 ? -6.666  -12.765 10.466  1.00 18.02 ? 133 GLY A C   1 
ATOM   850  O  O   . GLY A 1 149 ? -6.167  -13.604 11.252  1.00 20.26 ? 133 GLY A O   1 
ATOM   851  N  N   . ARG A 1 150 ? -7.243  -13.074 9.312   1.00 18.19 ? 134 ARG A N   1 
ATOM   852  C  CA  . ARG A 1 150 ? -7.266  -14.458 8.832   1.00 20.81 ? 134 ARG A CA  1 
ATOM   853  C  C   . ARG A 1 150 ? -5.834  -14.819 8.368   1.00 21.07 ? 134 ARG A C   1 
ATOM   854  O  O   . ARG A 1 150 ? -5.217  -14.066 7.675   1.00 18.21 ? 134 ARG A O   1 
ATOM   855  C  CB  . ARG A 1 150 ? -8.275  -14.585 7.623   1.00 24.77 ? 134 ARG A CB  1 
HETATM 856  N  N   . MSE A 1 151 ? -5.366  -16.023 8.741   1.00 20.44 ? 135 MSE A N   1 
HETATM 857  C  CA  A MSE A 1 151 ? -4.060  -16.539 8.351   0.60 19.62 ? 135 MSE A CA  1 
HETATM 858  C  CA  B MSE A 1 151 ? -4.027  -16.465 8.345   0.40 19.53 ? 135 MSE A CA  1 
HETATM 859  C  C   . MSE A 1 151 ? -3.939  -16.654 6.803   1.00 19.27 ? 135 MSE A C   1 
HETATM 860  O  O   . MSE A 1 151 ? -4.825  -17.210 6.159   1.00 18.71 ? 135 MSE A O   1 
HETATM 861  C  CB  A MSE A 1 151 ? -3.838  -17.916 9.013   0.60 21.06 ? 135 MSE A CB  1 
HETATM 862  C  CB  B MSE A 1 151 ? -3.559  -17.721 9.120   0.40 21.01 ? 135 MSE A CB  1 
HETATM 863  C  CG  A MSE A 1 151 ? -2.376  -18.392 8.902   0.60 24.03 ? 135 MSE A CG  1 
HETATM 864  C  CG  B MSE A 1 151 ? -2.078  -18.077 8.834   0.40 21.31 ? 135 MSE A CG  1 
HETATM 865  SE SE  A MSE A 1 151 ? -1.119  -17.169 9.705   0.60 41.47 ? 135 MSE A SE  1 
HETATM 866  SE SE  B MSE A 1 151 ? -1.315  -19.527 9.882   0.40 37.95 ? 135 MSE A SE  1 
HETATM 867  C  CE  A MSE A 1 151 ? -1.897  -17.145 11.495  0.60 36.71 ? 135 MSE A CE  1 
HETATM 868  C  CE  B MSE A 1 151 ? -2.941  -20.518 10.302  0.40 33.12 ? 135 MSE A CE  1 
ATOM   869  N  N   . LEU A 1 152 ? -2.837  -16.135 6.243   1.00 17.95 ? 136 LEU A N   1 
ATOM   870  C  CA  . LEU A 1 152 ? -2.521  -16.272 4.800   1.00 16.65 ? 136 LEU A CA  1 
ATOM   871  C  C   . LEU A 1 152 ? -1.188  -16.986 4.646   1.00 18.61 ? 136 LEU A C   1 
ATOM   872  O  O   . LEU A 1 152 ? -0.219  -16.703 5.418   1.00 18.82 ? 136 LEU A O   1 
ATOM   873  C  CB  . LEU A 1 152 ? -2.340  -14.860 4.174   1.00 16.78 ? 136 LEU A CB  1 
ATOM   874  C  CG  . LEU A 1 152 ? -3.566  -13.904 4.362   1.00 14.54 ? 136 LEU A CG  1 
ATOM   875  C  CD1 . LEU A 1 152 ? -3.236  -12.599 3.641   1.00 15.38 ? 136 LEU A CD1 1 
ATOM   876  C  CD2 . LEU A 1 152 ? -4.860  -14.615 3.889   1.00 17.90 ? 136 LEU A CD2 1 
ATOM   877  N  N   . ARG A 1 153 ? -1.086  -17.874 3.630   1.00 15.85 ? 137 ARG A N   1 
ATOM   878  C  CA  . ARG A 1 153 ? 0.202   -18.461 3.251   1.00 17.74 ? 137 ARG A CA  1 
ATOM   879  C  C   . ARG A 1 153 ? 0.656   -17.802 1.977   1.00 18.23 ? 137 ARG A C   1 
ATOM   880  O  O   . ARG A 1 153 ? -0.062  -17.856 0.986   1.00 18.01 ? 137 ARG A O   1 
ATOM   881  C  CB  . ARG A 1 153 ? 0.021   -19.964 3.034   1.00 17.52 ? 137 ARG A CB  1 
ATOM   882  C  CG  . ARG A 1 153 ? 1.252   -20.655 2.401   1.00 18.81 ? 137 ARG A CG  1 
ATOM   883  C  CD  . ARG A 1 153 ? 1.072   -22.177 2.414   1.00 23.46 ? 137 ARG A CD  1 
ATOM   884  N  NE  . ARG A 1 153 ? 2.316   -22.887 2.007   1.00 25.95 ? 137 ARG A NE  1 
ATOM   885  C  CZ  . ARG A 1 153 ? 2.528   -23.329 0.790   1.00 26.38 ? 137 ARG A CZ  1 
ATOM   886  N  NH1 . ARG A 1 153 ? 1.568   -23.210 -0.094  1.00 24.51 ? 137 ARG A NH1 1 
ATOM   887  N  NH2 . ARG A 1 153 ? 3.700   -23.938 0.462   1.00 22.30 ? 137 ARG A NH2 1 
ATOM   888  N  N   . LEU A 1 154 ? 1.846   -17.198 2.001   1.00 16.84 ? 138 LEU A N   1 
ATOM   889  C  CA  . LEU A 1 154 ? 2.405   -16.538 0.798   1.00 17.50 ? 138 LEU A CA  1 
ATOM   890  C  C   . LEU A 1 154 ? 3.560   -17.377 0.242   1.00 18.60 ? 138 LEU A C   1 
ATOM   891  O  O   . LEU A 1 154 ? 4.430   -17.830 0.997   1.00 17.77 ? 138 LEU A O   1 
ATOM   892  C  CB  . LEU A 1 154 ? 3.030   -15.259 1.225   1.00 16.98 ? 138 LEU A CB  1 
ATOM   893  C  CG  . LEU A 1 154 ? 2.152   -13.966 1.353   1.00 23.03 ? 138 LEU A CG  1 
ATOM   894  C  CD1 . LEU A 1 154 ? 0.677   -14.169 1.680   1.00 22.87 ? 138 LEU A CD1 1 
ATOM   895  C  CD2 . LEU A 1 154 ? 2.873   -12.797 2.122   1.00 23.25 ? 138 LEU A CD2 1 
ATOM   896  N  N   . THR A 1 155 ? 3.506   -17.537 -1.063  1.00 16.01 ? 139 THR A N   1 
ATOM   897  C  CA  . THR A 1 155 ? 4.591   -18.281 -1.757  1.00 20.00 ? 139 THR A CA  1 
ATOM   898  C  C   . THR A 1 155 ? 4.935   -17.553 -3.007  1.00 22.11 ? 139 THR A C   1 
ATOM   899  O  O   . THR A 1 155 ? 4.167   -16.693 -3.434  1.00 20.92 ? 139 THR A O   1 
ATOM   900  C  CB  . THR A 1 155 ? 4.190   -19.725 -2.098  1.00 20.14 ? 139 THR A CB  1 
ATOM   901  O  OG1 . THR A 1 155 ? 3.001   -19.742 -2.843  1.00 22.57 ? 139 THR A OG1 1 
ATOM   902  C  CG2 . THR A 1 155 ? 3.933   -20.551 -0.907  1.00 22.09 ? 139 THR A CG2 1 
ATOM   903  N  N   . GLY A 1 156 ? 6.096   -17.909 -3.612  1.00 24.15 ? 140 GLY A N   1 
ATOM   904  C  CA  . GLY A 1 156 ? 6.567   -17.297 -4.845  1.00 26.86 ? 140 GLY A CA  1 
ATOM   905  C  C   . GLY A 1 156 ? 7.824   -16.422 -4.681  1.00 27.16 ? 140 GLY A C   1 
ATOM   906  O  O   . GLY A 1 156 ? 8.750   -16.719 -3.839  1.00 27.73 ? 140 GLY A O   1 
ATOM   907  N  N   . GLU A 1 161 ? 9.554   -23.043 0.679   1.00 33.02 ? 145 GLU A N   1 
ATOM   908  C  CA  . GLU A 1 161 ? 9.611   -21.605 0.803   1.00 31.59 ? 145 GLU A CA  1 
ATOM   909  C  C   . GLU A 1 161 ? 8.180   -21.048 0.917   1.00 29.64 ? 145 GLU A C   1 
ATOM   910  O  O   . GLU A 1 161 ? 7.408   -20.960 -0.070  1.00 29.91 ? 145 GLU A O   1 
ATOM   911  C  CB  . GLU A 1 161 ? 10.366  -20.965 -0.297  1.00 31.62 ? 145 GLU A CB  1 
ATOM   912  N  N   . GLU A 1 162 ? 7.827   -20.690 2.132   1.00 27.41 ? 146 GLU A N   1 
ATOM   913  C  CA  . GLU A 1 162 ? 6.509   -20.056 2.392   1.00 25.06 ? 146 GLU A CA  1 
ATOM   914  C  C   . GLU A 1 162 ? 6.682   -19.004 3.490   1.00 24.68 ? 146 GLU A C   1 
ATOM   915  O  O   . GLU A 1 162 ? 7.653   -19.026 4.293   1.00 25.78 ? 146 GLU A O   1 
ATOM   916  C  CB  . GLU A 1 162 ? 5.531   -21.099 2.934   1.00 24.86 ? 146 GLU A CB  1 
ATOM   917  C  CG  . GLU A 1 162 ? 6.113   -21.869 4.093   1.00 26.60 ? 146 GLU A CG  1 
ATOM   918  C  CD  . GLU A 1 162 ? 5.106   -22.829 4.715   1.00 29.01 ? 146 GLU A CD  1 
ATOM   919  O  OE1 . GLU A 1 162 ? 5.391   -23.343 5.814   1.00 34.38 ? 146 GLU A OE1 1 
ATOM   920  O  OE2 . GLU A 1 162 ? 4.021   -23.021 4.150   1.00 27.13 ? 146 GLU A OE2 1 
ATOM   921  N  N   . ARG A 1 163 ? 5.737   -18.097 3.607   1.00 21.05 ? 147 ARG A N   1 
ATOM   922  C  CA  . ARG A 1 163 ? 5.689   -17.213 4.747   1.00 20.85 ? 147 ARG A CA  1 
ATOM   923  C  C   . ARG A 1 163 ? 4.234   -17.099 5.216   1.00 19.59 ? 147 ARG A C   1 
ATOM   924  O  O   . ARG A 1 163 ? 3.351   -17.000 4.345   1.00 19.96 ? 147 ARG A O   1 
ATOM   925  C  CB  . ARG A 1 163 ? 6.201   -15.841 4.371   1.00 19.13 ? 147 ARG A CB  1 
ATOM   926  C  CG  . ARG A 1 163 ? 6.239   -14.837 5.569   1.00 25.26 ? 147 ARG A CG  1 
ATOM   927  C  CD  . ARG A 1 163 ? 7.118   -13.637 5.270   1.00 27.81 ? 147 ARG A CD  1 
ATOM   928  N  NE  . ARG A 1 163 ? 8.514   -13.991 5.379   1.00 30.11 ? 147 ARG A NE  1 
ATOM   929  C  CZ  . ARG A 1 163 ? 9.390   -13.984 4.374   1.00 34.41 ? 147 ARG A CZ  1 
ATOM   930  N  NH1 . ARG A 1 163 ? 9.046   -13.589 3.149   1.00 35.17 ? 147 ARG A NH1 1 
ATOM   931  N  NH2 . ARG A 1 163 ? 10.658  -14.348 4.604   1.00 38.53 ? 147 ARG A NH2 1 
HETATM 932  N  N   . MSE A 1 164 ? 4.027   -17.110 6.523   1.00 18.51 ? 148 MSE A N   1 
HETATM 933  C  CA  . MSE A 1 164 ? 2.650   -16.986 7.098   1.00 20.19 ? 148 MSE A CA  1 
HETATM 934  C  C   . MSE A 1 164 ? 2.482   -15.586 7.619   1.00 19.31 ? 148 MSE A C   1 
HETATM 935  O  O   . MSE A 1 164 ? 3.369   -15.074 8.389   1.00 19.94 ? 148 MSE A O   1 
HETATM 936  C  CB  . MSE A 1 164 ? 2.448   -18.004 8.277   1.00 22.67 ? 148 MSE A CB  1 
HETATM 937  C  CG  . MSE A 1 164 ? 2.919   -19.369 8.030   1.00 31.03 ? 148 MSE A CG  1 
HETATM 938  SE SE  . MSE A 1 164 ? 1.867   -20.089 6.525   1.00 49.04 ? 148 MSE A SE  1 
HETATM 939  C  CE  . MSE A 1 164 ? 2.065   -22.036 6.888   1.00 39.12 ? 148 MSE A CE  1 
ATOM   940  N  N   . ILE A 1 165 ? 1.324   -14.903 7.293   1.00 17.82 ? 149 ILE A N   1 
ATOM   941  C  CA  . ILE A 1 165 ? 0.989   -13.628 7.903   1.00 16.47 ? 149 ILE A CA  1 
ATOM   942  C  C   . ILE A 1 165 ? -0.496  -13.604 8.128   1.00 16.11 ? 149 ILE A C   1 
ATOM   943  O  O   . ILE A 1 165 ? -1.223  -14.516 7.672   1.00 18.53 ? 149 ILE A O   1 
ATOM   944  C  CB  . ILE A 1 165 ? 1.376   -12.426 6.990   1.00 15.47 ? 149 ILE A CB  1 
ATOM   945  C  CG1 . ILE A 1 165 ? 0.654   -12.529 5.667   1.00 13.63 ? 149 ILE A CG1 1 
ATOM   946  C  CG2 . ILE A 1 165 ? 2.957   -12.400 6.709   1.00 16.78 ? 149 ILE A CG2 1 
ATOM   947  C  CD1 . ILE A 1 165 ? 0.903   -11.218 4.808   1.00 16.99 ? 149 ILE A CD1 1 
ATOM   948  N  N   . ALA A 1 166 ? -0.937  -12.629 8.905   1.00 16.67 ? 150 ALA A N   1 
ATOM   949  C  CA  . ALA A 1 166 ? -2.336  -12.598 9.272   1.00 15.81 ? 150 ALA A CA  1 
ATOM   950  C  C   . ALA A 1 166 ? -2.819  -11.157 9.474   1.00 17.06 ? 150 ALA A C   1 
ATOM   951  O  O   . ALA A 1 166 ? -3.429  -10.783 10.537  1.00 16.17 ? 150 ALA A O   1 
ATOM   952  C  CB  . ALA A 1 166 ? -2.663  -13.482 10.493  1.00 17.35 ? 150 ALA A CB  1 
ATOM   953  N  N   . PRO A 1 167 ? -2.630  -10.294 8.432   1.00 17.46 ? 151 PRO A N   1 
ATOM   954  C  CA  . PRO A 1 167 ? -3.116  -8.877  8.525   1.00 15.73 ? 151 PRO A CA  1 
ATOM   955  C  C   . PRO A 1 167 ? -4.640  -8.884  8.460   1.00 16.70 ? 151 PRO A C   1 
ATOM   956  O  O   . PRO A 1 167 ? -5.229  -9.883  8.018   1.00 16.86 ? 151 PRO A O   1 
ATOM   957  C  CB  . PRO A 1 167 ? -2.535  -8.183  7.245   1.00 14.14 ? 151 PRO A CB  1 
ATOM   958  C  CG  . PRO A 1 167 ? -2.535  -9.350  6.237   1.00 14.60 ? 151 PRO A CG  1 
ATOM   959  C  CD  . PRO A 1 167 ? -2.039  -10.608 7.129   1.00 19.68 ? 151 PRO A CD  1 
ATOM   960  N  N   . GLN A 1 168 ? -5.269  -7.810  8.961   1.00 14.72 ? 152 GLN A N   1 
ATOM   961  C  CA  . GLN A 1 168 ? -6.701  -7.720  8.862   1.00 14.38 ? 152 GLN A CA  1 
ATOM   962  C  C   . GLN A 1 168 ? -6.890  -7.017  7.504   1.00 13.65 ? 152 GLN A C   1 
ATOM   963  O  O   . GLN A 1 168 ? -6.368  -5.880  7.277   1.00 18.05 ? 152 GLN A O   1 
ATOM   964  C  CB  . GLN A 1 168 ? -7.144  -6.802  10.043  1.00 14.00 ? 152 GLN A CB  1 
ATOM   965  C  CG  . GLN A 1 168 ? -6.976  -7.629  11.360  1.00 17.80 ? 152 GLN A CG  1 
ATOM   966  C  CD  . GLN A 1 168 ? -7.455  -6.849  12.584  1.00 22.79 ? 152 GLN A CD  1 
ATOM   967  O  OE1 . GLN A 1 168 ? -8.561  -6.289  12.621  1.00 22.70 ? 152 GLN A OE1 1 
ATOM   968  N  NE2 . GLN A 1 168 ? -6.624  -6.825  13.577  1.00 15.73 ? 152 GLN A NE2 1 
ATOM   969  N  N   . LEU A 1 169 ? -7.728  -7.622  6.663   1.00 15.71 ? 153 LEU A N   1 
ATOM   970  C  CA  . LEU A 1 169 ? -7.941  -7.133  5.300   1.00 13.86 ? 153 LEU A CA  1 
ATOM   971  C  C   . LEU A 1 169 ? -9.456  -7.187  4.993   1.00 14.69 ? 153 LEU A C   1 
ATOM   972  O  O   . LEU A 1 169 ? -10.169 -8.106  5.453   1.00 16.28 ? 153 LEU A O   1 
ATOM   973  C  CB  . LEU A 1 169 ? -7.274  -8.080  4.265   1.00 15.24 ? 153 LEU A CB  1 
ATOM   974  C  CG  . LEU A 1 169 ? -5.751  -8.135  4.376   1.00 13.57 ? 153 LEU A CG  1 
ATOM   975  C  CD1 . LEU A 1 169 ? -5.267  -9.217  3.476   1.00 17.95 ? 153 LEU A CD1 1 
ATOM   976  C  CD2 . LEU A 1 169 ? -5.068  -6.799  4.118   1.00 17.16 ? 153 LEU A CD2 1 
ATOM   977  N  N   . PRO A 1 170 ? -9.933  -6.256  4.148   1.00 15.59 ? 154 PRO A N   1 
ATOM   978  C  CA  . PRO A 1 170 ? -11.350 -6.267  3.744   1.00 16.50 ? 154 PRO A CA  1 
ATOM   979  C  C   . PRO A 1 170 ? -11.515 -7.392  2.702   1.00 18.03 ? 154 PRO A C   1 
ATOM   980  O  O   . PRO A 1 170 ? -10.546 -7.845  2.021   1.00 14.89 ? 154 PRO A O   1 
ATOM   981  C  CB  . PRO A 1 170 ? -11.547 -4.916  3.008   1.00 16.57 ? 154 PRO A CB  1 
ATOM   982  C  CG  . PRO A 1 170 ? -10.218 -4.403  2.712   1.00 19.98 ? 154 PRO A CG  1 
ATOM   983  C  CD  . PRO A 1 170 ? -9.207  -5.099  3.626   1.00 17.57 ? 154 PRO A CD  1 
ATOM   984  N  N   . GLU A 1 171 ? -12.735 -7.947  2.657   1.00 17.31 ? 155 GLU A N   1 
ATOM   985  C  CA  . GLU A 1 171 ? -13.005 -9.085  1.785   1.00 17.56 ? 155 GLU A CA  1 
ATOM   986  C  C   . GLU A 1 171 ? -12.642 -8.778  0.329   1.00 16.39 ? 155 GLU A C   1 
ATOM   987  O  O   . GLU A 1 171 ? -12.146 -9.643  -0.312  1.00 15.97 ? 155 GLU A O   1 
ATOM   988  C  CB  . GLU A 1 171 ? -14.495 -9.394  1.859   1.00 17.17 ? 155 GLU A CB  1 
ATOM   989  C  CG  . GLU A 1 171 ? -14.892 -9.897  3.252   1.00 23.73 ? 155 GLU A CG  1 
ATOM   990  C  CD  . GLU A 1 171 ? -14.335 -11.244 3.500   1.00 32.00 ? 155 GLU A CD  1 
ATOM   991  O  OE1 . GLU A 1 171 ? -14.686 -12.156 2.724   1.00 32.89 ? 155 GLU A OE1 1 
ATOM   992  O  OE2 . GLU A 1 171 ? -13.491 -11.368 4.433   1.00 29.23 ? 155 GLU A OE2 1 
ATOM   993  N  N   . CYS A 1 172 ? -12.801 -7.532  -0.148  1.00 16.91 ? 156 CYS A N   1 
ATOM   994  C  CA  . CYS A 1 172 ? -12.497 -7.316  -1.573  1.00 17.48 ? 156 CYS A CA  1 
ATOM   995  C  C   . CYS A 1 172 ? -11.009 -7.540  -1.829  1.00 16.27 ? 156 CYS A C   1 
ATOM   996  O  O   . CYS A 1 172 ? -10.614 -8.023  -2.890  1.00 16.21 ? 156 CYS A O   1 
ATOM   997  C  CB  . CYS A 1 172 ? -12.970 -5.910  -2.079  1.00 18.96 ? 156 CYS A CB  1 
ATOM   998  S  SG  . CYS A 1 172 ? -12.177 -4.569  -1.279  1.00 18.92 ? 156 CYS A SG  1 
ATOM   999  N  N   . ILE A 1 173 ? -10.167 -7.141  -0.839  1.00 16.09 ? 157 ILE A N   1 
ATOM   1000 C  CA  . ILE A 1 173 ? -8.697  -7.241  -1.006  1.00 16.07 ? 157 ILE A CA  1 
ATOM   1001 C  C   . ILE A 1 173 ? -8.308  -8.754  -0.890  1.00 15.95 ? 157 ILE A C   1 
ATOM   1002 O  O   . ILE A 1 173 ? -7.492  -9.272  -1.679  1.00 16.24 ? 157 ILE A O   1 
ATOM   1003 C  CB  . ILE A 1 173 ? -7.979  -6.450  0.075   1.00 16.57 ? 157 ILE A CB  1 
ATOM   1004 C  CG1 . ILE A 1 173 ? -8.212  -4.961  -0.172  1.00 15.78 ? 157 ILE A CG1 1 
ATOM   1005 C  CG2 . ILE A 1 173 ? -6.408  -6.720  0.033   1.00 14.18 ? 157 ILE A CG2 1 
ATOM   1006 C  CD1 . ILE A 1 173 ? -7.402  -4.335  -1.290  1.00 19.26 ? 157 ILE A CD1 1 
ATOM   1007 N  N   . LEU A 1 174 ? -8.959  -9.476  0.020   1.00 16.91 ? 158 LEU A N   1 
ATOM   1008 C  CA  . LEU A 1 174 ? -8.654  -10.947 0.150   1.00 18.19 ? 158 LEU A CA  1 
ATOM   1009 C  C   . LEU A 1 174 ? -9.006  -11.680 -1.097  1.00 18.37 ? 158 LEU A C   1 
ATOM   1010 O  O   . LEU A 1 174 ? -8.201  -12.456 -1.592  1.00 18.84 ? 158 LEU A O   1 
ATOM   1011 C  CB  . LEU A 1 174 ? -9.416  -11.503 1.357   1.00 19.70 ? 158 LEU A CB  1 
ATOM   1012 C  CG  . LEU A 1 174 ? -8.882  -11.178 2.747   1.00 27.79 ? 158 LEU A CG  1 
ATOM   1013 C  CD1 . LEU A 1 174 ? -9.976  -11.707 3.742   1.00 29.57 ? 158 LEU A CD1 1 
ATOM   1014 C  CD2 . LEU A 1 174 ? -7.603  -12.027 3.057   1.00 29.47 ? 158 LEU A CD2 1 
ATOM   1015 N  N   . HIS A 1 175 ? -10.161 -11.349 -1.678  1.00 17.86 ? 159 HIS A N   1 
ATOM   1016 C  CA  . HIS A 1 175 ? -10.553 -11.944 -2.932  1.00 19.13 ? 159 HIS A CA  1 
ATOM   1017 C  C   . HIS A 1 175 ? -9.526  -11.672 -4.022  1.00 18.18 ? 159 HIS A C   1 
ATOM   1018 O  O   . HIS A 1 175 ? -9.213  -12.520 -4.824  1.00 19.98 ? 159 HIS A O   1 
ATOM   1019 C  CB  . HIS A 1 175 ? -11.896 -11.325 -3.377  1.00 20.29 ? 159 HIS A CB  1 
ATOM   1020 C  CG  . HIS A 1 175 ? -12.350 -11.799 -4.723  1.00 30.44 ? 159 HIS A CG  1 
ATOM   1021 N  ND1 . HIS A 1 175 ? -12.830 -13.077 -4.956  1.00 36.32 ? 159 HIS A ND1 1 
ATOM   1022 C  CD2 . HIS A 1 175 ? -12.366 -11.167 -5.927  1.00 33.50 ? 159 HIS A CD2 1 
ATOM   1023 C  CE1 . HIS A 1 175 ? -13.099 -13.219 -6.246  1.00 35.64 ? 159 HIS A CE1 1 
ATOM   1024 N  NE2 . HIS A 1 175 ? -12.836 -12.071 -6.858  1.00 38.80 ? 159 HIS A NE2 1 
ATOM   1025 N  N   . GLU A 1 176 ? -9.113  -10.402 -4.163  1.00 17.53 ? 160 GLU A N   1 
ATOM   1026 C  CA  . GLU A 1 176 ? -8.129  -10.044 -5.174  1.00 17.43 ? 160 GLU A CA  1 
ATOM   1027 C  C   . GLU A 1 176 ? -6.867  -10.849 -5.014  1.00 17.84 ? 160 GLU A C   1 
ATOM   1028 O  O   . GLU A 1 176 ? -6.359  -11.402 -5.968  1.00 18.96 ? 160 GLU A O   1 
ATOM   1029 C  CB  . GLU A 1 176 ? -7.837  -8.523  -5.138  1.00 18.04 ? 160 GLU A CB  1 
ATOM   1030 C  CG  . GLU A 1 176 ? -6.674  -8.062  -6.045  1.00 19.51 ? 160 GLU A CG  1 
ATOM   1031 C  CD  . GLU A 1 176 ? -7.023  -8.131  -7.544  1.00 30.93 ? 160 GLU A CD  1 
ATOM   1032 O  OE1 . GLU A 1 176 ? -6.095  -8.086  -8.403  1.00 33.41 ? 160 GLU A OE1 1 
ATOM   1033 O  OE2 . GLU A 1 176 ? -8.210  -8.219  -7.845  1.00 32.73 ? 160 GLU A OE2 1 
ATOM   1034 N  N   . LEU A 1 177 ? -6.355  -10.938 -3.802  1.00 18.06 ? 161 LEU A N   1 
ATOM   1035 C  CA  . LEU A 1 177 ? -5.135  -11.662 -3.575  1.00 17.49 ? 161 LEU A CA  1 
ATOM   1036 C  C   . LEU A 1 177 ? -5.241  -13.167 -3.791  1.00 19.18 ? 161 LEU A C   1 
ATOM   1037 O  O   . LEU A 1 177 ? -4.379  -13.777 -4.417  1.00 18.09 ? 161 LEU A O   1 
ATOM   1038 C  CB  . LEU A 1 177 ? -4.647  -11.410 -2.140  1.00 15.38 ? 161 LEU A CB  1 
ATOM   1039 C  CG  . LEU A 1 177 ? -4.260  -9.970  -1.739  1.00 14.32 ? 161 LEU A CG  1 
ATOM   1040 C  CD1 . LEU A 1 177 ? -3.788  -10.047 -0.234  1.00 17.51 ? 161 LEU A CD1 1 
ATOM   1041 C  CD2 . LEU A 1 177 ? -3.126  -9.470  -2.651  1.00 16.45 ? 161 LEU A CD2 1 
ATOM   1042 N  N   . THR A 1 178 ? -6.330  -13.770 -3.324  1.00 19.21 ? 162 THR A N   1 
ATOM   1043 C  CA  . THR A 1 178 ? -6.459  -15.240 -3.413  1.00 21.83 ? 162 THR A CA  1 
ATOM   1044 C  C   . THR A 1 178 ? -6.924  -15.737 -4.777  1.00 24.62 ? 162 THR A C   1 
ATOM   1045 O  O   . THR A 1 178 ? -6.554  -16.863 -5.154  1.00 25.01 ? 162 THR A O   1 
ATOM   1046 C  CB  . THR A 1 178 ? -7.417  -15.780 -2.334  1.00 21.66 ? 162 THR A CB  1 
ATOM   1047 O  OG1 . THR A 1 178 ? -8.772  -15.265 -2.599  1.00 20.82 ? 162 THR A OG1 1 
ATOM   1048 C  CG2 . THR A 1 178 ? -6.916  -15.479 -0.877  1.00 20.05 ? 162 THR A CG2 1 
ATOM   1049 N  N   . GLU A 1 179 ? -7.715  -14.936 -5.519  1.00 23.57 ? 163 GLU A N   1 
ATOM   1050 C  CA  . GLU A 1 179 ? -8.269  -15.329 -6.883  1.00 25.81 ? 163 GLU A CA  1 
ATOM   1051 C  C   . GLU A 1 179 ? -7.492  -14.781 -8.072  1.00 25.00 ? 163 GLU A C   1 
ATOM   1052 O  O   . GLU A 1 179 ? -7.453  -15.384 -9.169  1.00 25.38 ? 163 GLU A O   1 
ATOM   1053 C  CB  . GLU A 1 179 ? -9.732  -14.916 -6.943  1.00 26.07 ? 163 GLU A CB  1 
ATOM   1054 C  CG  . GLU A 1 179 ? -10.541 -15.375 -5.736  1.00 30.01 ? 163 GLU A CG  1 
ATOM   1055 C  CD  . GLU A 1 179 ? -10.381 -16.860 -5.357  1.00 43.22 ? 163 GLU A CD  1 
ATOM   1056 O  OE1 . GLU A 1 179 ? -10.544 -17.757 -6.240  1.00 47.70 ? 163 GLU A OE1 1 
ATOM   1057 O  OE2 . GLU A 1 179 ? -10.135 -17.152 -4.149  1.00 47.19 ? 163 GLU A OE2 1 
ATOM   1058 N  N   . ARG A 1 180 ? -6.816  -13.658 -7.855  1.00 25.15 ? 164 ARG A N   1 
ATOM   1059 C  CA  . ARG A 1 180 ? -5.961  -13.011 -8.867  1.00 24.21 ? 164 ARG A CA  1 
ATOM   1060 C  C   . ARG A 1 180 ? -6.665  -12.914 -10.223 1.00 27.34 ? 164 ARG A C   1 
ATOM   1061 O  O   . ARG A 1 180 ? -6.172  -13.486 -11.222 1.00 25.21 ? 164 ARG A O   1 
ATOM   1062 C  CB  . ARG A 1 180 ? -4.647  -13.756 -9.047  1.00 25.46 ? 164 ARG A CB  1 
ATOM   1063 C  CG  . ARG A 1 180 ? -3.701  -13.654 -7.791  1.00 23.08 ? 164 ARG A CG  1 
ATOM   1064 C  CD  . ARG A 1 180 ? -3.372  -12.215 -7.488  1.00 22.74 ? 164 ARG A CD  1 
ATOM   1065 N  NE  . ARG A 1 180 ? -2.219  -12.195 -6.504  1.00 18.50 ? 164 ARG A NE  1 
ATOM   1066 C  CZ  . ARG A 1 180 ? -1.711  -11.073 -5.967  1.00 20.22 ? 164 ARG A CZ  1 
ATOM   1067 N  NH1 . ARG A 1 180 ? -2.238  -9.902  -6.269  1.00 19.33 ? 164 ARG A NH1 1 
ATOM   1068 N  NH2 . ARG A 1 180 ? -0.668  -11.166 -5.143  1.00 18.50 ? 164 ARG A NH2 1 
ATOM   1069 N  N   . PRO A 1 181 ? -7.803  -12.226 -10.254 1.00 29.18 ? 165 PRO A N   1 
ATOM   1070 C  CA  . PRO A 1 181 ? -8.631  -12.141 -11.478 1.00 32.93 ? 165 PRO A CA  1 
ATOM   1071 C  C   . PRO A 1 181 ? -7.995  -11.405 -12.687 1.00 34.55 ? 165 PRO A C   1 
ATOM   1072 O  O   . PRO A 1 181 ? -8.513  -11.534 -13.819 1.00 36.26 ? 165 PRO A O   1 
ATOM   1073 C  CB  . PRO A 1 181 ? -9.868  -11.383 -10.975 1.00 30.82 ? 165 PRO A CB  1 
ATOM   1074 C  CG  . PRO A 1 181 ? -9.317  -10.480 -9.974  1.00 32.62 ? 165 PRO A CG  1 
ATOM   1075 C  CD  . PRO A 1 181 ? -8.440  -11.458 -9.166  1.00 28.59 ? 165 PRO A CD  1 
ATOM   1076 N  N   . HIS A 1 182 ? -6.907  -10.663 -12.479 1.00 36.25 ? 166 HIS A N   1 
ATOM   1077 C  CA  . HIS A 1 182 ? -6.254  -9.939  -13.583 1.00 36.26 ? 166 HIS A CA  1 
ATOM   1078 C  C   . HIS A 1 182 ? -4.890  -10.496 -13.981 1.00 37.75 ? 166 HIS A C   1 
ATOM   1079 O  O   . HIS A 1 182 ? -3.974  -10.427 -13.176 1.00 39.03 ? 166 HIS A O   1 
ATOM   1080 C  CB  . HIS A 1 182 ? -6.050  -8.499  -13.166 1.00 37.25 ? 166 HIS A CB  1 
ATOM   1081 C  CG  . HIS A 1 182 ? -7.296  -7.819  -12.710 1.00 34.35 ? 166 HIS A CG  1 
ATOM   1082 N  ND1 . HIS A 1 182 ? -7.583  -7.603  -11.380 1.00 36.16 ? 166 HIS A ND1 1 
ATOM   1083 C  CD2 . HIS A 1 182 ? -8.311  -7.282  -13.407 1.00 33.25 ? 166 HIS A CD2 1 
ATOM   1084 C  CE1 . HIS A 1 182 ? -8.742  -6.975  -11.278 1.00 34.91 ? 166 HIS A CE1 1 
ATOM   1085 N  NE2 . HIS A 1 182 ? -9.215  -6.785  -12.493 1.00 33.27 ? 166 HIS A NE2 1 
ATOM   1086 N  N   . PRO A 1 183 ? -4.699  -10.975 -15.218 1.00 39.32 ? 167 PRO A N   1 
ATOM   1087 C  CA  . PRO A 1 183 ? -3.377  -11.553 -15.623 1.00 38.72 ? 167 PRO A CA  1 
ATOM   1088 C  C   . PRO A 1 183 ? -2.179  -10.582 -15.409 1.00 38.53 ? 167 PRO A C   1 
ATOM   1089 O  O   . PRO A 1 183 ? -2.347  -9.369  -15.468 1.00 37.62 ? 167 PRO A O   1 
ATOM   1090 C  CB  . PRO A 1 183 ? -3.430  -12.034 -17.093 1.00 39.50 ? 167 PRO A CB  1 
ATOM   1091 N  N   . PHE A 1 184 ? -0.973  -11.108 -15.152 1.00 38.48 ? 168 PHE A N   1 
ATOM   1092 C  CA  . PHE A 1 184 ? 0.205   -10.211 -15.052 1.00 37.86 ? 168 PHE A CA  1 
ATOM   1093 C  C   . PHE A 1 184 ? 0.264   -9.317  -16.292 1.00 38.42 ? 168 PHE A C   1 
ATOM   1094 O  O   . PHE A 1 184 ? -0.001  -9.796  -17.425 1.00 39.37 ? 168 PHE A O   1 
ATOM   1095 C  CB  . PHE A 1 184 ? 1.484   -10.978 -14.874 1.00 38.33 ? 168 PHE A CB  1 
ATOM   1096 N  N   . PRO A 1 185 ? 0.547   -8.027  -16.122 1.00 36.52 ? 169 PRO A N   1 
ATOM   1097 C  CA  . PRO A 1 185 ? 0.829   -7.430  -14.838 1.00 34.33 ? 169 PRO A CA  1 
ATOM   1098 C  C   . PRO A 1 185 ? -0.259  -6.436  -14.532 1.00 32.07 ? 169 PRO A C   1 
ATOM   1099 O  O   . PRO A 1 185 ? 0.024   -5.454  -13.871 1.00 31.54 ? 169 PRO A O   1 
ATOM   1100 C  CB  . PRO A 1 185 ? 2.192   -6.731  -14.832 1.00 34.70 ? 169 PRO A CB  1 
ATOM   1101 N  N   . LEU A 1 186 ? -1.504  -6.741  -14.929 1.00 30.23 ? 170 LEU A N   1 
ATOM   1102 C  CA  . LEU A 1 186 ? -2.648  -5.819  -14.811 1.00 29.18 ? 170 LEU A CA  1 
ATOM   1103 C  C   . LEU A 1 186 ? -3.123  -5.530  -13.398 1.00 29.89 ? 170 LEU A C   1 
ATOM   1104 O  O   . LEU A 1 186 ? -3.798  -4.496  -13.178 1.00 29.34 ? 170 LEU A O   1 
ATOM   1105 C  CB  . LEU A 1 186 ? -3.820  -6.390  -15.540 1.00 30.91 ? 170 LEU A CB  1 
ATOM   1106 N  N   . GLY A 1 187 ? -2.870  -6.467  -12.479 1.00 26.88 ? 171 GLY A N   1 
ATOM   1107 C  CA  . GLY A 1 187 ? -3.400  -6.256  -11.087 1.00 26.07 ? 171 GLY A CA  1 
ATOM   1108 C  C   . GLY A 1 187 ? -2.584  -5.288  -10.280 1.00 24.89 ? 171 GLY A C   1 
ATOM   1109 O  O   . GLY A 1 187 ? -1.531  -4.839  -10.733 1.00 25.13 ? 171 GLY A O   1 
ATOM   1110 N  N   . ILE A 1 188 ? -2.970  -5.070  -9.007  1.00 21.23 ? 172 ILE A N   1 
ATOM   1111 C  CA  . ILE A 1 188 ? -2.229  -4.130  -8.108  1.00 19.66 ? 172 ILE A CA  1 
ATOM   1112 C  C   . ILE A 1 188 ? -1.088  -4.805  -7.413  1.00 19.22 ? 172 ILE A C   1 
ATOM   1113 O  O   . ILE A 1 188 ? -1.127  -6.053  -7.152  1.00 21.00 ? 172 ILE A O   1 
ATOM   1114 C  CB  . ILE A 1 188 ? -3.176  -3.551  -7.026  1.00 18.95 ? 172 ILE A CB  1 
ATOM   1115 C  CG1 . ILE A 1 188 ? -3.904  -4.691  -6.371  1.00 19.43 ? 172 ILE A CG1 1 
ATOM   1116 C  CG2 . ILE A 1 188 ? -4.302  -2.767  -7.712  1.00 20.44 ? 172 ILE A CG2 1 
ATOM   1117 C  CD1 . ILE A 1 188 ? -4.480  -4.285  -4.969  1.00 23.61 ? 172 ILE A CD1 1 
ATOM   1118 N  N   . ASP A 1 189 ? -0.057  -4.001  -7.145  1.00 16.82 ? 173 ASP A N   1 
ATOM   1119 C  CA  . ASP A 1 189 ? 0.908   -4.367  -6.130  1.00 16.99 ? 173 ASP A CA  1 
ATOM   1120 C  C   . ASP A 1 189 ? 0.316   -3.797  -4.827  1.00 18.68 ? 173 ASP A C   1 
ATOM   1121 O  O   . ASP A 1 189 ? -0.278  -2.723  -4.843  1.00 19.83 ? 173 ASP A O   1 
ATOM   1122 C  CB  . ASP A 1 189 ? 2.167   -3.608  -6.379  1.00 17.51 ? 173 ASP A CB  1 
ATOM   1123 C  CG  . ASP A 1 189 ? 3.125   -4.360  -7.316  1.00 22.32 ? 173 ASP A CG  1 
ATOM   1124 O  OD1 . ASP A 1 189 ? 2.889   -5.575  -7.564  1.00 22.82 ? 173 ASP A OD1 1 
ATOM   1125 O  OD2 . ASP A 1 189 ? 4.097   -3.688  -7.771  1.00 26.63 ? 173 ASP A OD2 1 
ATOM   1126 N  N   . LEU A 1 190 ? 0.458   -4.514  -3.695  1.00 13.95 ? 174 LEU A N   1 
ATOM   1127 C  CA  . LEU A 1 190 ? -0.180  -4.025  -2.478  1.00 12.31 ? 174 LEU A CA  1 
ATOM   1128 C  C   . LEU A 1 190 ? 0.901   -3.760  -1.475  1.00 11.36 ? 174 LEU A C   1 
ATOM   1129 O  O   . LEU A 1 190 ? 1.829   -4.580  -1.323  1.00 13.58 ? 174 LEU A O   1 
ATOM   1130 C  CB  . LEU A 1 190 ? -1.085  -5.149  -1.904  1.00 13.56 ? 174 LEU A CB  1 
ATOM   1131 C  CG  . LEU A 1 190 ? -1.811  -4.966  -0.600  1.00 13.01 ? 174 LEU A CG  1 
ATOM   1132 C  CD1 . LEU A 1 190 ? -2.695  -3.688  -0.712  1.00 16.12 ? 174 LEU A CD1 1 
ATOM   1133 C  CD2 . LEU A 1 190 ? -2.609  -6.225  -0.215  1.00 16.81 ? 174 LEU A CD2 1 
ATOM   1134 N  N   . ILE A 1 191 ? 0.786   -2.665  -0.783  1.00 10.49 ? 175 ILE A N   1 
ATOM   1135 C  CA  . ILE A 1 191 ? 1.680   -2.334  0.367   1.00 12.05 ? 175 ILE A CA  1 
ATOM   1136 C  C   . ILE A 1 191 ? 0.755   -2.074  1.558   1.00 15.32 ? 175 ILE A C   1 
ATOM   1137 O  O   . ILE A 1 191 ? -0.080  -1.205  1.499   1.00 15.25 ? 175 ILE A O   1 
ATOM   1138 C  CB  . ILE A 1 191 ? 2.543   -1.103  0.074   1.00 12.62 ? 175 ILE A CB  1 
ATOM   1139 C  CG1 . ILE A 1 191 ? 3.428   -1.360  -1.180  1.00 13.81 ? 175 ILE A CG1 1 
ATOM   1140 C  CG2 . ILE A 1 191 ? 3.349   -0.726  1.416   1.00 17.49 ? 175 ILE A CG2 1 
ATOM   1141 C  CD1 . ILE A 1 191 ? 4.156   0.009   -1.586  1.00 14.09 ? 175 ILE A CD1 1 
ATOM   1142 N  N   . LEU A 1 192 ? 0.901   -2.828  2.659   1.00 14.03 ? 176 LEU A N   1 
ATOM   1143 C  CA  . LEU A 1 192 ? -0.004  -2.613  3.811   1.00 13.27 ? 176 LEU A CA  1 
ATOM   1144 C  C   . LEU A 1 192 ? 0.777   -1.809  4.797   1.00 15.40 ? 176 LEU A C   1 
ATOM   1145 O  O   . LEU A 1 192 ? 1.991   -2.110  5.019   1.00 14.91 ? 176 LEU A O   1 
ATOM   1146 C  CB  . LEU A 1 192 ? -0.268  -3.920  4.551   1.00 12.69 ? 176 LEU A CB  1 
ATOM   1147 C  CG  . LEU A 1 192 ? -0.891  -5.016  3.736   1.00 12.98 ? 176 LEU A CG  1 
ATOM   1148 C  CD1 . LEU A 1 192 ? -1.373  -6.151  4.677   1.00 15.53 ? 176 LEU A CD1 1 
ATOM   1149 C  CD2 . LEU A 1 192 ? -2.185  -4.533  3.027   1.00 15.31 ? 176 LEU A CD2 1 
ATOM   1150 N  N   . THR A 1 193 ? 0.192   -0.746  5.325   1.00 13.51 ? 177 THR A N   1 
ATOM   1151 C  CA  . THR A 1 193 ? 0.954   0.075   6.304   1.00 13.07 ? 177 THR A CA  1 
ATOM   1152 C  C   . THR A 1 193 ? 0.231   0.213   7.633   1.00 15.03 ? 177 THR A C   1 
ATOM   1153 O  O   . THR A 1 193 ? -0.994  0.258   7.650   1.00 15.53 ? 177 THR A O   1 
ATOM   1154 C  CB  . THR A 1 193 ? 1.248   1.562   5.871   1.00 13.08 ? 177 THR A CB  1 
ATOM   1155 O  OG1 . THR A 1 193 ? 0.036   2.195   5.455   1.00 14.56 ? 177 THR A OG1 1 
ATOM   1156 C  CG2 . THR A 1 193 ? 2.152   1.540   4.545   1.00 15.18 ? 177 THR A CG2 1 
ATOM   1157 N  N   . CYS A 1 194 ? 0.977   0.336   8.713   1.00 13.31 ? 178 CYS A N   1 
ATOM   1158 C  CA  . CYS A 1 194 ? 0.302   0.551   10.009  1.00 15.89 ? 178 CYS A CA  1 
ATOM   1159 C  C   . CYS A 1 194 ? 1.362   1.238   10.906  1.00 14.70 ? 178 CYS A C   1 
ATOM   1160 O  O   . CYS A 1 194 ? 2.471   0.625   11.156  1.00 16.82 ? 178 CYS A O   1 
ATOM   1161 C  CB  . CYS A 1 194 ? -0.098  -0.807  10.477  1.00 16.14 ? 178 CYS A CB  1 
ATOM   1162 S  SG  . CYS A 1 194 ? -0.849  -0.717  12.203  1.00 21.19 ? 178 CYS A SG  1 
ATOM   1163 N  N   . GLY A 1 195 ? 1.101   2.486   11.304  1.00 15.38 ? 179 GLY A N   1 
ATOM   1164 C  CA  . GLY A 1 195 ? 2.101   3.231   12.081  1.00 16.31 ? 179 GLY A CA  1 
ATOM   1165 C  C   . GLY A 1 195 ? 3.388   3.448   11.259  1.00 17.93 ? 179 GLY A C   1 
ATOM   1166 O  O   . GLY A 1 195 ? 3.300   3.904   10.148  1.00 15.86 ? 179 GLY A O   1 
ATOM   1167 N  N   . GLU A 1 196 ? 4.546   2.988   11.786  1.00 14.97 ? 180 GLU A N   1 
ATOM   1168 C  CA  . GLU A 1 196 ? 5.803   3.104   10.998  1.00 17.18 ? 180 GLU A CA  1 
ATOM   1169 C  C   . GLU A 1 196 ? 6.147   1.827   10.304  1.00 17.42 ? 180 GLU A C   1 
ATOM   1170 O  O   . GLU A 1 196 ? 7.218   1.739   9.705   1.00 18.94 ? 180 GLU A O   1 
ATOM   1171 C  CB  . GLU A 1 196 ? 6.971   3.582   11.853  1.00 19.50 ? 180 GLU A CB  1 
ATOM   1172 C  CG  . GLU A 1 196 ? 7.323   2.621   12.864  1.00 22.58 ? 180 GLU A CG  1 
ATOM   1173 C  CD  . GLU A 1 196 ? 8.599   3.109   13.619  1.00 36.04 ? 180 GLU A CD  1 
ATOM   1174 O  OE1 . GLU A 1 196 ? 8.888   4.342   13.636  1.00 37.53 ? 180 GLU A OE1 1 
ATOM   1175 O  OE2 . GLU A 1 196 ? 9.289   2.249   14.191  1.00 41.37 ? 180 GLU A OE2 1 
ATOM   1176 N  N   . ARG A 1 197 ? 5.256   0.807   10.390  1.00 15.30 ? 181 ARG A N   1 
ATOM   1177 C  CA  . ARG A 1 197 ? 5.564   -0.512  9.808   1.00 15.95 ? 181 ARG A CA  1 
ATOM   1178 C  C   . ARG A 1 197 ? 4.833   -0.777  8.493   1.00 16.13 ? 181 ARG A C   1 
ATOM   1179 O  O   . ARG A 1 197 ? 3.710   -0.264  8.240   1.00 14.70 ? 181 ARG A O   1 
ATOM   1180 C  CB  . ARG A 1 197 ? 5.221   -1.656  10.751  1.00 16.82 ? 181 ARG A CB  1 
ATOM   1181 C  CG  . ARG A 1 197 ? 6.061   -1.572  12.050  1.00 19.14 ? 181 ARG A CG  1 
ATOM   1182 C  CD  . ARG A 1 197 ? 5.788   -2.800  12.964  1.00 22.33 ? 181 ARG A CD  1 
ATOM   1183 N  NE  . ARG A 1 197 ? 4.412   -3.241  13.066  1.00 32.45 ? 181 ARG A NE  1 
ATOM   1184 C  CZ  . ARG A 1 197 ? 4.056   -4.494  13.372  1.00 36.49 ? 181 ARG A CZ  1 
ATOM   1185 N  NH1 . ARG A 1 197 ? 4.960   -5.428  13.631  1.00 33.38 ? 181 ARG A NH1 1 
ATOM   1186 N  NH2 . ARG A 1 197 ? 2.757   -4.808  13.434  1.00 40.23 ? 181 ARG A NH2 1 
ATOM   1187 N  N   . LEU A 1 198 ? 5.441   -1.651  7.693   1.00 14.30 ? 182 LEU A N   1 
ATOM   1188 C  CA  . LEU A 1 198 ? 4.767   -2.104  6.447   1.00 15.99 ? 182 LEU A CA  1 
ATOM   1189 C  C   . LEU A 1 198 ? 5.139   -3.483  6.020   1.00 14.79 ? 182 LEU A C   1 
ATOM   1190 O  O   . LEU A 1 198 ? 6.190   -3.990  6.426   1.00 13.77 ? 182 LEU A O   1 
ATOM   1191 C  CB  . LEU A 1 198 ? 5.050   -1.107  5.337   1.00 16.96 ? 182 LEU A CB  1 
ATOM   1192 C  CG  . LEU A 1 198 ? 6.398   -1.006  4.653   1.00 19.24 ? 182 LEU A CG  1 
ATOM   1193 C  CD1 . LEU A 1 198 ? 6.669   -2.142  3.637   1.00 16.38 ? 182 LEU A CD1 1 
ATOM   1194 C  CD2 . LEU A 1 198 ? 6.409   0.348   3.847   1.00 17.26 ? 182 LEU A CD2 1 
ATOM   1195 N  N   . LEU A 1 199 ? 4.325   -4.139  5.173   1.00 14.40 ? 183 LEU A N   1 
ATOM   1196 C  CA  . LEU A 1 199 ? 4.751   -5.315  4.483   1.00 12.53 ? 183 LEU A CA  1 
ATOM   1197 C  C   . LEU A 1 199 ? 4.191   -5.123  3.056   1.00 14.59 ? 183 LEU A C   1 
ATOM   1198 O  O   . LEU A 1 199 ? 3.254   -4.329  2.829   1.00 17.84 ? 183 LEU A O   1 
ATOM   1199 C  CB  . LEU A 1 199 ? 4.262   -6.644  5.099   1.00 16.58 ? 183 LEU A CB  1 
ATOM   1200 C  CG  . LEU A 1 199 ? 2.743   -6.882  5.189   1.00 18.27 ? 183 LEU A CG  1 
ATOM   1201 C  CD1 . LEU A 1 199 ? 2.178   -7.534  3.945   1.00 17.34 ? 183 LEU A CD1 1 
ATOM   1202 C  CD2 . LEU A 1 199 ? 2.435   -7.877  6.350   1.00 15.77 ? 183 LEU A CD2 1 
ATOM   1203 N  N   . ALA A 1 200 ? 4.836   -5.804  2.140   1.00 13.33 ? 184 ALA A N   1 
ATOM   1204 C  CA  . ALA A 1 200 ? 4.364   -5.763  0.716   1.00 13.72 ? 184 ALA A CA  1 
ATOM   1205 C  C   . ALA A 1 200 ? 3.900   -7.094  0.240   1.00 12.85 ? 184 ALA A C   1 
ATOM   1206 O  O   . ALA A 1 200 ? 4.425   -8.174  0.595   1.00 15.63 ? 184 ALA A O   1 
ATOM   1207 C  CB  . ALA A 1 200 ? 5.516   -5.334  -0.133  1.00 15.49 ? 184 ALA A CB  1 
ATOM   1208 N  N   . ILE A 1 201 ? 2.862   -7.063  -0.629  1.00 13.01 ? 185 ILE A N   1 
ATOM   1209 C  CA  . ILE A 1 201 ? 2.485   -8.263  -1.335  1.00 12.33 ? 185 ILE A CA  1 
ATOM   1210 C  C   . ILE A 1 201 ? 2.400   -7.874  -2.800  1.00 14.70 ? 185 ILE A C   1 
ATOM   1211 O  O   . ILE A 1 201 ? 1.374   -7.358  -3.251  1.00 15.96 ? 185 ILE A O   1 
ATOM   1212 C  CB  . ILE A 1 201 ? 1.137   -8.819  -0.903  1.00 13.79 ? 185 ILE A CB  1 
ATOM   1213 C  CG1 . ILE A 1 201 ? 1.086   -8.924  0.640   1.00 13.88 ? 185 ILE A CG1 1 
ATOM   1214 C  CG2 . ILE A 1 201 ? 0.750   -10.145 -1.669  1.00 13.48 ? 185 ILE A CG2 1 
ATOM   1215 C  CD1 . ILE A 1 201 ? -0.294  -9.459  1.171   1.00 13.26 ? 185 ILE A CD1 1 
ATOM   1216 N  N   . PRO A 1 202 ? 3.479   -8.130  -3.532  1.00 16.70 ? 186 PRO A N   1 
ATOM   1217 C  CA  . PRO A 1 202 ? 3.523   -7.804  -4.987  1.00 19.96 ? 186 PRO A CA  1 
ATOM   1218 C  C   . PRO A 1 202 ? 2.502   -8.639  -5.745  1.00 19.54 ? 186 PRO A C   1 
ATOM   1219 O  O   . PRO A 1 202 ? 2.010   -9.697  -5.320  1.00 17.88 ? 186 PRO A O   1 
ATOM   1220 C  CB  . PRO A 1 202 ? 4.989   -8.195  -5.418  1.00 19.45 ? 186 PRO A CB  1 
ATOM   1221 C  CG  . PRO A 1 202 ? 5.740   -8.239  -4.124  1.00 19.69 ? 186 PRO A CG  1 
ATOM   1222 C  CD  . PRO A 1 202 ? 4.763   -8.646  -3.021  1.00 16.85 ? 186 PRO A CD  1 
ATOM   1223 N  N   . ARG A 1 203 ? 2.149   -8.138  -6.940  1.00 21.91 ? 187 ARG A N   1 
ATOM   1224 C  CA  . ARG A 1 203 ? 1.213   -8.850  -7.735  1.00 21.61 ? 187 ARG A CA  1 
ATOM   1225 C  C   . ARG A 1 203 ? 1.591   -10.272 -8.133  1.00 22.07 ? 187 ARG A C   1 
ATOM   1226 O  O   . ARG A 1 203 ? 0.710   -11.029 -8.530  1.00 23.04 ? 187 ARG A O   1 
ATOM   1227 C  CB  . ARG A 1 203 ? 0.897   -8.034  -9.017  1.00 22.02 ? 187 ARG A CB  1 
ATOM   1228 C  CG  . ARG A 1 203 ? 2.033   -7.858  -9.926  1.00 27.08 ? 187 ARG A CG  1 
ATOM   1229 C  CD  . ARG A 1 203 ? 1.497   -7.055  -11.221 1.00 28.96 ? 187 ARG A CD  1 
ATOM   1230 N  NE  . ARG A 1 203 ? 1.079   -5.707  -10.889 1.00 25.72 ? 187 ARG A NE  1 
ATOM   1231 C  CZ  . ARG A 1 203 ? 1.866   -4.666  -10.682 1.00 24.74 ? 187 ARG A CZ  1 
ATOM   1232 N  NH1 . ARG A 1 203 ? 3.207   -4.765  -10.814 1.00 28.35 ? 187 ARG A NH1 1 
ATOM   1233 N  NH2 . ARG A 1 203 ? 1.312   -3.490  -10.365 1.00 27.78 ? 187 ARG A NH2 1 
ATOM   1234 N  N   . THR A 1 204 ? 2.887   -10.635 -8.057  1.00 22.00 ? 188 THR A N   1 
ATOM   1235 C  CA  . THR A 1 204 ? 3.342   -11.945 -8.442  1.00 21.68 ? 188 THR A CA  1 
ATOM   1236 C  C   . THR A 1 204 ? 3.243   -12.973 -7.271  1.00 22.18 ? 188 THR A C   1 
ATOM   1237 O  O   . THR A 1 204 ? 3.348   -14.184 -7.494  1.00 24.61 ? 188 THR A O   1 
ATOM   1238 C  CB  . THR A 1 204 ? 4.846   -11.845 -8.854  1.00 22.98 ? 188 THR A CB  1 
ATOM   1239 O  OG1 . THR A 1 204 ? 5.547   -11.254 -7.778  1.00 28.51 ? 188 THR A OG1 1 
ATOM   1240 C  CG2 . THR A 1 204 ? 4.992   -10.910 -10.057 1.00 28.34 ? 188 THR A CG2 1 
ATOM   1241 N  N   . THR A 1 205 ? 2.996   -12.526 -6.047  1.00 19.27 ? 189 THR A N   1 
ATOM   1242 C  CA  . THR A 1 205 ? 2.939   -13.434 -4.903  1.00 18.20 ? 189 THR A CA  1 
ATOM   1243 C  C   . THR A 1 205 ? 1.737   -14.267 -4.918  1.00 17.07 ? 189 THR A C   1 
ATOM   1244 O  O   . THR A 1 205 ? 0.626   -13.786 -5.185  1.00 18.39 ? 189 THR A O   1 
ATOM   1245 C  CB  . THR A 1 205 ? 2.921   -12.587 -3.589  1.00 18.48 ? 189 THR A CB  1 
ATOM   1246 O  OG1 . THR A 1 205 ? 4.026   -11.680 -3.641  1.00 22.77 ? 189 THR A OG1 1 
ATOM   1247 C  CG2 . THR A 1 205 ? 3.143   -13.457 -2.339  1.00 16.65 ? 189 THR A CG2 1 
ATOM   1248 N  N   . HIS A 1 206 ? 1.880   -15.537 -4.587  1.00 17.25 ? 190 HIS A N   1 
ATOM   1249 C  CA  . HIS A 1 206 ? 0.724   -16.395 -4.437  1.00 19.15 ? 190 HIS A CA  1 
ATOM   1250 C  C   . HIS A 1 206 ? 0.248   -16.335 -2.992  1.00 18.01 ? 190 HIS A C   1 
ATOM   1251 O  O   . HIS A 1 206 ? 1.035   -16.453 -2.075  1.00 19.33 ? 190 HIS A O   1 
ATOM   1252 C  CB  . HIS A 1 206 ? 1.057   -17.842 -4.781  1.00 21.79 ? 190 HIS A CB  1 
ATOM   1253 C  CG  . HIS A 1 206 ? -0.147  -18.730 -4.864  1.00 29.76 ? 190 HIS A CG  1 
ATOM   1254 N  ND1 . HIS A 1 206 ? -1.106  -18.605 -5.862  1.00 36.73 ? 190 HIS A ND1 1 
ATOM   1255 C  CD2 . HIS A 1 206 ? -0.553  -19.756 -4.083  1.00 36.84 ? 190 HIS A CD2 1 
ATOM   1256 C  CE1 . HIS A 1 206 ? -2.062  -19.498 -5.658  1.00 36.38 ? 190 HIS A CE1 1 
ATOM   1257 N  NE2 . HIS A 1 206 ? -1.741  -20.215 -4.597  1.00 35.22 ? 190 HIS A NE2 1 
ATOM   1258 N  N   . VAL A 1 207 ? -1.063  -16.153 -2.819  1.00 17.05 ? 191 VAL A N   1 
ATOM   1259 C  CA  . VAL A 1 207 ? -1.656  -15.995 -1.503  1.00 16.19 ? 191 VAL A CA  1 
ATOM   1260 C  C   . VAL A 1 207 ? -2.781  -17.009 -1.344  1.00 18.36 ? 191 VAL A C   1 
ATOM   1261 O  O   . VAL A 1 207 ? -3.655  -17.122 -2.220  1.00 17.20 ? 191 VAL A O   1 
ATOM   1262 C  CB  . VAL A 1 207 ? -2.271  -14.533 -1.349  1.00 15.67 ? 191 VAL A CB  1 
ATOM   1263 C  CG1 . VAL A 1 207 ? -2.875  -14.336 0.016   1.00 16.89 ? 191 VAL A CG1 1 
ATOM   1264 C  CG2 . VAL A 1 207 ? -1.226  -13.502 -1.626  1.00 16.15 ? 191 VAL A CG2 1 
ATOM   1265 N  N   . GLU A 1 208 ? -2.745  -17.752 -0.242  1.00 16.52 ? 192 GLU A N   1 
ATOM   1266 C  CA  . GLU A 1 208 ? -3.829  -18.715 0.121   1.00 18.55 ? 192 GLU A CA  1 
ATOM   1267 C  C   . GLU A 1 208 ? -4.378  -18.467 1.529   1.00 16.82 ? 192 GLU A C   1 
ATOM   1268 O  O   . GLU A 1 208 ? -3.637  -18.055 2.442   1.00 17.14 ? 192 GLU A O   1 
ATOM   1269 C  CB  . GLU A 1 208 ? -3.239  -20.175 0.124   1.00 17.62 ? 192 GLU A CB  1 
ATOM   1270 C  CG  . GLU A 1 208 ? -2.578  -20.506 -1.213  1.00 23.85 ? 192 GLU A CG  1 
ATOM   1271 C  CD  . GLU A 1 208 ? -2.281  -21.973 -1.403  1.00 30.28 ? 192 GLU A CD  1 
ATOM   1272 O  OE1 . GLU A 1 208 ? -2.155  -22.712 -0.429  1.00 29.12 ? 192 GLU A OE1 1 
ATOM   1273 O  OE2 . GLU A 1 208 ? -2.182  -22.385 -2.568  1.00 38.20 ? 192 GLU A OE2 1 
ATOM   1274 N  N   . VAL A 1 209 ? -5.701  -18.719 1.683   1.00 20.44 ? 193 VAL A N   1 
ATOM   1275 C  CA  . VAL A 1 209 ? -6.321  -18.856 3.013   1.00 21.88 ? 193 VAL A CA  1 
ATOM   1276 C  C   . VAL A 1 209 ? -6.513  -20.367 3.355   1.00 22.86 ? 193 VAL A C   1 
ATOM   1277 O  O   . VAL A 1 209 ? -6.427  -21.172 2.475   1.00 22.72 ? 193 VAL A O   1 
ATOM   1278 C  CB  . VAL A 1 209 ? -7.694  -18.127 3.049   1.00 22.74 ? 193 VAL A CB  1 
ATOM   1279 C  CG1 . VAL A 1 209 ? -7.428  -16.674 3.020   1.00 23.07 ? 193 VAL A CG1 1 
ATOM   1280 C  CG2 . VAL A 1 209 ? -8.510  -18.538 1.882   1.00 25.40 ? 193 VAL A CG2 1 
ATOM   1281 N  N   . CYS A 1 210 ? -6.721  -20.708 4.643   1.00 26.53 ? 194 CYS A N   1 
ATOM   1282 C  CA  . CYS A 1 210 ? -6.986  -22.095 5.158   1.00 30.59 ? 194 CYS A CA  1 
ATOM   1283 C  C   . CYS A 1 210 ? -6.591  -22.460 6.576   1.00 30.35 ? 194 CYS A C   1 
ATOM   1284 O  O   . CYS A 1 210 ? -5.744  -21.732 7.245   1.00 28.95 ? 194 CYS A O   1 
ATOM   1285 C  CB  . CYS A 1 210 ? -6.420  -23.139 4.291   1.00 35.29 ? 194 CYS A CB  1 
ATOM   1286 S  SG  . CYS A 1 210 ? -7.605  -24.142 3.421   1.00 44.18 ? 194 CYS A SG  1 
ATOM   1287 O  OXT . CYS A 1 210 ? -7.082  -23.574 7.025   1.00 29.79 ? 194 CYS A OXT 1 
HETATM 1288 NA NA  . NA  B 2 .   ? -10.890 -7.463  9.175   0.50 26.24 ? 501 NA  A NA  1 
HETATM 1289 C  C   . ACT C 3 .   ? -4.906  2.298   -12.612 1.00 31.17 ? 502 ACT A C   1 
HETATM 1290 O  O   . ACT C 3 .   ? -3.749  2.104   -13.124 1.00 31.40 ? 502 ACT A O   1 
HETATM 1291 O  OXT . ACT C 3 .   ? -5.075  3.223   -11.726 1.00 27.35 ? 502 ACT A OXT 1 
HETATM 1292 C  CH3 . ACT C 3 .   ? -5.978  1.363   -13.003 1.00 29.10 ? 502 ACT A CH3 1 
HETATM 1293 NA NA  . NA  D 2 .   ? 5.004   2.780   -9.866  1.00 35.76 ? 503 NA  A NA  1 
HETATM 1294 NA NA  . NA  E 2 .   ? -13.251 6.885   8.570   1.00 38.31 ? 504 NA  A NA  1 
HETATM 1295 NA NA  . NA  F 2 .   ? 11.041  -7.099  -5.738  0.50 54.73 ? 505 NA  A NA  1 
HETATM 1296 O  O   . HOH G 4 .   ? -15.397 5.726   2.993   1.00 30.49 ? 506 HOH A O   1 
HETATM 1297 O  O   . HOH G 4 .   ? 14.141  1.746   -4.746  0.50 23.82 ? 507 HOH A O   1 
HETATM 1298 O  O   . HOH G 4 .   ? -0.547  -1.008  -14.291 1.00 35.38 ? 508 HOH A O   1 
HETATM 1299 O  O   . HOH G 4 .   ? -9.999  -5.385  7.429   1.00 21.23 ? 509 HOH A O   1 
HETATM 1300 O  O   . HOH G 4 .   ? -8.319  -10.906 7.138   1.00 28.45 ? 510 HOH A O   1 
HETATM 1301 O  O   . HOH G 4 .   ? 4.661   1.602   14.443  1.00 23.12 ? 511 HOH A O   1 
HETATM 1302 O  O   . HOH G 4 .   ? 6.825   -7.537  2.844   1.00 17.14 ? 512 HOH A O   1 
HETATM 1303 O  O   . HOH G 4 .   ? -2.917  2.756   9.703   1.00 22.87 ? 513 HOH A O   1 
HETATM 1304 O  O   . HOH G 4 .   ? -12.606 9.160   -5.507  1.00 28.67 ? 514 HOH A O   1 
HETATM 1305 O  O   . HOH G 4 .   ? 0.575   -3.773  13.371  1.00 24.83 ? 515 HOH A O   1 
HETATM 1306 O  O   . HOH G 4 .   ? -13.576 6.973   -1.095  1.00 20.20 ? 516 HOH A O   1 
HETATM 1307 O  O   . HOH G 4 .   ? -2.644  -15.666 -5.295  1.00 22.90 ? 517 HOH A O   1 
HETATM 1308 O  O   . HOH G 4 .   ? 1.100   22.664  -0.430  1.00 22.14 ? 518 HOH A O   1 
HETATM 1309 O  O   . HOH G 4 .   ? 2.047   6.829   12.369  1.00 15.74 ? 519 HOH A O   1 
HETATM 1310 O  O   . HOH G 4 .   ? -12.029 -8.121  -5.249  1.00 23.20 ? 520 HOH A O   1 
HETATM 1311 O  O   . HOH G 4 .   ? 2.754   -0.922  13.376  1.00 35.29 ? 521 HOH A O   1 
HETATM 1312 O  O   . HOH G 4 .   ? -6.788  14.873  -3.706  1.00 19.62 ? 522 HOH A O   1 
HETATM 1313 O  O   . HOH G 4 .   ? -0.888  -7.744  -4.809  1.00 17.67 ? 523 HOH A O   1 
HETATM 1314 O  O   . HOH G 4 .   ? -2.083  -10.158 -9.968  1.00 45.19 ? 524 HOH A O   1 
HETATM 1315 O  O   . HOH G 4 .   ? -9.031  11.777  -11.784 1.00 22.39 ? 525 HOH A O   1 
HETATM 1316 O  O   . HOH G 4 .   ? -7.091  -19.330 -1.148  1.00 23.03 ? 526 HOH A O   1 
HETATM 1317 O  O   . HOH G 4 .   ? 0.642   -19.437 -1.131  1.00 22.84 ? 527 HOH A O   1 
HETATM 1318 O  O   . HOH G 4 .   ? -1.266  7.152   -13.588 1.00 29.35 ? 528 HOH A O   1 
HETATM 1319 O  O   . HOH G 4 .   ? -10.911 4.281   1.970   1.00 16.99 ? 529 HOH A O   1 
HETATM 1320 O  O   . HOH G 4 .   ? 1.885   -6.963  16.926  1.00 48.15 ? 530 HOH A O   1 
HETATM 1321 O  O   . HOH G 4 .   ? 7.222   21.987  -3.523  1.00 40.33 ? 531 HOH A O   1 
HETATM 1322 O  O   . HOH G 4 .   ? 13.063  4.675   6.930   1.00 32.92 ? 532 HOH A O   1 
HETATM 1323 O  O   . HOH G 4 .   ? -0.764  -2.539  -16.761 1.00 33.40 ? 533 HOH A O   1 
HETATM 1324 O  O   . HOH G 4 .   ? -6.901  8.459   -17.938 1.00 31.50 ? 534 HOH A O   1 
HETATM 1325 O  O   . HOH G 4 .   ? -7.879  0.853   7.629   1.00 18.64 ? 535 HOH A O   1 
HETATM 1326 O  O   . HOH G 4 .   ? -7.188  -17.502 10.243  1.00 34.98 ? 536 HOH A O   1 
HETATM 1327 O  O   . HOH G 4 .   ? 12.993  -2.751  9.527   1.00 24.27 ? 537 HOH A O   1 
HETATM 1328 O  O   . HOH G 4 .   ? -7.301  11.893  -4.497  1.00 24.40 ? 538 HOH A O   1 
HETATM 1329 O  O   . HOH G 4 .   ? -16.342 -2.426  -10.807 1.00 42.39 ? 539 HOH A O   1 
HETATM 1330 O  O   . HOH G 4 .   ? 2.485   2.108   -9.266  1.00 20.26 ? 540 HOH A O   1 
HETATM 1331 O  O   . HOH G 4 .   ? 3.004   -1.439  -10.169 1.00 60.17 ? 541 HOH A O   1 
HETATM 1332 O  O   . HOH G 4 .   ? -17.151 -3.270  -1.948  1.00 32.66 ? 542 HOH A O   1 
HETATM 1333 O  O   . HOH G 4 .   ? -5.601  -18.851 -3.401  1.00 28.08 ? 543 HOH A O   1 
HETATM 1334 O  O   . HOH G 4 .   ? -14.001 6.658   -5.759  1.00 31.80 ? 544 HOH A O   1 
HETATM 1335 O  O   . HOH G 4 .   ? 1.984   -7.209  14.230  1.00 38.19 ? 545 HOH A O   1 
HETATM 1336 O  O   . HOH G 4 .   ? -10.300 19.443  4.621   1.00 40.35 ? 546 HOH A O   1 
HETATM 1337 O  O   . HOH G 4 .   ? 5.686   -11.062 8.776   1.00 24.23 ? 547 HOH A O   1 
HETATM 1338 O  O   . HOH G 4 .   ? 2.010   0.692   -11.476 1.00 37.62 ? 548 HOH A O   1 
HETATM 1339 O  O   . HOH G 4 .   ? 0.341   17.315  7.337   1.00 35.14 ? 549 HOH A O   1 
HETATM 1340 O  O   . HOH G 4 .   ? 10.113  -14.541 -4.557  1.00 50.78 ? 550 HOH A O   1 
HETATM 1341 O  O   . HOH G 4 .   ? -5.119  -9.990  -10.190 1.00 29.90 ? 551 HOH A O   1 
HETATM 1342 O  O   . HOH G 4 .   ? -11.807 13.476  4.747   1.00 52.76 ? 552 HOH A O   1 
HETATM 1343 O  O   . HOH G 4 .   ? 7.149   6.114   15.281  1.00 59.95 ? 553 HOH A O   1 
HETATM 1344 O  O   . HOH G 4 .   ? 5.133   15.783  9.154   1.00 36.16 ? 554 HOH A O   1 
HETATM 1345 O  O   . HOH G 4 .   ? 2.228   9.927   12.619  1.00 31.21 ? 555 HOH A O   1 
HETATM 1346 O  O   . HOH G 4 .   ? -10.178 -5.943  -8.905  1.00 27.65 ? 556 HOH A O   1 
HETATM 1347 O  O   . HOH G 4 .   ? -6.207  5.009   8.134   1.00 23.60 ? 557 HOH A O   1 
HETATM 1348 O  O   . HOH G 4 .   ? 5.979   16.879  6.908   1.00 32.16 ? 558 HOH A O   1 
HETATM 1349 O  O   . HOH G 4 .   ? 16.613  -13.006 4.182   1.00 53.54 ? 559 HOH A O   1 
HETATM 1350 O  O   . HOH G 4 .   ? 16.277  4.672   10.608  1.00 65.21 ? 560 HOH A O   1 
HETATM 1351 O  O   . HOH G 4 .   ? -17.249 -4.115  -8.158  1.00 46.62 ? 561 HOH A O   1 
HETATM 1352 O  O   . HOH G 4 .   ? 6.092   -12.714 -5.088  1.00 34.91 ? 562 HOH A O   1 
HETATM 1353 O  O   . HOH G 4 .   ? 0.490   20.213  7.898   1.00 32.81 ? 563 HOH A O   1 
HETATM 1354 O  O   . HOH G 4 .   ? 6.137   -17.949 8.306   1.00 26.39 ? 564 HOH A O   1 
HETATM 1355 O  O   . HOH G 4 .   ? 2.755   22.944  -2.836  1.00 35.50 ? 565 HOH A O   1 
HETATM 1356 O  O   . HOH G 4 .   ? 20.457  4.607   6.954   1.00 31.49 ? 566 HOH A O   1 
HETATM 1357 O  O   . HOH G 4 .   ? -2.202  -12.611 14.088  1.00 26.61 ? 567 HOH A O   1 
HETATM 1358 O  O   . HOH G 4 .   ? -12.904 -15.317 -3.870  1.00 60.97 ? 568 HOH A O   1 
HETATM 1359 O  O   . HOH G 4 .   ? 10.695  -18.292 -1.475  1.00 38.59 ? 569 HOH A O   1 
HETATM 1360 O  O   . HOH G 4 .   ? 7.797   -5.742  13.466  1.00 43.49 ? 570 HOH A O   1 
HETATM 1361 O  O   . HOH G 4 .   ? 8.836   12.496  -3.238  1.00 28.77 ? 571 HOH A O   1 
HETATM 1362 O  O   . HOH G 4 .   ? -8.925  5.585   8.111   1.00 24.20 ? 572 HOH A O   1 
HETATM 1363 O  O   . HOH G 4 .   ? 0.729   -10.914 10.474  1.00 22.10 ? 573 HOH A O   1 
HETATM 1364 O  O   . HOH G 4 .   ? 16.203  -6.945  -1.664  1.00 49.68 ? 574 HOH A O   1 
HETATM 1365 O  O   . HOH G 4 .   ? 2.718   5.956   14.702  1.00 40.66 ? 575 HOH A O   1 
HETATM 1366 O  O   . HOH G 4 .   ? 9.024   -10.600 -4.536  1.00 32.36 ? 576 HOH A O   1 
HETATM 1367 O  O   . HOH G 4 .   ? -6.923  -18.723 6.528   1.00 28.50 ? 577 HOH A O   1 
HETATM 1368 O  O   . HOH G 4 .   ? -17.179 3.075   -4.567  1.00 33.01 ? 578 HOH A O   1 
HETATM 1369 O  O   . HOH G 4 .   ? 5.691   -15.604 -8.146  1.00 48.37 ? 579 HOH A O   1 
HETATM 1370 O  O   . HOH G 4 .   ? -9.107  -22.194 4.023   1.00 37.81 ? 580 HOH A O   1 
HETATM 1371 O  O   . HOH G 4 .   ? -5.532  15.890  9.149   1.00 38.92 ? 581 HOH A O   1 
HETATM 1372 O  O   . HOH G 4 .   ? 14.583  0.545   9.692   1.00 48.76 ? 582 HOH A O   1 
HETATM 1373 O  O   . HOH G 4 .   ? 19.953  8.830   8.657   1.00 46.89 ? 583 HOH A O   1 
HETATM 1374 O  O   . HOH G 4 .   ? -13.055 4.949   6.784   1.00 22.57 ? 584 HOH A O   1 
HETATM 1375 O  O   . HOH G 4 .   ? 12.716  10.831  -0.472  1.00 35.47 ? 585 HOH A O   1 
HETATM 1376 O  O   . HOH G 4 .   ? -10.392 -20.568 5.402   1.00 33.64 ? 586 HOH A O   1 
HETATM 1377 O  O   . HOH G 4 .   ? -3.196  -8.084  -8.193  1.00 25.28 ? 587 HOH A O   1 
HETATM 1378 O  O   . HOH G 4 .   ? -8.097  -1.091  9.092   1.00 25.63 ? 588 HOH A O   1 
HETATM 1379 O  O   . HOH G 4 .   ? -9.946  8.614   8.177   1.00 40.82 ? 589 HOH A O   1 
HETATM 1380 O  O   . HOH G 4 .   ? 5.868   -13.746 8.810   1.00 25.30 ? 590 HOH A O   1 
HETATM 1381 O  O   . HOH G 4 .   ? 2.898   -21.178 -5.018  1.00 44.33 ? 591 HOH A O   1 
HETATM 1382 O  O   . HOH G 4 .   ? 8.118   -9.954  9.631   1.00 26.98 ? 592 HOH A O   1 
HETATM 1383 O  O   . HOH G 4 .   ? -10.764 -8.755  -7.490  1.00 35.88 ? 593 HOH A O   1 
HETATM 1384 O  O   . HOH G 4 .   ? -12.840 13.060  -1.344  1.00 36.10 ? 594 HOH A O   1 
HETATM 1385 O  O   . HOH G 4 .   ? -12.422 14.373  0.914   1.00 52.11 ? 595 HOH A O   1 
HETATM 1386 O  O   . HOH G 4 .   ? -9.958  -2.409  -14.384 1.00 50.06 ? 596 HOH A O   1 
HETATM 1387 O  O   . HOH G 4 .   ? 5.505   -6.302  -8.657  1.00 39.14 ? 597 HOH A O   1 
HETATM 1388 O  O   . HOH G 4 .   ? 5.467   -18.692 10.704  1.00 62.71 ? 598 HOH A O   1 
HETATM 1389 O  O   . HOH G 4 .   ? -7.926  -4.346  -9.305  1.00 35.97 ? 599 HOH A O   1 
HETATM 1390 O  O   . HOH G 4 .   ? 3.120   6.724   -13.325 1.00 35.00 ? 600 HOH A O   1 
HETATM 1391 O  O   . HOH G 4 .   ? -6.662  25.552  4.007   1.00 63.83 ? 601 HOH A O   1 
HETATM 1392 O  O   . HOH G 4 .   ? 8.122   -19.726 -2.599  1.00 28.80 ? 602 HOH A O   1 
HETATM 1393 O  O   . HOH G 4 .   ? -10.252 12.278  -4.721  1.00 41.23 ? 603 HOH A O   1 
HETATM 1394 O  O   . HOH G 4 .   ? -5.980  2.539   9.406   1.00 41.41 ? 604 HOH A O   1 
HETATM 1395 O  O   . HOH G 4 .   ? 0.406   -12.500 12.690  1.00 34.01 ? 605 HOH A O   1 
HETATM 1396 O  O   . HOH G 4 .   ? -4.903  6.657   10.186  1.00 44.36 ? 606 HOH A O   1 
HETATM 1397 O  O   . HOH G 4 .   ? 9.834   12.264  -16.453 1.00 50.16 ? 607 HOH A O   1 
HETATM 1398 O  O   . HOH G 4 .   ? 1.714   12.849  -14.286 1.00 41.43 ? 608 HOH A O   1 
HETATM 1399 O  O   . HOH G 4 .   ? 5.271   -6.722  -11.420 1.00 43.45 ? 609 HOH A O   1 
HETATM 1400 O  O   . HOH G 4 .   ? -5.283  -22.559 -2.096  1.00 43.91 ? 610 HOH A O   1 
HETATM 1401 O  O   . HOH G 4 .   ? 1.151   0.136   15.129  1.00 35.10 ? 611 HOH A O   1 
HETATM 1402 O  O   . HOH G 4 .   ? -10.313 -4.698  -12.868 1.00 43.93 ? 612 HOH A O   1 
HETATM 1403 O  O   . HOH G 4 .   ? 11.576  13.800  -0.844  1.00 69.03 ? 613 HOH A O   1 
HETATM 1404 O  O   . HOH G 4 .   ? 10.691  14.632  10.598  1.00 43.89 ? 614 HOH A O   1 
HETATM 1405 O  O   . HOH G 4 .   ? 3.567   -9.829  13.017  1.00 36.22 ? 615 HOH A O   1 
HETATM 1406 O  O   . HOH G 4 .   ? -13.614 5.192   1.190   1.00 23.96 ? 616 HOH A O   1 
HETATM 1407 O  O   . HOH G 4 .   ? 3.466   -11.130 10.663  1.00 24.50 ? 617 HOH A O   1 
HETATM 1408 O  O   . HOH G 4 .   ? 9.232   -3.726  12.494  1.00 51.63 ? 618 HOH A O   1 
HETATM 1409 O  O   . HOH G 4 .   ? -15.408 -16.002 -5.368  1.00 58.05 ? 619 HOH A O   1 
HETATM 1410 O  O   . HOH G 4 .   ? -12.796 -9.062  -9.090  1.00 29.75 ? 620 HOH A O   1 
HETATM 1411 O  O   . HOH G 4 .   ? 7.961   -8.962  12.402  1.00 35.47 ? 621 HOH A O   1 
HETATM 1412 O  O   . HOH G 4 .   ? -15.023 14.717  2.417   1.00 56.07 ? 622 HOH A O   1 
HETATM 1413 O  O   . HOH G 4 .   ? -10.811 15.012  -4.884  1.00 25.48 ? 623 HOH A O   1 
HETATM 1414 O  O   . HOH G 4 .   ? -6.429  3.566   12.052  1.00 46.47 ? 624 HOH A O   1 
HETATM 1415 O  O   . HOH G 4 .   ? 14.032  10.954  11.174  1.00 46.31 ? 625 HOH A O   1 
HETATM 1416 O  O   . HOH G 4 .   ? -1.418  -0.995  16.164  1.00 25.52 ? 626 HOH A O   1 
HETATM 1417 O  O   . HOH G 4 .   ? -3.767  4.481   -14.993 1.00 53.55 ? 627 HOH A O   1 
HETATM 1418 O  O   . HOH G 4 .   ? -5.970  -11.830 6.257   1.00 21.74 ? 628 HOH A O   1 
HETATM 1419 O  O   . HOH G 4 .   ? -14.052 -2.642  2.019   1.00 25.46 ? 629 HOH A O   1 
HETATM 1420 O  O   . HOH G 4 .   ? -11.175 10.851  -2.789  1.00 22.36 ? 630 HOH A O   1 
HETATM 1421 O  O   . HOH G 4 .   ? -1.437  3.631   11.729  1.00 19.99 ? 631 HOH A O   1 
HETATM 1422 O  O   . HOH G 4 .   ? -3.880  -7.345  16.026  1.00 22.75 ? 632 HOH A O   1 
HETATM 1423 O  O   . HOH G 4 .   ? -14.751 3.244   -0.456  1.00 22.60 ? 633 HOH A O   1 
HETATM 1424 O  O   . HOH G 4 .   ? -10.180 17.300  -2.486  1.00 48.08 ? 634 HOH A O   1 
HETATM 1425 O  O   . HOH G 4 .   ? 10.274  -15.884 -1.776  1.00 37.87 ? 635 HOH A O   1 
HETATM 1426 O  O   . HOH G 4 .   ? 8.381   -9.632  -6.993  1.00 40.99 ? 636 HOH A O   1 
HETATM 1427 O  O   . HOH G 4 .   ? 1.930   -6.318  -17.125 1.00 52.47 ? 637 HOH A O   1 
HETATM 1428 O  O   . HOH G 4 .   ? -12.491 -8.625  6.178   1.00 31.21 ? 638 HOH A O   1 
HETATM 1429 O  O   . HOH G 4 .   ? 17.136  -3.747  0.543   1.00 30.20 ? 639 HOH A O   1 
HETATM 1430 O  O   . HOH G 4 .   ? -14.430 -8.935  -4.582  1.00 39.08 ? 640 HOH A O   1 
HETATM 1431 O  O   . HOH G 4 .   ? 20.765  -0.084  6.956   1.00 37.13 ? 641 HOH A O   1 
HETATM 1432 O  O   . HOH G 4 .   ? 5.298   0.368   -6.790  1.00 31.94 ? 642 HOH A O   1 
HETATM 1433 O  O   . HOH G 4 .   ? -14.420 0.192   -11.218 1.00 31.59 ? 643 HOH A O   1 
HETATM 1434 O  O   . HOH G 4 .   ? -0.437  -14.827 -7.627  1.00 35.28 ? 644 HOH A O   1 
HETATM 1435 O  O   . HOH G 4 .   ? -1.001  6.385   12.495  1.00 32.41 ? 645 HOH A O   1 
HETATM 1436 O  O   . HOH G 4 .   ? -14.053 6.887   -10.440 1.00 36.76 ? 646 HOH A O   1 
HETATM 1437 O  O   . HOH G 4 .   ? -19.288 1.133   -4.658  1.00 36.60 ? 647 HOH A O   1 
HETATM 1438 O  O   . HOH G 4 .   ? -16.252 10.975  -6.389  1.00 53.96 ? 648 HOH A O   1 
HETATM 1439 O  O   . HOH G 4 .   ? 7.121   -14.805 -6.307  1.00 58.30 ? 649 HOH A O   1 
HETATM 1440 O  O   . HOH G 4 .   ? -16.779 0.501   1.584   1.00 27.91 ? 650 HOH A O   1 
HETATM 1441 O  O   . HOH G 4 .   ? 5.388   -8.702  13.742  1.00 49.31 ? 651 HOH A O   1 
HETATM 1442 O  O   . HOH G 4 .   ? -4.989  -13.848 13.704  1.00 38.33 ? 652 HOH A O   1 
HETATM 1443 O  O   . HOH G 4 .   ? 11.901  2.840   13.853  1.00 44.14 ? 653 HOH A O   1 
HETATM 1444 O  O   . HOH G 4 .   ? 12.300  -6.737  9.331   1.00 45.06 ? 654 HOH A O   1 
HETATM 1445 O  O   . HOH G 4 .   ? -11.402 -2.871  11.283  1.00 30.60 ? 655 HOH A O   1 
HETATM 1446 O  O   . HOH G 4 .   ? -17.023 3.876   -1.384  1.00 32.13 ? 656 HOH A O   1 
HETATM 1447 O  O   . HOH G 4 .   ? 9.680   17.444  -15.612 1.00 68.85 ? 657 HOH A O   1 
HETATM 1448 O  O   . HOH G 4 .   ? -5.813  -5.792  -9.113  1.00 36.51 ? 658 HOH A O   1 
HETATM 1449 O  O   . HOH G 4 .   ? -13.421 -11.326 -9.813  1.00 52.80 ? 659 HOH A O   1 
HETATM 1450 O  O   . HOH G 4 .   ? 4.141   10.463  15.439  1.00 49.32 ? 660 HOH A O   1 
HETATM 1451 O  O   . HOH G 4 .   ? 8.253   -22.638 6.881   1.00 43.09 ? 661 HOH A O   1 
HETATM 1452 O  O   . HOH G 4 .   ? 14.522  -9.401  -5.028  1.00 42.63 ? 662 HOH A O   1 
HETATM 1453 O  O   . HOH G 4 .   ? -7.207  -21.840 -0.404  1.00 53.34 ? 663 HOH A O   1 
HETATM 1454 O  O   . HOH G 4 .   ? 9.098   16.531  -8.982  1.00 66.78 ? 664 HOH A O   1 
HETATM 1455 O  O   . HOH G 4 .   ? -1.630  16.403  9.845   1.00 60.44 ? 665 HOH A O   1 
HETATM 1456 O  O   . HOH G 4 .   ? 10.105  -20.158 5.267   1.00 63.94 ? 666 HOH A O   1 
HETATM 1457 O  O   . HOH G 4 .   ? 8.972   14.159  -5.497  1.00 64.07 ? 667 HOH A O   1 
HETATM 1458 O  O   . HOH G 4 .   ? 6.816   2.067   -8.109  1.00 24.61 ? 668 HOH A O   1 
HETATM 1459 O  O   . HOH G 4 .   ? -15.510 9.036   -12.490 1.00 34.30 ? 669 HOH A O   1 
HETATM 1460 O  O   . HOH G 4 .   ? -18.262 -0.686  -0.367  1.00 32.92 ? 670 HOH A O   1 
HETATM 1461 O  O   . HOH G 4 .   ? 9.499   -14.047 -7.214  0.50 44.13 ? 671 HOH A O   1 
HETATM 1462 O  O   . HOH G 4 .   ? 6.795   -20.811 7.715   1.00 44.49 ? 672 HOH A O   1 
HETATM 1463 O  O   . HOH G 4 .   ? -18.873 -2.692  1.679   1.00 44.63 ? 673 HOH A O   1 
HETATM 1464 O  O   . HOH G 4 .   ? -1.996  3.155   -13.239 1.00 42.88 ? 674 HOH A O   1 
HETATM 1465 O  O   . HOH G 4 .   ? -7.457  -10.488 16.585  1.00 18.29 ? 675 HOH A O   1 
HETATM 1466 O  O   . HOH G 4 .   ? -6.064  -12.567 17.695  1.00 38.23 ? 676 HOH A O   1 
HETATM 1467 O  O   . HOH G 4 .   ? -1.049  -3.428  15.493  1.00 30.25 ? 677 HOH A O   1 
HETATM 1468 O  O   . HOH G 4 .   ? 17.617  -3.543  3.910   1.00 53.96 ? 678 HOH A O   1 
HETATM 1469 O  O   . HOH G 4 .   ? 11.505  -14.182 -0.940  1.00 40.96 ? 679 HOH A O   1 
HETATM 1470 O  O   . HOH G 4 .   ? 14.551  9.191   12.591  1.00 58.96 ? 680 HOH A O   1 
HETATM 1471 O  O   . HOH G 4 .   ? 1.678   -15.727 11.471  1.00 56.40 ? 681 HOH A O   1 
HETATM 1472 O  O   . HOH G 4 .   ? 18.722  -1.019  5.321   1.00 46.72 ? 682 HOH A O   1 
HETATM 1473 O  O   . HOH G 4 .   ? -13.956 12.178  -5.942  1.00 45.17 ? 683 HOH A O   1 
HETATM 1474 O  O   . HOH G 4 .   ? -9.092  1.758   -14.493 1.00 60.65 ? 684 HOH A O   1 
HETATM 1475 O  O   . HOH G 4 .   ? -13.530 2.294   -13.929 1.00 40.29 ? 685 HOH A O   1 
HETATM 1476 O  O   . HOH G 4 .   ? -0.456  -21.587 -0.425  1.00 34.90 ? 686 HOH A O   1 
HETATM 1477 O  O   . HOH G 4 .   ? -5.080  -17.885 -7.887  1.00 58.80 ? 687 HOH A O   1 
HETATM 1478 O  O   . HOH G 4 .   ? -21.198 -1.025  -8.987  1.00 55.87 ? 688 HOH A O   1 
HETATM 1479 O  O   . HOH G 4 .   ? 12.825  -13.227 3.659   1.00 55.40 ? 689 HOH A O   1 
# 
